data_8XRD
#
_entry.id   8XRD
#
_cell.length_a   1.00
_cell.length_b   1.00
_cell.length_c   1.00
_cell.angle_alpha   90.00
_cell.angle_beta   90.00
_cell.angle_gamma   90.00
#
_symmetry.space_group_name_H-M   'P 1'
#
loop_
_entity.id
_entity.type
_entity.pdbx_description
1 polymer Hemagglutinin
2 branched 2-acetamido-2-deoxy-beta-D-glucopyranose-(1-4)-2-acetamido-2-deoxy-beta-D-glucopyranose
3 branched 'N-acetyl-alpha-neuraminic acid-(2-6)-beta-D-galactopyranose'
4 non-polymer 2-acetamido-2-deoxy-beta-D-glucopyranose
5 non-polymer 'N-acetyl-alpha-neuraminic acid'
#
_entity_poly.entity_id   1
_entity_poly.type   'polypeptide(L)'
_entity_poly.pdbx_seq_one_letter_code
;DQICIGYHSNNSTEKVDTILERNVTVTHAQDLLEKTHNGKLCKLNGIPPLELGDCSIAGWLLGNPECDRLLTVPEWSYIM
EKENPRNGLCYPGSFNDYEELKHLLSSVTHFEKVKILPKDRWTQHTTTGGSRACAVSGSPSFFRNMVWLTKKGSNYPVAK
GSYNNTSGEQMLVIWGVHHPNDEAEQRTLYQNVGTYVSVGTSTVNKRSIPEIATRPKVNGQGGRMEFSWTILDMLDTINF
ESTGNLIAPEYGFKISKRGSSGIMKTEGTLENCETKCQTPLGAINTTLPFHNIHPLTIGECPKYVKSEKLVLATGLRNVP
QIESRGLFGAIAGFIEGGWQGMVDGWYGYHHSNDQGSGYAADKESTQKAIDGITNKVNSVIEKMNTQFEAVGKEFSNLEK
RLENLNKKMEDGFLDVWTYNAELLVLMENERTLDFHDSNVKNLYDKVRMQLRDNAKELGNGCFEFYHKCDDECMNSVKNG
TYDYPKYEEESKLNRNE
;
_entity_poly.pdbx_strand_id   A,B,C
#
# COMPACT_ATOMS: atom_id res chain seq x y z
N ASP A 1 38.95 34.27 -42.23
CA ASP A 1 39.29 32.93 -41.76
C ASP A 1 38.99 32.79 -40.27
N GLN A 2 37.75 32.44 -39.93
CA GLN A 2 37.35 32.33 -38.54
C GLN A 2 36.17 31.40 -38.43
N ILE A 3 36.22 30.51 -37.44
CA ILE A 3 35.11 29.62 -37.10
C ILE A 3 34.85 29.70 -35.60
N CYS A 4 33.60 29.45 -35.21
CA CYS A 4 33.21 29.52 -33.82
C CYS A 4 32.08 28.53 -33.55
N ILE A 5 31.84 28.29 -32.27
CA ILE A 5 30.88 27.29 -31.81
C ILE A 5 29.81 27.97 -30.96
N GLY A 6 28.58 27.52 -31.11
CA GLY A 6 27.48 28.04 -30.33
C GLY A 6 26.30 27.10 -30.33
N TYR A 7 25.13 27.65 -30.06
CA TYR A 7 23.91 26.85 -30.06
C TYR A 7 22.73 27.72 -30.46
N HIS A 8 21.68 27.06 -30.94
CA HIS A 8 20.50 27.78 -31.41
C HIS A 8 19.66 28.27 -30.23
N SER A 9 19.16 29.49 -30.35
CA SER A 9 18.27 30.07 -29.35
C SER A 9 17.12 30.77 -30.05
N ASN A 10 15.99 30.86 -29.36
CA ASN A 10 14.79 31.46 -29.94
C ASN A 10 14.15 32.36 -28.88
N ASN A 11 12.95 32.84 -29.18
CA ASN A 11 12.23 33.79 -28.34
C ASN A 11 11.14 33.11 -27.50
N SER A 12 11.34 31.85 -27.12
CA SER A 12 10.36 31.17 -26.30
C SER A 12 10.36 31.74 -24.88
N THR A 13 9.32 31.40 -24.12
CA THR A 13 9.16 31.94 -22.77
C THR A 13 8.71 30.93 -21.74
N GLU A 14 8.46 29.68 -22.10
CA GLU A 14 8.01 28.70 -21.12
C GLU A 14 9.12 28.42 -20.11
N LYS A 15 8.72 28.03 -18.91
CA LYS A 15 9.64 27.82 -17.81
C LYS A 15 9.46 26.42 -17.23
N VAL A 16 10.54 25.89 -16.65
CA VAL A 16 10.53 24.57 -16.02
C VAL A 16 11.29 24.65 -14.72
N ASP A 17 11.09 23.64 -13.88
CA ASP A 17 11.70 23.58 -12.56
C ASP A 17 12.55 22.33 -12.44
N THR A 18 13.65 22.43 -11.72
CA THR A 18 14.57 21.32 -11.53
C THR A 18 14.89 21.17 -10.05
N ILE A 19 15.67 20.14 -9.74
CA ILE A 19 15.97 19.82 -8.35
C ILE A 19 16.82 20.89 -7.68
N LEU A 20 17.56 21.69 -8.45
CA LEU A 20 18.44 22.69 -7.88
C LEU A 20 17.96 24.11 -8.10
N GLU A 21 17.13 24.36 -9.10
CA GLU A 21 16.69 25.71 -9.41
C GLU A 21 15.20 25.68 -9.73
N ARG A 22 14.58 26.85 -9.64
CA ARG A 22 13.14 27.00 -9.85
C ARG A 22 12.87 28.01 -10.95
N ASN A 23 11.72 27.84 -11.61
CA ASN A 23 11.20 28.74 -12.65
C ASN A 23 12.24 29.10 -13.70
N VAL A 24 13.21 28.21 -13.93
CA VAL A 24 14.22 28.47 -14.95
C VAL A 24 13.59 28.40 -16.33
N THR A 25 14.21 29.07 -17.29
CA THR A 25 13.68 29.18 -18.65
C THR A 25 14.34 28.17 -19.57
N VAL A 26 13.57 27.69 -20.55
CA VAL A 26 14.02 26.65 -21.47
C VAL A 26 13.59 27.04 -22.89
N THR A 27 14.16 26.33 -23.87
CA THR A 27 13.83 26.59 -25.26
C THR A 27 12.53 25.92 -25.67
N HIS A 28 12.41 24.61 -25.44
CA HIS A 28 11.23 23.86 -25.82
C HIS A 28 10.82 22.95 -24.68
N ALA A 29 9.53 22.92 -24.39
CA ALA A 29 8.99 22.08 -23.33
C ALA A 29 7.69 21.44 -23.79
N GLN A 30 7.37 20.30 -23.19
CA GLN A 30 6.15 19.57 -23.50
C GLN A 30 5.38 19.35 -22.22
N ASP A 31 4.09 19.66 -22.24
CA ASP A 31 3.25 19.43 -21.07
C ASP A 31 2.90 17.95 -20.96
N LEU A 32 2.46 17.57 -19.76
CA LEU A 32 2.04 16.20 -19.51
C LEU A 32 0.77 16.07 -18.70
N LEU A 33 0.17 17.18 -18.27
CA LEU A 33 -0.98 17.15 -17.36
C LEU A 33 -2.18 17.80 -18.02
N GLU A 34 -3.34 17.18 -17.86
CA GLU A 34 -4.60 17.69 -18.38
C GLU A 34 -5.50 18.07 -17.22
N LYS A 35 -6.02 19.30 -17.23
CA LYS A 35 -6.80 19.78 -16.10
C LYS A 35 -8.03 20.57 -16.53
N THR A 36 -8.65 20.20 -17.65
CA THR A 36 -9.85 20.86 -18.12
C THR A 36 -10.90 19.82 -18.48
N HIS A 37 -12.17 20.20 -18.32
CA HIS A 37 -13.27 19.30 -18.65
C HIS A 37 -14.49 20.13 -19.01
N ASN A 38 -15.42 19.50 -19.74
CA ASN A 38 -16.63 20.19 -20.19
C ASN A 38 -17.72 20.21 -19.13
N GLY A 39 -17.56 19.46 -18.04
CA GLY A 39 -18.53 19.53 -16.95
C GLY A 39 -19.93 19.08 -17.32
N LYS A 40 -20.04 17.99 -18.07
CA LYS A 40 -21.35 17.46 -18.43
C LYS A 40 -21.31 15.93 -18.34
N LEU A 41 -22.50 15.35 -18.15
CA LEU A 41 -22.66 13.91 -18.20
C LEU A 41 -23.20 13.54 -19.57
N CYS A 42 -22.47 12.69 -20.30
CA CYS A 42 -22.81 12.38 -21.67
C CYS A 42 -22.64 10.90 -21.92
N LYS A 43 -23.06 10.46 -23.11
CA LYS A 43 -23.07 9.04 -23.43
C LYS A 43 -21.66 8.49 -23.52
N LEU A 44 -21.51 7.21 -23.22
CA LEU A 44 -20.24 6.51 -23.29
C LEU A 44 -20.33 5.46 -24.41
N ASN A 45 -19.58 5.70 -25.49
CA ASN A 45 -19.55 4.80 -26.65
C ASN A 45 -20.93 4.61 -27.27
N GLY A 46 -21.79 5.62 -27.13
CA GLY A 46 -23.10 5.54 -27.75
C GLY A 46 -24.15 4.79 -26.96
N ILE A 47 -23.85 4.36 -25.75
CA ILE A 47 -24.80 3.68 -24.90
C ILE A 47 -25.15 4.61 -23.74
N PRO A 48 -26.34 5.21 -23.73
CA PRO A 48 -26.67 6.14 -22.66
C PRO A 48 -26.73 5.44 -21.33
N PRO A 49 -26.41 6.12 -20.24
CA PRO A 49 -26.42 5.49 -18.92
C PRO A 49 -27.85 5.36 -18.41
N LEU A 50 -27.98 4.82 -17.21
CA LEU A 50 -29.26 4.67 -16.56
C LEU A 50 -29.43 5.78 -15.53
N GLU A 51 -30.44 6.61 -15.72
CA GLU A 51 -30.68 7.77 -14.86
C GLU A 51 -31.75 7.41 -13.85
N LEU A 52 -31.34 7.15 -12.61
CA LEU A 52 -32.28 6.74 -11.58
C LEU A 52 -33.20 7.86 -11.15
N GLY A 53 -32.84 9.11 -11.41
CA GLY A 53 -33.67 10.21 -10.98
C GLY A 53 -33.68 10.31 -9.46
N ASP A 54 -34.87 10.45 -8.88
CA ASP A 54 -34.99 10.59 -7.44
C ASP A 54 -35.04 9.26 -6.71
N CYS A 55 -35.20 8.15 -7.42
CA CYS A 55 -35.37 6.87 -6.77
C CYS A 55 -34.04 6.35 -6.25
N SER A 56 -34.09 5.17 -5.65
CA SER A 56 -32.90 4.48 -5.18
C SER A 56 -32.89 3.07 -5.75
N ILE A 57 -31.79 2.36 -5.53
CA ILE A 57 -31.65 1.03 -6.09
C ILE A 57 -32.72 0.11 -5.53
N ALA A 58 -32.93 0.16 -4.22
CA ALA A 58 -33.97 -0.67 -3.62
C ALA A 58 -35.34 -0.31 -4.17
N GLY A 59 -35.62 0.99 -4.32
CA GLY A 59 -36.90 1.40 -4.87
C GLY A 59 -37.09 0.92 -6.29
N TRP A 60 -36.03 0.97 -7.10
CA TRP A 60 -36.13 0.49 -8.47
C TRP A 60 -36.38 -1.00 -8.52
N LEU A 61 -35.67 -1.78 -7.71
CA LEU A 61 -35.82 -3.23 -7.76
C LEU A 61 -37.18 -3.67 -7.25
N LEU A 62 -37.58 -3.16 -6.08
CA LEU A 62 -38.85 -3.56 -5.51
C LEU A 62 -40.03 -3.03 -6.31
N GLY A 63 -39.84 -1.98 -7.09
CA GLY A 63 -40.93 -1.44 -7.87
C GLY A 63 -41.75 -0.42 -7.11
N ASN A 64 -41.10 0.63 -6.63
CA ASN A 64 -41.81 1.68 -5.93
C ASN A 64 -42.80 2.36 -6.88
N PRO A 65 -43.98 2.76 -6.40
CA PRO A 65 -44.95 3.40 -7.29
C PRO A 65 -44.45 4.66 -7.95
N GLU A 66 -43.59 5.43 -7.26
CA GLU A 66 -43.09 6.67 -7.86
C GLU A 66 -42.25 6.38 -9.09
N CYS A 67 -41.41 5.35 -9.03
CA CYS A 67 -40.50 5.02 -10.13
C CYS A 67 -41.23 4.20 -11.20
N ASP A 68 -42.24 4.81 -11.79
CA ASP A 68 -43.04 4.11 -12.79
C ASP A 68 -42.38 4.08 -14.17
N ARG A 69 -41.37 4.90 -14.39
CA ARG A 69 -40.68 4.92 -15.67
C ARG A 69 -39.56 3.89 -15.77
N LEU A 70 -39.30 3.15 -14.69
CA LEU A 70 -38.23 2.16 -14.68
C LEU A 70 -38.76 0.74 -14.73
N LEU A 71 -39.98 0.54 -15.23
CA LEU A 71 -40.51 -0.81 -15.32
C LEU A 71 -39.86 -1.61 -16.44
N THR A 72 -39.18 -0.96 -17.37
CA THR A 72 -38.48 -1.65 -18.45
C THR A 72 -37.33 -0.77 -18.91
N VAL A 73 -36.10 -1.26 -18.79
CA VAL A 73 -34.91 -0.47 -19.01
C VAL A 73 -34.09 -1.13 -20.12
N PRO A 74 -33.64 -0.38 -21.11
CA PRO A 74 -32.71 -0.94 -22.09
C PRO A 74 -31.31 -1.08 -21.53
N GLU A 75 -30.35 -1.46 -22.37
CA GLU A 75 -28.98 -1.61 -21.92
C GLU A 75 -28.41 -0.27 -21.48
N TRP A 76 -27.48 -0.32 -20.52
CA TRP A 76 -26.87 0.89 -19.99
C TRP A 76 -25.37 0.69 -19.90
N SER A 77 -24.67 1.75 -19.50
CA SER A 77 -23.22 1.72 -19.33
C SER A 77 -22.77 2.04 -17.92
N TYR A 78 -23.47 2.90 -17.20
CA TYR A 78 -23.20 3.15 -15.80
C TYR A 78 -24.46 3.72 -15.18
N ILE A 79 -24.51 3.68 -13.86
CA ILE A 79 -25.71 4.04 -13.10
C ILE A 79 -25.50 5.38 -12.44
N MET A 80 -26.43 6.30 -12.66
CA MET A 80 -26.39 7.63 -12.06
C MET A 80 -27.40 7.68 -10.94
N GLU A 81 -26.93 7.93 -9.72
CA GLU A 81 -27.82 7.98 -8.57
C GLU A 81 -27.46 9.16 -7.68
N LYS A 82 -28.46 9.69 -6.99
CA LYS A 82 -28.25 10.83 -6.13
C LYS A 82 -27.63 10.38 -4.80
N GLU A 83 -27.17 11.36 -4.03
CA GLU A 83 -26.53 11.05 -2.75
C GLU A 83 -27.55 10.58 -1.72
N ASN A 84 -28.67 11.28 -1.62
CA ASN A 84 -29.74 10.97 -0.65
C ASN A 84 -31.06 10.91 -1.39
N PRO A 85 -31.37 9.78 -2.01
CA PRO A 85 -32.62 9.68 -2.76
C PRO A 85 -33.82 9.80 -1.84
N ARG A 86 -34.92 10.31 -2.39
CA ARG A 86 -36.13 10.51 -1.61
C ARG A 86 -37.01 9.26 -1.60
N ASN A 87 -37.43 8.80 -2.77
CA ASN A 87 -38.35 7.67 -2.87
C ASN A 87 -37.56 6.37 -2.77
N GLY A 88 -37.31 5.95 -1.54
CA GLY A 88 -36.66 4.68 -1.31
C GLY A 88 -37.68 3.60 -0.98
N LEU A 89 -37.74 3.21 0.29
CA LEU A 89 -38.73 2.26 0.75
C LEU A 89 -39.94 3.03 1.25
N CYS A 90 -41.05 2.94 0.52
CA CYS A 90 -42.26 3.65 0.94
C CYS A 90 -42.76 3.12 2.28
N TYR A 91 -42.93 1.82 2.38
CA TYR A 91 -43.23 1.21 3.67
C TYR A 91 -41.93 1.04 4.45
N PRO A 92 -41.86 1.53 5.69
CA PRO A 92 -40.58 1.51 6.41
C PRO A 92 -40.08 0.09 6.60
N GLY A 93 -38.76 -0.05 6.61
CA GLY A 93 -38.17 -1.37 6.76
C GLY A 93 -36.67 -1.32 6.56
N SER A 94 -36.10 -2.47 6.20
CA SER A 94 -34.67 -2.61 6.02
C SER A 94 -34.39 -3.52 4.83
N PHE A 95 -33.12 -3.83 4.62
CA PHE A 95 -32.70 -4.63 3.48
C PHE A 95 -31.38 -5.29 3.83
N ASN A 96 -31.38 -6.62 3.96
CA ASN A 96 -30.19 -7.33 4.37
C ASN A 96 -29.14 -7.33 3.27
N ASP A 97 -27.90 -7.04 3.66
CA ASP A 97 -26.77 -7.05 2.73
C ASP A 97 -27.01 -6.16 1.52
N TYR A 98 -27.42 -4.92 1.79
CA TYR A 98 -27.62 -3.97 0.72
C TYR A 98 -26.34 -3.73 -0.06
N GLU A 99 -25.23 -3.55 0.66
CA GLU A 99 -24.01 -3.13 0.00
C GLU A 99 -23.39 -4.25 -0.82
N GLU A 100 -23.55 -5.49 -0.36
CA GLU A 100 -23.13 -6.62 -1.18
C GLU A 100 -23.89 -6.66 -2.49
N LEU A 101 -25.20 -6.42 -2.45
CA LEU A 101 -25.97 -6.39 -3.66
C LEU A 101 -25.52 -5.26 -4.58
N LYS A 102 -25.21 -4.10 -4.01
CA LYS A 102 -24.72 -3.00 -4.83
C LYS A 102 -23.39 -3.36 -5.49
N HIS A 103 -22.49 -3.98 -4.74
CA HIS A 103 -21.20 -4.37 -5.30
C HIS A 103 -21.37 -5.37 -6.44
N LEU A 104 -22.28 -6.33 -6.26
CA LEU A 104 -22.55 -7.27 -7.35
C LEU A 104 -23.14 -6.57 -8.55
N LEU A 105 -24.07 -5.64 -8.32
CA LEU A 105 -24.72 -4.92 -9.40
C LEU A 105 -23.75 -4.04 -10.16
N SER A 106 -22.65 -3.64 -9.52
CA SER A 106 -21.71 -2.75 -10.18
C SER A 106 -21.13 -3.33 -11.46
N SER A 107 -21.16 -4.65 -11.63
CA SER A 107 -20.57 -5.30 -12.79
C SER A 107 -21.62 -6.03 -13.62
N VAL A 108 -22.81 -5.45 -13.72
CA VAL A 108 -23.89 -5.99 -14.54
C VAL A 108 -24.37 -4.90 -15.46
N THR A 109 -24.59 -5.24 -16.72
CA THR A 109 -24.92 -4.25 -17.74
C THR A 109 -26.38 -4.27 -18.16
N HIS A 110 -27.01 -5.43 -18.23
CA HIS A 110 -28.40 -5.52 -18.67
C HIS A 110 -29.18 -6.44 -17.76
N PHE A 111 -30.50 -6.23 -17.71
CA PHE A 111 -31.40 -7.04 -16.91
C PHE A 111 -32.57 -7.49 -17.77
N GLU A 112 -33.35 -8.42 -17.24
CA GLU A 112 -34.49 -8.96 -17.97
C GLU A 112 -35.49 -9.50 -16.97
N LYS A 113 -36.67 -8.89 -16.90
CA LYS A 113 -37.68 -9.29 -15.94
C LYS A 113 -38.43 -10.52 -16.44
N VAL A 114 -38.52 -11.54 -15.58
CA VAL A 114 -39.20 -12.79 -15.91
C VAL A 114 -40.25 -13.06 -14.86
N LYS A 115 -41.46 -13.40 -15.32
CA LYS A 115 -42.56 -13.70 -14.41
C LYS A 115 -42.43 -15.14 -13.93
N ILE A 116 -42.12 -15.31 -12.64
CA ILE A 116 -41.84 -16.62 -12.10
C ILE A 116 -42.98 -17.16 -11.24
N LEU A 117 -43.87 -16.32 -10.73
CA LEU A 117 -44.99 -16.76 -9.90
C LEU A 117 -46.16 -15.86 -10.19
N PRO A 118 -47.03 -16.25 -11.11
CA PRO A 118 -48.16 -15.40 -11.49
C PRO A 118 -49.05 -15.11 -10.29
N LYS A 119 -49.60 -13.90 -10.26
CA LYS A 119 -50.34 -13.44 -9.10
C LYS A 119 -51.58 -14.30 -8.86
N ASP A 120 -52.28 -14.67 -9.93
CA ASP A 120 -53.55 -15.38 -9.78
C ASP A 120 -53.37 -16.81 -9.30
N ARG A 121 -52.15 -17.32 -9.25
CA ARG A 121 -51.95 -18.70 -8.80
C ARG A 121 -52.32 -18.90 -7.34
N TRP A 122 -52.33 -17.84 -6.54
CA TRP A 122 -52.74 -17.95 -5.13
C TRP A 122 -54.25 -17.84 -5.08
N THR A 123 -54.93 -18.98 -5.15
CA THR A 123 -56.39 -19.02 -5.13
C THR A 123 -56.96 -19.25 -3.75
N GLN A 124 -56.11 -19.37 -2.72
CA GLN A 124 -56.58 -19.64 -1.37
C GLN A 124 -56.19 -18.52 -0.41
N HIS A 125 -55.87 -17.34 -0.92
CA HIS A 125 -55.49 -16.21 -0.08
C HIS A 125 -56.03 -14.94 -0.72
N THR A 126 -55.70 -13.81 -0.10
CA THR A 126 -56.08 -12.50 -0.61
C THR A 126 -54.81 -11.77 -1.05
N THR A 127 -54.85 -11.19 -2.24
CA THR A 127 -53.65 -10.61 -2.86
C THR A 127 -53.84 -9.15 -3.23
N THR A 128 -54.84 -8.47 -2.66
CA THR A 128 -55.12 -7.08 -2.99
C THR A 128 -54.77 -6.13 -1.85
N GLY A 129 -53.90 -6.56 -0.94
CA GLY A 129 -53.53 -5.71 0.18
C GLY A 129 -52.74 -4.49 -0.26
N GLY A 130 -52.80 -3.45 0.56
CA GLY A 130 -52.07 -2.23 0.29
C GLY A 130 -52.15 -1.30 1.47
N SER A 131 -51.17 -0.40 1.54
CA SER A 131 -51.06 0.53 2.65
C SER A 131 -51.15 1.96 2.14
N ARG A 132 -51.35 2.88 3.08
CA ARG A 132 -51.40 4.30 2.74
C ARG A 132 -50.02 4.91 2.51
N ALA A 133 -48.97 4.28 3.04
CA ALA A 133 -47.63 4.82 2.84
C ALA A 133 -47.25 4.81 1.36
N CYS A 134 -47.53 3.70 0.68
CA CYS A 134 -47.32 3.61 -0.77
C CYS A 134 -48.66 3.79 -1.49
N ALA A 135 -49.13 5.03 -1.51
CA ALA A 135 -50.43 5.37 -2.05
C ALA A 135 -50.28 6.25 -3.28
N VAL A 136 -51.11 6.01 -4.28
CA VAL A 136 -51.19 6.84 -5.47
C VAL A 136 -52.62 7.35 -5.60
N SER A 137 -52.76 8.66 -5.86
CA SER A 137 -54.06 9.29 -6.02
C SER A 137 -54.97 9.01 -4.83
N GLY A 138 -54.39 9.05 -3.63
CA GLY A 138 -55.16 8.86 -2.42
C GLY A 138 -55.41 7.41 -2.05
N SER A 139 -55.79 6.59 -3.02
CA SER A 139 -56.08 5.19 -2.74
C SER A 139 -54.80 4.44 -2.38
N PRO A 140 -54.89 3.47 -1.49
CA PRO A 140 -53.70 2.70 -1.11
C PRO A 140 -53.23 1.81 -2.25
N SER A 141 -51.94 1.50 -2.22
CA SER A 141 -51.33 0.64 -3.23
C SER A 141 -50.17 -0.10 -2.57
N PHE A 142 -49.30 -0.69 -3.38
CA PHE A 142 -48.17 -1.45 -2.87
C PHE A 142 -47.06 -1.43 -3.93
N PHE A 143 -45.99 -2.18 -3.66
CA PHE A 143 -44.95 -2.31 -4.65
C PHE A 143 -45.48 -3.00 -5.90
N ARG A 144 -44.83 -2.78 -7.02
CA ARG A 144 -45.28 -3.33 -8.29
C ARG A 144 -44.67 -4.69 -8.59
N ASN A 145 -43.80 -5.20 -7.73
CA ASN A 145 -43.12 -6.46 -7.99
C ASN A 145 -43.37 -7.54 -6.94
N MET A 146 -44.03 -7.22 -5.84
CA MET A 146 -44.26 -8.18 -4.78
C MET A 146 -45.76 -8.30 -4.52
N VAL A 147 -46.13 -9.36 -3.80
CA VAL A 147 -47.52 -9.63 -3.47
C VAL A 147 -47.65 -9.79 -1.97
N TRP A 148 -48.68 -9.17 -1.41
CA TRP A 148 -48.97 -9.27 0.02
C TRP A 148 -50.08 -10.29 0.23
N LEU A 149 -49.77 -11.34 0.98
CA LEU A 149 -50.70 -12.43 1.20
C LEU A 149 -51.41 -12.23 2.54
N THR A 150 -52.73 -12.14 2.50
CA THR A 150 -53.53 -11.97 3.69
C THR A 150 -54.64 -13.01 3.70
N LYS A 151 -55.12 -13.32 4.91
CA LYS A 151 -56.14 -14.34 5.06
C LYS A 151 -57.39 -14.00 4.26
N LYS A 152 -57.96 -15.01 3.63
CA LYS A 152 -59.21 -14.88 2.90
C LYS A 152 -60.30 -15.57 3.70
N GLY A 153 -61.42 -14.88 3.89
CA GLY A 153 -62.46 -15.42 4.73
C GLY A 153 -62.05 -15.36 6.19
N SER A 154 -61.76 -16.52 6.79
CA SER A 154 -61.36 -16.54 8.19
C SER A 154 -60.23 -17.54 8.46
N ASN A 155 -59.50 -17.95 7.42
CA ASN A 155 -58.46 -18.95 7.59
C ASN A 155 -57.27 -18.60 6.70
N TYR A 156 -56.12 -19.16 7.06
CA TYR A 156 -54.87 -18.94 6.33
C TYR A 156 -54.23 -20.29 6.04
N PRO A 157 -54.62 -20.92 4.93
CA PRO A 157 -54.01 -22.20 4.58
C PRO A 157 -52.52 -22.02 4.27
N VAL A 158 -51.76 -23.09 4.50
CA VAL A 158 -50.32 -23.03 4.28
C VAL A 158 -50.04 -22.71 2.82
N ALA A 159 -49.08 -21.81 2.60
CA ALA A 159 -48.73 -21.34 1.28
C ALA A 159 -47.45 -21.99 0.81
N LYS A 160 -47.50 -22.61 -0.37
CA LYS A 160 -46.34 -23.28 -0.95
C LYS A 160 -46.14 -22.79 -2.38
N GLY A 161 -44.88 -22.55 -2.73
CA GLY A 161 -44.54 -22.15 -4.09
C GLY A 161 -43.12 -22.55 -4.40
N SER A 162 -42.87 -22.86 -5.67
CA SER A 162 -41.55 -23.32 -6.08
C SER A 162 -41.33 -22.93 -7.54
N TYR A 163 -40.06 -22.89 -7.92
CA TYR A 163 -39.69 -22.51 -9.28
C TYR A 163 -38.42 -23.25 -9.68
N ASN A 164 -38.36 -23.65 -10.94
CA ASN A 164 -37.19 -24.32 -11.51
C ASN A 164 -36.58 -23.41 -12.55
N ASN A 165 -35.31 -23.06 -12.36
CA ASN A 165 -34.66 -22.04 -13.19
C ASN A 165 -34.21 -22.64 -14.50
N THR A 166 -35.04 -22.53 -15.52
CA THR A 166 -34.71 -23.00 -16.86
C THR A 166 -34.54 -21.86 -17.85
N SER A 167 -34.33 -20.64 -17.36
CA SER A 167 -34.23 -19.50 -18.25
C SER A 167 -33.00 -19.59 -19.14
N GLY A 168 -31.84 -19.82 -18.54
CA GLY A 168 -30.62 -19.92 -19.30
C GLY A 168 -29.45 -19.19 -18.67
N GLU A 169 -29.72 -18.39 -17.65
CA GLU A 169 -28.67 -17.65 -16.96
C GLU A 169 -29.03 -17.57 -15.48
N GLN A 170 -28.11 -17.02 -14.71
CA GLN A 170 -28.35 -16.84 -13.29
C GLN A 170 -29.48 -15.84 -13.05
N MET A 171 -30.24 -16.07 -12.00
CA MET A 171 -31.39 -15.25 -11.67
C MET A 171 -31.27 -14.72 -10.26
N LEU A 172 -31.84 -13.54 -10.03
CA LEU A 172 -31.83 -12.88 -8.73
C LEU A 172 -33.26 -12.80 -8.20
N VAL A 173 -33.47 -13.27 -6.97
CA VAL A 173 -34.80 -13.36 -6.38
C VAL A 173 -34.79 -12.63 -5.04
N ILE A 174 -35.88 -11.92 -4.76
CA ILE A 174 -36.03 -11.11 -3.55
C ILE A 174 -37.34 -11.46 -2.87
N TRP A 175 -37.31 -11.63 -1.55
CA TRP A 175 -38.51 -11.89 -0.77
C TRP A 175 -38.43 -11.15 0.54
N GLY A 176 -39.57 -11.03 1.22
CA GLY A 176 -39.63 -10.26 2.44
C GLY A 176 -40.61 -10.83 3.45
N VAL A 177 -40.43 -10.41 4.70
CA VAL A 177 -41.24 -10.87 5.83
C VAL A 177 -41.69 -9.66 6.62
N HIS A 178 -42.96 -9.66 7.02
CA HIS A 178 -43.60 -8.49 7.63
C HIS A 178 -43.67 -8.64 9.14
N HIS A 179 -43.27 -7.60 9.86
CA HIS A 179 -43.33 -7.57 11.31
C HIS A 179 -44.44 -6.64 11.77
N PRO A 180 -45.50 -7.13 12.39
CA PRO A 180 -46.55 -6.22 12.87
C PRO A 180 -46.10 -5.46 14.10
N ASN A 181 -47.00 -4.70 14.74
CA ASN A 181 -46.65 -3.95 15.93
C ASN A 181 -47.37 -4.39 17.19
N ASP A 182 -48.48 -5.13 17.08
CA ASP A 182 -49.15 -5.65 18.25
C ASP A 182 -49.93 -6.91 17.88
N GLU A 183 -50.32 -7.66 18.90
CA GLU A 183 -50.92 -8.97 18.67
C GLU A 183 -52.26 -8.85 17.93
N ALA A 184 -53.03 -7.81 18.23
CA ALA A 184 -54.33 -7.66 17.59
C ALA A 184 -54.19 -7.49 16.08
N GLU A 185 -53.18 -6.73 15.65
CA GLU A 185 -52.94 -6.57 14.22
C GLU A 185 -52.59 -7.90 13.57
N GLN A 186 -51.74 -8.69 14.23
CA GLN A 186 -51.40 -10.00 13.70
C GLN A 186 -52.63 -10.87 13.57
N ARG A 187 -53.49 -10.87 14.58
CA ARG A 187 -54.67 -11.71 14.53
C ARG A 187 -55.61 -11.26 13.42
N THR A 188 -55.80 -9.96 13.24
CA THR A 188 -56.73 -9.50 12.22
C THR A 188 -56.13 -9.55 10.82
N LEU A 189 -54.81 -9.74 10.69
CA LEU A 189 -54.20 -9.85 9.38
C LEU A 189 -53.98 -11.28 8.92
N TYR A 190 -53.59 -12.18 9.82
CA TYR A 190 -53.23 -13.53 9.42
C TYR A 190 -54.00 -14.63 10.14
N GLN A 191 -54.79 -14.31 11.16
CA GLN A 191 -55.61 -15.31 11.86
C GLN A 191 -54.76 -16.45 12.41
N ASN A 192 -53.56 -16.13 12.87
CA ASN A 192 -52.67 -17.14 13.42
C ASN A 192 -51.65 -16.47 14.31
N VAL A 193 -50.99 -17.28 15.13
CA VAL A 193 -49.91 -16.82 15.99
C VAL A 193 -48.76 -17.80 15.93
N GLY A 194 -47.56 -17.30 16.21
CA GLY A 194 -46.37 -18.13 16.17
C GLY A 194 -46.09 -18.71 14.80
N THR A 195 -46.26 -17.91 13.75
CA THR A 195 -46.05 -18.37 12.39
C THR A 195 -44.56 -18.37 12.07
N TYR A 196 -44.23 -18.71 10.83
CA TYR A 196 -42.84 -18.76 10.40
C TYR A 196 -42.79 -18.61 8.89
N VAL A 197 -41.61 -18.24 8.40
CA VAL A 197 -41.33 -18.13 6.98
C VAL A 197 -40.05 -18.89 6.69
N SER A 198 -40.13 -19.87 5.78
CA SER A 198 -39.01 -20.74 5.46
C SER A 198 -38.72 -20.69 3.98
N VAL A 199 -37.46 -20.50 3.63
CA VAL A 199 -37.00 -20.45 2.25
C VAL A 199 -35.87 -21.45 2.09
N GLY A 200 -35.95 -22.30 1.06
CA GLY A 200 -34.93 -23.30 0.85
C GLY A 200 -34.50 -23.45 -0.59
N THR A 201 -33.20 -23.42 -0.82
CA THR A 201 -32.63 -23.74 -2.12
C THR A 201 -31.59 -24.84 -1.97
N SER A 202 -30.83 -25.10 -3.03
CA SER A 202 -29.83 -26.16 -2.96
C SER A 202 -28.71 -25.81 -1.98
N THR A 203 -28.40 -24.53 -1.80
CA THR A 203 -27.29 -24.12 -0.94
C THR A 203 -27.69 -23.13 0.14
N VAL A 204 -28.97 -22.79 0.27
CA VAL A 204 -29.41 -21.80 1.23
C VAL A 204 -30.53 -22.39 2.08
N ASN A 205 -30.41 -22.23 3.40
CA ASN A 205 -31.39 -22.76 4.33
C ASN A 205 -31.74 -21.66 5.33
N LYS A 206 -32.99 -21.22 5.34
CA LYS A 206 -33.39 -20.10 6.17
C LYS A 206 -34.78 -20.34 6.74
N ARG A 207 -35.01 -19.79 7.94
CA ARG A 207 -36.31 -19.88 8.58
C ARG A 207 -36.43 -18.72 9.56
N SER A 208 -37.27 -17.75 9.25
CA SER A 208 -37.41 -16.55 10.05
C SER A 208 -38.73 -16.57 10.82
N ILE A 209 -38.72 -15.91 11.97
CA ILE A 209 -39.87 -15.82 12.85
C ILE A 209 -40.24 -14.35 13.00
N PRO A 210 -41.48 -13.96 12.73
CA PRO A 210 -41.84 -12.54 12.89
C PRO A 210 -41.73 -12.10 14.34
N GLU A 211 -41.36 -10.83 14.51
CA GLU A 211 -41.20 -10.23 15.82
C GLU A 211 -42.23 -9.12 16.01
N ILE A 212 -42.82 -9.06 17.19
CA ILE A 212 -43.85 -8.09 17.51
C ILE A 212 -43.34 -7.19 18.63
N ALA A 213 -43.41 -5.88 18.40
CA ALA A 213 -42.96 -4.91 19.40
C ALA A 213 -43.59 -3.56 19.06
N THR A 214 -43.41 -2.61 19.96
CA THR A 214 -43.92 -1.26 19.78
C THR A 214 -42.78 -0.35 19.35
N ARG A 215 -42.98 0.36 18.24
CA ARG A 215 -41.94 1.18 17.64
C ARG A 215 -42.48 2.56 17.33
N PRO A 216 -41.59 3.56 17.25
CA PRO A 216 -42.04 4.90 16.84
C PRO A 216 -42.59 4.87 15.43
N LYS A 217 -43.55 5.75 15.17
CA LYS A 217 -44.18 5.79 13.86
C LYS A 217 -43.25 6.43 12.84
N VAL A 218 -43.10 5.78 11.69
CA VAL A 218 -42.39 6.33 10.55
C VAL A 218 -43.32 6.28 9.36
N ASN A 219 -43.49 7.43 8.69
CA ASN A 219 -44.46 7.56 7.60
C ASN A 219 -45.85 7.14 8.05
N GLY A 220 -46.17 7.39 9.31
CA GLY A 220 -47.45 6.99 9.86
C GLY A 220 -47.65 5.50 9.90
N GLN A 221 -46.60 4.73 10.18
CA GLN A 221 -46.70 3.29 10.26
C GLN A 221 -45.87 2.77 11.42
N GLY A 222 -46.41 1.80 12.14
CA GLY A 222 -45.70 1.20 13.25
C GLY A 222 -45.07 -0.12 12.88
N GLY A 223 -45.36 -0.62 11.68
CA GLY A 223 -44.83 -1.88 11.23
C GLY A 223 -43.47 -1.73 10.58
N ARG A 224 -42.90 -2.88 10.21
CA ARG A 224 -41.62 -2.93 9.53
C ARG A 224 -41.64 -4.08 8.54
N MET A 225 -40.76 -4.01 7.56
CA MET A 225 -40.59 -5.08 6.57
C MET A 225 -39.12 -5.35 6.39
N GLU A 226 -38.75 -6.63 6.35
CA GLU A 226 -37.37 -7.03 6.18
C GLU A 226 -37.24 -7.85 4.91
N PHE A 227 -36.29 -7.48 4.06
CA PHE A 227 -36.13 -8.10 2.75
C PHE A 227 -34.79 -8.82 2.67
N SER A 228 -34.77 -9.92 1.92
CA SER A 228 -33.56 -10.68 1.68
C SER A 228 -33.48 -11.05 0.22
N TRP A 229 -32.33 -11.57 -0.20
CA TRP A 229 -32.11 -11.88 -1.60
C TRP A 229 -31.10 -13.00 -1.73
N THR A 230 -31.09 -13.63 -2.90
CA THR A 230 -30.13 -14.68 -3.20
C THR A 230 -30.01 -14.80 -4.71
N ILE A 231 -28.97 -15.48 -5.15
CA ILE A 231 -28.68 -15.68 -6.57
C ILE A 231 -29.04 -17.10 -6.91
N LEU A 232 -30.07 -17.28 -7.74
CA LEU A 232 -30.47 -18.61 -8.16
C LEU A 232 -29.54 -19.08 -9.27
N ASP A 233 -29.10 -20.33 -9.18
CA ASP A 233 -28.11 -20.85 -10.09
C ASP A 233 -28.78 -21.48 -11.32
N MET A 234 -27.99 -22.13 -12.15
CA MET A 234 -28.50 -22.76 -13.36
C MET A 234 -29.16 -24.09 -13.01
N LEU A 235 -30.35 -24.32 -13.57
CA LEU A 235 -31.07 -25.58 -13.40
C LEU A 235 -31.33 -25.91 -11.93
N ASP A 236 -31.45 -24.90 -11.09
CA ASP A 236 -31.71 -25.09 -9.68
C ASP A 236 -33.18 -24.85 -9.36
N THR A 237 -33.52 -24.91 -8.07
CA THR A 237 -34.90 -24.81 -7.65
C THR A 237 -34.97 -24.16 -6.29
N ILE A 238 -35.91 -23.24 -6.12
CA ILE A 238 -36.13 -22.53 -4.87
C ILE A 238 -37.53 -22.85 -4.37
N ASN A 239 -37.65 -23.06 -3.06
CA ASN A 239 -38.91 -23.48 -2.46
C ASN A 239 -39.37 -22.46 -1.44
N PHE A 240 -40.65 -22.11 -1.48
CA PHE A 240 -41.26 -21.15 -0.57
C PHE A 240 -42.32 -21.86 0.25
N GLU A 241 -42.30 -21.65 1.57
CA GLU A 241 -43.31 -22.20 2.44
C GLU A 241 -43.43 -21.31 3.67
N SER A 242 -44.66 -20.95 4.02
CA SER A 242 -44.87 -20.08 5.17
C SER A 242 -46.29 -20.24 5.69
N THR A 243 -46.49 -19.79 6.93
CA THR A 243 -47.80 -19.80 7.58
C THR A 243 -48.29 -18.39 7.85
N GLY A 244 -47.75 -17.39 7.16
CA GLY A 244 -48.13 -16.01 7.36
C GLY A 244 -46.95 -15.09 7.33
N ASN A 245 -47.19 -13.78 7.29
CA ASN A 245 -46.13 -12.77 7.30
C ASN A 245 -45.15 -12.98 6.15
N LEU A 246 -45.66 -13.35 4.98
CA LEU A 246 -44.83 -13.61 3.82
C LEU A 246 -45.13 -12.61 2.73
N ILE A 247 -44.08 -12.04 2.15
CA ILE A 247 -44.21 -11.15 1.00
C ILE A 247 -43.59 -11.82 -0.21
N ALA A 248 -44.41 -12.53 -0.97
CA ALA A 248 -43.88 -13.35 -2.06
C ALA A 248 -43.49 -12.48 -3.25
N PRO A 249 -42.42 -12.82 -3.95
CA PRO A 249 -42.08 -12.10 -5.17
C PRO A 249 -42.99 -12.52 -6.32
N GLU A 250 -42.99 -11.68 -7.34
CA GLU A 250 -43.77 -11.94 -8.54
C GLU A 250 -42.96 -11.85 -9.82
N TYR A 251 -41.75 -11.32 -9.78
CA TYR A 251 -40.89 -11.24 -10.94
C TYR A 251 -39.48 -11.62 -10.53
N GLY A 252 -38.75 -12.21 -11.47
CA GLY A 252 -37.35 -12.54 -11.26
C GLY A 252 -36.48 -11.78 -12.24
N PHE A 253 -35.30 -11.39 -11.79
CA PHE A 253 -34.37 -10.65 -12.62
C PHE A 253 -33.27 -11.58 -13.11
N LYS A 254 -33.09 -11.63 -14.43
CA LYS A 254 -32.13 -12.53 -15.06
C LYS A 254 -30.99 -11.72 -15.62
N ILE A 255 -29.76 -12.05 -15.22
CA ILE A 255 -28.59 -11.37 -15.74
C ILE A 255 -28.36 -11.81 -17.18
N SER A 256 -28.23 -10.86 -18.08
CA SER A 256 -28.18 -11.17 -19.49
C SER A 256 -26.92 -10.73 -20.19
N LYS A 257 -26.33 -9.60 -19.80
CA LYS A 257 -25.20 -9.03 -20.53
C LYS A 257 -24.10 -8.60 -19.59
N ARG A 258 -23.69 -9.50 -18.71
CA ARG A 258 -22.63 -9.21 -17.74
C ARG A 258 -21.42 -8.59 -18.43
N GLY A 259 -20.97 -7.45 -17.92
CA GLY A 259 -19.86 -6.71 -18.50
C GLY A 259 -19.12 -5.94 -17.45
N SER A 260 -18.71 -4.72 -17.77
CA SER A 260 -17.99 -3.86 -16.84
C SER A 260 -18.67 -2.50 -16.79
N SER A 261 -18.99 -2.05 -15.58
CA SER A 261 -19.71 -0.80 -15.39
C SER A 261 -19.34 -0.25 -14.02
N GLY A 262 -20.16 0.67 -13.51
CA GLY A 262 -19.95 1.21 -12.18
C GLY A 262 -21.14 2.04 -11.74
N ILE A 263 -21.09 2.45 -10.48
CA ILE A 263 -22.13 3.29 -9.88
C ILE A 263 -21.51 4.63 -9.53
N MET A 264 -22.11 5.70 -10.01
CA MET A 264 -21.57 7.05 -9.87
C MET A 264 -22.54 7.91 -9.08
N LYS A 265 -22.02 8.58 -8.05
CA LYS A 265 -22.83 9.44 -7.18
C LYS A 265 -22.68 10.88 -7.66
N THR A 266 -23.78 11.44 -8.16
CA THR A 266 -23.77 12.82 -8.63
C THR A 266 -25.19 13.38 -8.53
N GLU A 267 -25.33 14.64 -8.90
CA GLU A 267 -26.62 15.32 -8.87
C GLU A 267 -26.99 15.90 -10.23
N GLY A 268 -26.21 15.62 -11.27
CA GLY A 268 -26.45 16.18 -12.58
C GLY A 268 -27.54 15.45 -13.33
N THR A 269 -27.70 15.84 -14.58
CA THR A 269 -28.67 15.24 -15.49
C THR A 269 -27.92 14.62 -16.67
N LEU A 270 -28.68 14.16 -17.66
CA LEU A 270 -28.14 13.47 -18.82
C LEU A 270 -28.23 14.38 -20.04
N GLU A 271 -27.10 14.61 -20.69
CA GLU A 271 -27.02 15.40 -21.91
C GLU A 271 -26.78 14.48 -23.09
N ASN A 272 -26.54 15.09 -24.25
CA ASN A 272 -26.30 14.35 -25.49
C ASN A 272 -24.90 14.67 -25.98
N CYS A 273 -23.96 13.76 -25.75
CA CYS A 273 -22.61 13.90 -26.26
C CYS A 273 -22.09 12.50 -26.58
N GLU A 274 -20.77 12.37 -26.73
CA GLU A 274 -20.14 11.06 -26.83
C GLU A 274 -18.69 11.23 -26.41
N THR A 275 -18.33 10.68 -25.27
CA THR A 275 -16.97 10.77 -24.75
C THR A 275 -16.32 9.40 -24.74
N LYS A 276 -15.05 9.38 -24.36
CA LYS A 276 -14.35 8.12 -24.17
C LYS A 276 -14.33 7.68 -22.72
N CYS A 277 -14.40 8.62 -21.78
CA CYS A 277 -14.60 8.25 -20.39
C CYS A 277 -15.25 9.41 -19.65
N GLN A 278 -15.84 9.09 -18.51
CA GLN A 278 -16.68 10.01 -17.76
C GLN A 278 -16.15 10.15 -16.34
N THR A 279 -16.39 11.32 -15.76
CA THR A 279 -15.99 11.65 -14.41
C THR A 279 -17.18 12.32 -13.74
N PRO A 280 -17.31 12.21 -12.41
CA PRO A 280 -18.44 12.87 -11.74
C PRO A 280 -18.52 14.36 -11.99
N LEU A 281 -17.39 15.02 -12.23
CA LEU A 281 -17.40 16.45 -12.48
C LEU A 281 -17.51 16.80 -13.95
N GLY A 282 -17.49 15.82 -14.85
CA GLY A 282 -17.60 16.10 -16.27
C GLY A 282 -16.91 15.02 -17.08
N ALA A 283 -16.65 15.34 -18.33
CA ALA A 283 -16.03 14.40 -19.26
C ALA A 283 -14.67 14.94 -19.72
N ILE A 284 -13.77 14.02 -20.04
CA ILE A 284 -12.39 14.35 -20.38
C ILE A 284 -12.12 13.89 -21.80
N ASN A 285 -11.55 14.78 -22.61
CA ASN A 285 -11.19 14.47 -24.00
C ASN A 285 -9.78 14.99 -24.24
N THR A 286 -8.78 14.12 -24.10
CA THR A 286 -7.40 14.54 -24.19
C THR A 286 -6.52 13.36 -24.55
N THR A 287 -5.26 13.67 -24.88
CA THR A 287 -4.27 12.66 -25.20
C THR A 287 -3.08 12.64 -24.26
N LEU A 288 -2.97 13.59 -23.34
CA LEU A 288 -1.86 13.60 -22.40
C LEU A 288 -1.99 12.44 -21.42
N PRO A 289 -0.88 11.96 -20.88
CA PRO A 289 -0.93 10.76 -20.05
C PRO A 289 -1.21 11.01 -18.58
N PHE A 290 -1.69 12.19 -18.20
CA PHE A 290 -1.96 12.47 -16.80
C PHE A 290 -3.13 13.44 -16.67
N HIS A 291 -3.80 13.38 -15.53
CA HIS A 291 -4.89 14.28 -15.24
C HIS A 291 -5.06 14.35 -13.72
N ASN A 292 -5.73 15.41 -13.26
CA ASN A 292 -5.88 15.65 -11.83
C ASN A 292 -7.30 16.12 -11.52
N ILE A 293 -8.30 15.49 -12.12
CA ILE A 293 -9.67 15.97 -11.98
C ILE A 293 -10.37 15.27 -10.83
N HIS A 294 -10.47 13.95 -10.88
CA HIS A 294 -11.15 13.22 -9.82
C HIS A 294 -10.67 11.78 -9.82
N PRO A 295 -10.41 11.19 -8.64
CA PRO A 295 -9.82 9.85 -8.62
C PRO A 295 -10.70 8.75 -9.16
N LEU A 296 -12.02 8.95 -9.24
CA LEU A 296 -12.94 7.91 -9.69
C LEU A 296 -13.39 8.22 -11.11
N THR A 297 -13.14 7.29 -12.03
CA THR A 297 -13.49 7.48 -13.42
C THR A 297 -14.02 6.17 -13.99
N ILE A 298 -14.82 6.28 -15.04
CA ILE A 298 -15.41 5.14 -15.72
C ILE A 298 -15.08 5.24 -17.20
N GLY A 299 -14.53 4.15 -17.75
CA GLY A 299 -14.09 4.15 -19.12
C GLY A 299 -12.59 4.03 -19.21
N GLU A 300 -11.98 4.68 -20.21
CA GLU A 300 -10.54 4.71 -20.34
C GLU A 300 -10.09 6.16 -20.31
N CYS A 301 -9.16 6.47 -19.41
CA CYS A 301 -8.57 7.80 -19.33
C CYS A 301 -7.19 7.67 -18.72
N PRO A 302 -6.33 8.68 -18.90
CA PRO A 302 -5.00 8.62 -18.31
C PRO A 302 -5.05 8.51 -16.80
N LYS A 303 -3.87 8.28 -16.22
CA LYS A 303 -3.77 8.07 -14.80
C LYS A 303 -4.04 9.38 -14.04
N TYR A 304 -4.40 9.22 -12.77
CA TYR A 304 -4.73 10.35 -11.91
C TYR A 304 -3.57 10.63 -10.96
N VAL A 305 -3.15 11.88 -10.91
CA VAL A 305 -2.06 12.29 -10.03
C VAL A 305 -2.49 13.54 -9.29
N LYS A 306 -2.17 13.59 -8.00
CA LYS A 306 -2.61 14.70 -7.13
C LYS A 306 -1.62 15.85 -7.16
N SER A 307 -1.27 16.30 -8.35
CA SER A 307 -0.31 17.39 -8.52
C SER A 307 -0.98 18.54 -9.25
N GLU A 308 -0.19 19.53 -9.59
CA GLU A 308 -0.77 20.68 -10.28
C GLU A 308 -0.01 21.05 -11.53
N LYS A 309 1.31 20.90 -11.54
CA LYS A 309 2.11 21.17 -12.73
C LYS A 309 3.05 20.01 -13.00
N LEU A 310 3.18 19.66 -14.28
CA LEU A 310 4.10 18.60 -14.70
C LEU A 310 4.58 18.97 -16.10
N VAL A 311 5.74 19.61 -16.18
CA VAL A 311 6.29 20.10 -17.44
C VAL A 311 7.63 19.44 -17.67
N LEU A 312 7.81 18.87 -18.86
CA LEU A 312 9.03 18.16 -19.23
C LEU A 312 9.83 19.03 -20.18
N ALA A 313 11.06 19.36 -19.79
CA ALA A 313 11.93 20.17 -20.64
C ALA A 313 12.53 19.32 -21.74
N THR A 314 12.50 19.81 -22.96
CA THR A 314 13.05 19.10 -24.11
C THR A 314 13.80 20.05 -25.01
N GLY A 315 14.60 20.92 -24.43
CA GLY A 315 15.34 21.89 -25.21
C GLY A 315 16.55 22.42 -24.46
N LEU A 316 17.05 23.54 -24.93
CA LEU A 316 18.21 24.19 -24.35
C LEU A 316 17.80 25.23 -23.32
N ARG A 317 18.72 25.55 -22.43
CA ARG A 317 18.51 26.65 -21.49
C ARG A 317 18.64 27.96 -22.26
N ASN A 318 17.51 28.61 -22.53
CA ASN A 318 17.50 29.79 -23.39
C ASN A 318 18.22 30.94 -22.68
N VAL A 319 19.41 31.27 -23.16
CA VAL A 319 20.17 32.39 -22.64
C VAL A 319 20.55 33.30 -23.80
N PRO A 320 19.67 34.18 -24.24
CA PRO A 320 20.00 35.05 -25.37
C PRO A 320 21.09 36.04 -25.02
N GLN A 321 21.84 36.45 -26.03
CA GLN A 321 22.93 37.41 -25.86
C GLN A 321 22.39 38.78 -25.51
N ALA A 332 30.22 36.40 -30.45
CA ALA A 332 30.16 35.34 -31.46
C ALA A 332 30.81 34.06 -30.94
N GLY A 333 30.29 33.56 -29.82
CA GLY A 333 30.82 32.34 -29.23
C GLY A 333 29.81 31.75 -28.27
N PHE A 334 30.14 30.55 -27.78
CA PHE A 334 29.26 29.85 -26.86
C PHE A 334 29.44 30.28 -25.40
N ILE A 335 30.48 31.06 -25.10
CA ILE A 335 30.68 31.53 -23.73
C ILE A 335 29.81 32.72 -23.38
N GLU A 336 29.12 33.32 -24.36
CA GLU A 336 28.26 34.46 -24.11
C GLU A 336 26.78 34.17 -24.27
N GLY A 337 26.43 33.19 -25.09
CA GLY A 337 25.03 32.84 -25.28
C GLY A 337 24.82 32.24 -26.66
N GLY A 338 23.55 31.96 -26.95
CA GLY A 338 23.18 31.39 -28.21
C GLY A 338 23.06 32.42 -29.31
N TRP A 339 22.69 31.94 -30.50
CA TRP A 339 22.52 32.78 -31.67
C TRP A 339 21.11 32.66 -32.20
N GLN A 340 20.48 33.80 -32.49
CA GLN A 340 19.14 33.79 -33.05
C GLN A 340 19.12 33.38 -34.52
N GLY A 341 20.25 33.48 -35.21
CA GLY A 341 20.29 33.18 -36.63
C GLY A 341 20.29 31.71 -36.98
N MET A 342 20.42 30.83 -35.99
CA MET A 342 20.42 29.40 -36.23
C MET A 342 19.00 28.85 -36.14
N VAL A 343 18.51 28.29 -37.24
CA VAL A 343 17.15 27.77 -37.30
C VAL A 343 17.16 26.36 -37.87
N ASP A 344 18.31 25.92 -38.39
CA ASP A 344 18.40 24.62 -39.03
C ASP A 344 18.70 23.51 -38.03
N GLY A 345 19.83 23.62 -37.33
CA GLY A 345 20.24 22.63 -36.37
C GLY A 345 20.19 23.16 -34.94
N TRP A 346 20.50 22.26 -34.01
CA TRP A 346 20.53 22.61 -32.60
C TRP A 346 21.91 22.99 -32.10
N TYR A 347 22.91 23.01 -32.96
CA TYR A 347 24.27 23.28 -32.52
C TYR A 347 24.97 24.20 -33.50
N GLY A 348 25.81 25.08 -32.96
CA GLY A 348 26.43 26.12 -33.76
C GLY A 348 27.76 25.68 -34.36
N TYR A 349 27.92 25.94 -35.64
CA TYR A 349 29.17 25.67 -36.34
C TYR A 349 29.47 26.83 -37.29
N HIS A 350 29.31 28.05 -36.78
CA HIS A 350 29.41 29.24 -37.61
C HIS A 350 30.81 29.36 -38.21
N HIS A 351 30.86 29.68 -39.50
CA HIS A 351 32.11 29.85 -40.22
C HIS A 351 32.15 31.24 -40.84
N SER A 352 33.36 31.79 -40.94
CA SER A 352 33.54 33.10 -41.55
C SER A 352 34.91 33.11 -42.24
N ASN A 353 34.91 32.79 -43.53
CA ASN A 353 36.12 32.80 -44.33
C ASN A 353 36.33 34.19 -44.94
N ASP A 354 37.45 34.34 -45.65
CA ASP A 354 37.74 35.62 -46.30
C ASP A 354 36.72 35.93 -47.39
N GLN A 355 36.34 34.91 -48.17
CA GLN A 355 35.41 35.12 -49.27
C GLN A 355 33.95 35.15 -48.82
N GLY A 356 33.66 34.68 -47.62
CA GLY A 356 32.28 34.68 -47.15
C GLY A 356 32.18 33.99 -45.80
N SER A 357 30.96 33.98 -45.29
CA SER A 357 30.64 33.39 -44.00
C SER A 357 29.53 32.35 -44.15
N GLY A 358 29.13 31.78 -43.03
CA GLY A 358 28.09 30.76 -43.05
C GLY A 358 27.64 30.44 -41.64
N TYR A 359 26.48 29.79 -41.56
CA TYR A 359 25.86 29.41 -40.29
C TYR A 359 25.53 27.93 -40.29
N ALA A 360 26.48 27.11 -40.69
CA ALA A 360 26.26 25.68 -40.75
C ALA A 360 26.16 25.09 -39.34
N ALA A 361 25.68 23.85 -39.27
CA ALA A 361 25.51 23.12 -38.03
C ALA A 361 26.27 21.80 -38.10
N ASP A 362 26.11 21.01 -37.05
CA ASP A 362 26.71 19.67 -37.00
C ASP A 362 25.63 18.61 -37.08
N LYS A 363 25.81 17.67 -38.00
CA LYS A 363 24.82 16.62 -38.22
C LYS A 363 24.89 15.52 -37.16
N GLU A 364 26.09 15.10 -36.78
CA GLU A 364 26.21 13.94 -35.90
C GLU A 364 25.53 14.19 -34.55
N SER A 365 25.74 15.37 -33.96
CA SER A 365 25.21 15.63 -32.63
C SER A 365 23.70 15.77 -32.63
N THR A 366 23.13 16.40 -33.65
CA THR A 366 21.71 16.69 -33.65
C THR A 366 20.88 15.42 -33.66
N GLN A 367 21.25 14.46 -34.50
CA GLN A 367 20.48 13.23 -34.60
C GLN A 367 20.59 12.39 -33.34
N LYS A 368 21.78 12.27 -32.74
CA LYS A 368 21.86 11.49 -31.50
C LYS A 368 21.07 12.17 -30.39
N ALA A 369 21.13 13.50 -30.32
CA ALA A 369 20.35 14.19 -29.30
C ALA A 369 18.86 13.97 -29.50
N ILE A 370 18.40 14.05 -30.76
CA ILE A 370 16.98 13.85 -31.05
C ILE A 370 16.56 12.44 -30.65
N ASP A 371 17.35 11.44 -31.04
CA ASP A 371 17.02 10.07 -30.69
C ASP A 371 16.99 9.87 -29.18
N GLY A 372 17.97 10.43 -28.47
CA GLY A 372 18.00 10.29 -27.03
C GLY A 372 16.78 10.89 -26.36
N ILE A 373 16.42 12.11 -26.76
CA ILE A 373 15.31 12.78 -26.09
C ILE A 373 14.00 12.07 -26.40
N THR A 374 13.78 11.65 -27.65
CA THR A 374 12.53 10.98 -27.95
C THR A 374 12.45 9.61 -27.28
N ASN A 375 13.57 8.89 -27.22
CA ASN A 375 13.59 7.60 -26.52
C ASN A 375 13.29 7.80 -25.04
N LYS A 376 13.87 8.82 -24.43
CA LYS A 376 13.63 9.06 -23.02
C LYS A 376 12.19 9.47 -22.74
N VAL A 377 11.61 10.28 -23.62
CA VAL A 377 10.20 10.66 -23.46
C VAL A 377 9.32 9.42 -23.54
N ASN A 378 9.58 8.56 -24.52
CA ASN A 378 8.80 7.33 -24.63
C ASN A 378 8.97 6.46 -23.39
N SER A 379 10.19 6.35 -22.89
CA SER A 379 10.44 5.52 -21.72
C SER A 379 9.72 6.05 -20.49
N VAL A 380 9.80 7.36 -20.25
CA VAL A 380 9.18 7.92 -19.06
C VAL A 380 7.66 7.81 -19.17
N ILE A 381 7.10 7.94 -20.37
CA ILE A 381 5.67 7.71 -20.52
C ILE A 381 5.33 6.25 -20.23
N GLU A 382 6.16 5.33 -20.70
CA GLU A 382 5.84 3.91 -20.61
C GLU A 382 5.93 3.39 -19.18
N LYS A 383 6.93 3.86 -18.42
CA LYS A 383 7.21 3.25 -17.12
C LYS A 383 6.01 3.38 -16.18
N MET A 384 5.36 4.54 -16.17
CA MET A 384 4.29 4.81 -15.23
C MET A 384 2.96 4.17 -15.63
N ASN A 385 2.94 3.34 -16.66
CA ASN A 385 1.71 2.73 -17.12
C ASN A 385 1.10 1.76 -16.11
N THR A 386 1.85 1.35 -15.10
CA THR A 386 1.39 0.40 -14.10
C THR A 386 0.81 1.07 -12.86
N GLN A 387 0.22 2.25 -13.01
CA GLN A 387 -0.27 3.00 -11.87
C GLN A 387 -1.47 2.29 -11.23
N PHE A 388 -1.72 2.65 -9.97
CA PHE A 388 -2.84 2.13 -9.22
C PHE A 388 -4.14 2.79 -9.65
N GLU A 389 -5.24 2.04 -9.53
CA GLU A 389 -6.55 2.53 -9.89
C GLU A 389 -7.53 2.27 -8.75
N ALA A 390 -8.52 3.14 -8.60
CA ALA A 390 -9.47 3.08 -7.51
C ALA A 390 -10.84 2.67 -8.02
N VAL A 391 -11.61 2.01 -7.14
CA VAL A 391 -12.96 1.57 -7.44
C VAL A 391 -13.86 1.94 -6.28
N GLY A 392 -15.05 2.47 -6.60
CA GLY A 392 -15.98 2.85 -5.57
C GLY A 392 -16.55 1.65 -4.84
N LYS A 393 -16.93 1.87 -3.59
CA LYS A 393 -17.47 0.82 -2.74
C LYS A 393 -18.39 1.45 -1.70
N GLU A 394 -19.19 0.62 -1.05
CA GLU A 394 -20.14 1.07 -0.05
C GLU A 394 -19.98 0.27 1.23
N PHE A 395 -20.33 0.91 2.35
CA PHE A 395 -20.25 0.29 3.65
C PHE A 395 -21.41 0.74 4.51
N SER A 396 -21.84 -0.13 5.43
CA SER A 396 -22.95 0.19 6.31
C SER A 396 -22.44 1.07 7.46
N ASN A 397 -23.28 1.29 8.46
CA ASN A 397 -22.90 2.10 9.61
C ASN A 397 -22.30 1.29 10.74
N LEU A 398 -22.14 -0.02 10.56
CA LEU A 398 -21.50 -0.88 11.55
C LEU A 398 -20.18 -1.44 11.04
N GLU A 399 -19.61 -0.83 10.00
CA GLU A 399 -18.37 -1.29 9.40
C GLU A 399 -17.43 -0.11 9.19
N LYS A 400 -17.29 0.72 10.22
CA LYS A 400 -16.43 1.89 10.09
C LYS A 400 -14.98 1.51 9.91
N ARG A 401 -14.54 0.41 10.53
CA ARG A 401 -13.15 0.00 10.38
C ARG A 401 -12.82 -0.34 8.94
N LEU A 402 -13.72 -1.05 8.26
CA LEU A 402 -13.48 -1.37 6.85
C LEU A 402 -13.41 -0.09 6.01
N GLU A 403 -14.30 0.85 6.27
CA GLU A 403 -14.29 2.10 5.50
C GLU A 403 -12.99 2.85 5.71
N ASN A 404 -12.52 2.91 6.96
CA ASN A 404 -11.25 3.56 7.23
C ASN A 404 -10.11 2.86 6.51
N LEU A 405 -10.12 1.54 6.50
CA LEU A 405 -9.07 0.78 5.83
C LEU A 405 -9.05 1.10 4.34
N ASN A 406 -10.23 1.10 3.71
CA ASN A 406 -10.31 1.37 2.28
C ASN A 406 -9.81 2.78 1.97
N LYS A 407 -10.23 3.76 2.77
CA LYS A 407 -9.80 5.12 2.52
C LYS A 407 -8.29 5.26 2.66
N LYS A 408 -7.72 4.60 3.67
CA LYS A 408 -6.27 4.67 3.85
C LYS A 408 -5.54 4.05 2.67
N MET A 409 -6.03 2.91 2.16
CA MET A 409 -5.42 2.33 0.98
C MET A 409 -5.38 3.34 -0.17
N GLU A 410 -6.54 3.92 -0.48
CA GLU A 410 -6.60 4.80 -1.63
C GLU A 410 -5.63 5.97 -1.46
N ASP A 411 -5.67 6.62 -0.30
CA ASP A 411 -4.85 7.80 -0.11
C ASP A 411 -3.37 7.46 -0.15
N GLY A 412 -2.97 6.35 0.49
CA GLY A 412 -1.56 5.99 0.51
C GLY A 412 -1.02 5.73 -0.89
N PHE A 413 -1.77 4.95 -1.68
CA PHE A 413 -1.28 4.65 -3.01
C PHE A 413 -1.22 5.89 -3.88
N LEU A 414 -2.24 6.76 -3.78
CA LEU A 414 -2.20 7.98 -4.56
C LEU A 414 -0.99 8.83 -4.20
N ASP A 415 -0.70 8.97 -2.91
CA ASP A 415 0.44 9.77 -2.49
C ASP A 415 1.74 9.19 -3.02
N VAL A 416 1.89 7.86 -2.92
CA VAL A 416 3.13 7.24 -3.37
C VAL A 416 3.36 7.50 -4.85
N TRP A 417 2.32 7.28 -5.66
CA TRP A 417 2.51 7.46 -7.10
C TRP A 417 2.75 8.92 -7.46
N THR A 418 2.08 9.84 -6.77
CA THR A 418 2.31 11.26 -7.03
C THR A 418 3.75 11.62 -6.77
N TYR A 419 4.29 11.18 -5.62
CA TYR A 419 5.68 11.48 -5.29
C TYR A 419 6.62 10.90 -6.32
N ASN A 420 6.37 9.66 -6.74
CA ASN A 420 7.23 9.03 -7.74
C ASN A 420 7.27 9.87 -9.02
N ALA A 421 6.09 10.24 -9.53
CA ALA A 421 6.05 10.95 -10.79
C ALA A 421 6.76 12.30 -10.70
N GLU A 422 6.52 13.04 -9.62
CA GLU A 422 7.14 14.36 -9.49
C GLU A 422 8.65 14.24 -9.43
N LEU A 423 9.16 13.30 -8.63
CA LEU A 423 10.60 13.14 -8.51
C LEU A 423 11.21 12.76 -9.84
N LEU A 424 10.56 11.86 -10.57
CA LEU A 424 11.10 11.44 -11.86
C LEU A 424 11.17 12.61 -12.82
N VAL A 425 10.15 13.45 -12.86
CA VAL A 425 10.16 14.57 -13.81
C VAL A 425 11.27 15.55 -13.46
N LEU A 426 11.43 15.88 -12.17
CA LEU A 426 12.47 16.83 -11.80
C LEU A 426 13.86 16.27 -12.12
N MET A 427 14.09 15.00 -11.79
CA MET A 427 15.35 14.34 -12.12
C MET A 427 15.62 14.40 -13.62
N GLU A 428 14.60 14.13 -14.42
CA GLU A 428 14.78 14.13 -15.87
C GLU A 428 15.14 15.51 -16.39
N ASN A 429 14.49 16.55 -15.88
CA ASN A 429 14.81 17.89 -16.33
C ASN A 429 16.27 18.21 -16.06
N GLU A 430 16.72 17.91 -14.83
CA GLU A 430 18.10 18.19 -14.48
C GLU A 430 19.06 17.43 -15.39
N ARG A 431 18.78 16.15 -15.62
CA ARG A 431 19.66 15.34 -16.45
C ARG A 431 19.71 15.87 -17.87
N THR A 432 18.57 16.32 -18.40
CA THR A 432 18.54 16.83 -19.76
C THR A 432 19.42 18.07 -19.90
N LEU A 433 19.29 19.01 -18.96
CA LEU A 433 20.11 20.21 -19.03
C LEU A 433 21.59 19.86 -18.96
N ASP A 434 21.96 18.98 -18.03
CA ASP A 434 23.36 18.60 -17.88
C ASP A 434 23.88 17.93 -19.13
N PHE A 435 23.08 17.04 -19.74
CA PHE A 435 23.52 16.35 -20.94
C PHE A 435 23.74 17.32 -22.09
N HIS A 436 22.84 18.29 -22.26
CA HIS A 436 23.01 19.24 -23.36
C HIS A 436 24.28 20.05 -23.19
N ASP A 437 24.55 20.52 -21.97
CA ASP A 437 25.72 21.36 -21.77
C ASP A 437 27.00 20.52 -21.90
N SER A 438 26.94 19.26 -21.45
CA SER A 438 28.06 18.36 -21.65
C SER A 438 28.34 18.16 -23.13
N ASN A 439 27.28 18.00 -23.93
CA ASN A 439 27.45 17.83 -25.36
C ASN A 439 28.11 19.06 -25.98
N VAL A 440 27.76 20.25 -25.51
CA VAL A 440 28.35 21.45 -26.11
C VAL A 440 29.85 21.52 -25.80
N LYS A 441 30.25 21.25 -24.55
CA LYS A 441 31.70 21.23 -24.34
C LYS A 441 32.37 20.12 -25.11
N ASN A 442 31.68 18.97 -25.27
CA ASN A 442 32.26 17.85 -25.99
C ASN A 442 32.57 18.24 -27.43
N LEU A 443 31.61 18.88 -28.09
CA LEU A 443 31.86 19.33 -29.45
C LEU A 443 33.03 20.32 -29.47
N TYR A 444 33.08 21.24 -28.51
CA TYR A 444 34.13 22.24 -28.53
C TYR A 444 35.52 21.61 -28.41
N ASP A 445 35.72 20.75 -27.42
CA ASP A 445 37.09 20.25 -27.22
C ASP A 445 37.44 19.21 -28.27
N LYS A 446 36.45 18.50 -28.81
CA LYS A 446 36.72 17.65 -29.96
C LYS A 446 37.27 18.47 -31.11
N VAL A 447 36.65 19.62 -31.38
CA VAL A 447 37.18 20.52 -32.42
C VAL A 447 38.60 20.96 -32.07
N ARG A 448 38.84 21.27 -30.79
CA ARG A 448 40.15 21.80 -30.41
C ARG A 448 41.25 20.79 -30.66
N MET A 449 41.08 19.55 -30.19
CA MET A 449 42.07 18.51 -30.47
C MET A 449 42.14 18.16 -31.96
N GLN A 450 41.03 18.24 -32.69
CA GLN A 450 41.11 18.01 -34.12
C GLN A 450 42.02 19.05 -34.79
N LEU A 451 41.87 20.31 -34.39
CA LEU A 451 42.74 21.38 -34.89
C LEU A 451 44.00 21.40 -34.04
N ARG A 452 44.95 20.55 -34.42
CA ARG A 452 46.23 20.48 -33.71
C ARG A 452 46.96 21.81 -33.85
N ASP A 453 47.02 22.56 -32.75
CA ASP A 453 47.51 23.93 -32.72
C ASP A 453 47.11 24.70 -33.98
N ASN A 454 48.07 25.40 -34.59
CA ASN A 454 47.88 26.14 -35.84
C ASN A 454 46.89 27.29 -35.71
N ALA A 455 46.41 27.57 -34.50
CA ALA A 455 45.46 28.65 -34.27
C ALA A 455 45.49 29.03 -32.81
N LYS A 456 45.13 30.27 -32.52
CA LYS A 456 45.05 30.77 -31.15
C LYS A 456 43.62 31.17 -30.82
N GLU A 457 43.19 30.86 -29.60
CA GLU A 457 41.87 31.28 -29.15
C GLU A 457 41.85 32.78 -28.92
N LEU A 458 40.91 33.47 -29.58
CA LEU A 458 40.80 34.91 -29.38
C LEU A 458 40.31 35.23 -27.97
N GLY A 459 39.45 34.38 -27.42
CA GLY A 459 38.87 34.64 -26.12
C GLY A 459 37.35 34.68 -26.20
N ASN A 460 36.80 34.29 -27.35
CA ASN A 460 35.37 34.34 -27.58
C ASN A 460 34.87 32.93 -27.83
N GLY A 461 35.43 31.95 -27.12
CA GLY A 461 35.04 30.57 -27.31
C GLY A 461 35.40 30.01 -28.66
N CYS A 462 36.32 30.64 -29.38
CA CYS A 462 36.72 30.16 -30.69
C CYS A 462 38.07 30.76 -31.07
N PHE A 463 38.69 30.18 -32.08
CA PHE A 463 40.06 30.48 -32.46
C PHE A 463 40.15 30.88 -33.93
N GLU A 464 41.21 31.62 -34.24
CA GLU A 464 41.47 32.13 -35.58
C GLU A 464 42.67 31.42 -36.17
N PHE A 465 42.53 30.97 -37.41
CA PHE A 465 43.53 30.13 -38.06
C PHE A 465 44.74 30.97 -38.44
N TYR A 466 45.93 30.42 -38.23
CA TYR A 466 47.17 31.12 -38.52
C TYR A 466 47.68 30.97 -39.95
N HIS A 467 47.11 30.07 -40.76
CA HIS A 467 47.46 30.04 -42.17
C HIS A 467 46.18 29.96 -42.99
N LYS A 468 46.24 30.54 -44.18
CA LYS A 468 45.04 30.75 -45.00
C LYS A 468 44.61 29.42 -45.62
N CYS A 469 43.54 28.84 -45.10
CA CYS A 469 42.88 27.72 -45.72
C CYS A 469 41.75 28.23 -46.62
N ASP A 470 40.90 27.32 -47.10
CA ASP A 470 39.80 27.69 -47.98
C ASP A 470 38.54 26.97 -47.52
N ASP A 471 37.44 27.17 -48.25
CA ASP A 471 36.19 26.52 -47.89
C ASP A 471 36.33 25.00 -47.89
N GLU A 472 37.20 24.48 -48.76
CA GLU A 472 37.52 23.05 -48.69
C GLU A 472 38.13 22.70 -47.35
N CYS A 473 39.03 23.55 -46.84
CA CYS A 473 39.60 23.32 -45.51
C CYS A 473 38.53 23.38 -44.43
N MET A 474 37.62 24.35 -44.52
CA MET A 474 36.49 24.42 -43.59
C MET A 474 35.70 23.13 -43.56
N ASN A 475 35.25 22.65 -44.72
CA ASN A 475 34.43 21.44 -44.71
C ASN A 475 35.24 20.21 -44.34
N SER A 476 36.55 20.20 -44.62
CA SER A 476 37.39 19.09 -44.17
C SER A 476 37.47 19.05 -42.65
N VAL A 477 37.64 20.21 -42.02
CA VAL A 477 37.65 20.26 -40.56
C VAL A 477 36.29 19.89 -40.00
N LYS A 478 35.22 20.36 -40.65
CA LYS A 478 33.87 20.06 -40.19
C LYS A 478 33.59 18.57 -40.25
N ASN A 479 34.04 17.90 -41.30
CA ASN A 479 33.85 16.46 -41.43
C ASN A 479 34.77 15.66 -40.53
N GLY A 480 35.55 16.30 -39.67
CA GLY A 480 36.51 15.58 -38.87
C GLY A 480 37.60 14.93 -39.71
N THR A 481 37.98 15.59 -40.80
CA THR A 481 38.99 15.06 -41.72
C THR A 481 40.16 16.01 -41.90
N TYR A 482 40.36 16.93 -40.95
CA TYR A 482 41.47 17.87 -41.05
C TYR A 482 42.79 17.13 -40.96
N ASP A 483 43.73 17.51 -41.81
CA ASP A 483 45.06 16.89 -41.87
C ASP A 483 46.09 17.95 -41.48
N TYR A 484 46.55 17.89 -40.23
CA TYR A 484 47.53 18.86 -39.76
C TYR A 484 48.85 18.81 -40.51
N PRO A 485 49.50 17.66 -40.67
CA PRO A 485 50.80 17.65 -41.39
C PRO A 485 50.68 17.90 -42.88
N LYS A 486 49.49 18.27 -43.36
CA LYS A 486 49.26 18.42 -44.79
C LYS A 486 49.78 19.77 -45.29
N TYR A 487 49.32 20.87 -44.69
CA TYR A 487 49.91 22.20 -44.91
C TYR A 487 50.31 22.85 -43.59
N GLU A 488 51.07 22.13 -42.76
CA GLU A 488 51.54 22.71 -41.51
C GLU A 488 52.73 23.65 -41.69
N GLU A 489 53.47 23.54 -42.79
CA GLU A 489 54.68 24.34 -42.97
C GLU A 489 54.36 25.82 -43.09
N GLU A 490 53.31 26.17 -43.85
CA GLU A 490 52.94 27.56 -43.98
C GLU A 490 52.50 28.14 -42.64
N SER A 491 51.78 27.36 -41.84
CA SER A 491 51.40 27.81 -40.51
C SER A 491 52.62 28.03 -39.63
N LYS A 492 53.59 27.12 -39.71
CA LYS A 492 54.82 27.31 -38.93
C LYS A 492 55.54 28.58 -39.35
N LEU A 493 55.62 28.84 -40.65
CA LEU A 493 56.25 30.06 -41.12
C LEU A 493 55.51 31.29 -40.65
N ASN A 494 54.17 31.25 -40.67
CA ASN A 494 53.38 32.39 -40.23
C ASN A 494 53.57 32.65 -38.74
N ARG A 495 53.59 31.60 -37.92
CA ARG A 495 53.79 31.81 -36.49
C ARG A 495 55.24 32.14 -36.15
N ASN A 496 56.17 31.89 -37.08
CA ASN A 496 57.54 32.33 -36.86
C ASN A 496 57.63 33.83 -36.76
N GLU A 497 56.71 34.55 -37.39
CA GLU A 497 56.68 36.01 -37.33
C GLU A 497 56.36 36.49 -35.92
N ASP B 1 60.15 6.13 -26.44
CA ASP B 1 60.16 7.48 -27.01
C ASP B 1 58.88 8.24 -26.65
N GLN B 2 57.82 7.50 -26.34
CA GLN B 2 56.54 8.11 -26.01
C GLN B 2 55.69 7.09 -25.25
N ILE B 3 54.67 7.61 -24.56
CA ILE B 3 53.73 6.77 -23.82
C ILE B 3 52.31 7.22 -24.13
N CYS B 4 51.39 6.26 -24.14
CA CYS B 4 50.00 6.54 -24.48
C CYS B 4 49.09 5.89 -23.45
N ILE B 5 47.89 6.45 -23.32
CA ILE B 5 46.89 6.01 -22.35
C ILE B 5 45.70 5.40 -23.10
N GLY B 6 45.20 4.29 -22.59
CA GLY B 6 44.04 3.61 -23.16
C GLY B 6 43.28 2.87 -22.10
N TYR B 7 42.61 1.79 -22.50
CA TYR B 7 41.88 0.96 -21.54
C TYR B 7 41.74 -0.44 -22.09
N HIS B 8 41.59 -1.40 -21.18
CA HIS B 8 41.51 -2.81 -21.56
C HIS B 8 40.16 -3.13 -22.18
N SER B 9 40.18 -4.00 -23.19
CA SER B 9 38.97 -4.44 -23.86
C SER B 9 39.06 -5.94 -24.13
N ASN B 10 37.93 -6.53 -24.45
CA ASN B 10 37.86 -7.97 -24.75
C ASN B 10 36.76 -8.18 -25.79
N ASN B 11 36.33 -9.43 -25.94
CA ASN B 11 35.38 -9.80 -26.98
C ASN B 11 34.03 -10.24 -26.42
N SER B 12 33.70 -9.82 -25.20
CA SER B 12 32.41 -10.16 -24.63
C SER B 12 31.29 -9.48 -25.42
N THR B 13 30.10 -10.07 -25.37
CA THR B 13 28.98 -9.56 -26.16
C THR B 13 27.69 -9.60 -25.36
N GLU B 14 27.74 -9.15 -24.12
CA GLU B 14 26.53 -9.00 -23.31
C GLU B 14 25.98 -7.60 -23.46
N LYS B 15 24.66 -7.48 -23.28
CA LYS B 15 23.95 -6.23 -23.53
C LYS B 15 23.27 -5.75 -22.25
N VAL B 16 23.36 -4.45 -22.00
CA VAL B 16 22.69 -3.82 -20.86
C VAL B 16 21.90 -2.63 -21.37
N ASP B 17 21.06 -2.07 -20.50
CA ASP B 17 20.24 -0.93 -20.82
C ASP B 17 20.44 0.16 -19.78
N THR B 18 20.17 1.40 -20.21
CA THR B 18 20.29 2.57 -19.35
C THR B 18 19.19 3.55 -19.71
N ILE B 19 19.17 4.69 -19.01
CA ILE B 19 18.09 5.65 -19.22
C ILE B 19 18.16 6.28 -20.60
N LEU B 20 19.36 6.66 -21.04
CA LEU B 20 19.48 7.40 -22.29
C LEU B 20 19.23 6.50 -23.50
N GLU B 21 20.04 5.46 -23.68
CA GLU B 21 19.83 4.53 -24.79
C GLU B 21 19.63 3.12 -24.25
N ARG B 22 19.43 2.18 -25.16
CA ARG B 22 19.19 0.79 -24.81
C ARG B 22 20.10 -0.13 -25.62
N ASN B 23 20.31 -1.32 -25.08
CA ASN B 23 21.05 -2.40 -25.75
C ASN B 23 22.46 -1.95 -26.13
N VAL B 24 23.24 -1.71 -25.09
CA VAL B 24 24.66 -1.39 -25.23
C VAL B 24 25.48 -2.53 -24.66
N THR B 25 26.71 -2.67 -25.14
CA THR B 25 27.57 -3.79 -24.81
C THR B 25 28.65 -3.39 -23.82
N VAL B 26 28.86 -4.24 -22.81
CA VAL B 26 29.86 -4.00 -21.78
C VAL B 26 30.75 -5.23 -21.65
N THR B 27 31.97 -5.01 -21.15
CA THR B 27 32.94 -6.09 -21.06
C THR B 27 32.50 -7.15 -20.05
N HIS B 28 32.10 -6.72 -18.86
CA HIS B 28 31.71 -7.65 -17.81
C HIS B 28 30.38 -7.19 -17.22
N ALA B 29 29.45 -8.13 -17.08
CA ALA B 29 28.13 -7.83 -16.56
C ALA B 29 27.72 -8.93 -15.59
N GLN B 30 26.70 -8.64 -14.79
CA GLN B 30 26.19 -9.56 -13.81
C GLN B 30 24.68 -9.70 -13.99
N ASP B 31 24.15 -10.81 -13.51
CA ASP B 31 22.72 -11.08 -13.58
C ASP B 31 22.14 -11.18 -12.18
N LEU B 32 20.90 -10.72 -12.03
CA LEU B 32 20.24 -10.72 -10.74
C LEU B 32 18.90 -11.42 -10.73
N LEU B 33 18.38 -11.85 -11.87
CA LEU B 33 17.05 -12.43 -11.96
C LEU B 33 17.15 -13.91 -12.27
N GLU B 34 16.46 -14.73 -11.48
CA GLU B 34 16.40 -16.16 -11.68
C GLU B 34 15.03 -16.52 -12.23
N LYS B 35 15.01 -17.32 -13.31
CA LYS B 35 13.75 -17.59 -13.98
C LYS B 35 13.63 -19.04 -14.43
N THR B 36 14.18 -19.98 -13.67
CA THR B 36 14.09 -21.39 -14.00
C THR B 36 13.67 -22.19 -12.77
N HIS B 37 12.80 -23.17 -12.99
CA HIS B 37 12.35 -24.04 -11.93
C HIS B 37 12.27 -25.46 -12.45
N ASN B 38 12.47 -26.42 -11.55
CA ASN B 38 12.49 -27.83 -11.95
C ASN B 38 11.10 -28.42 -12.14
N GLY B 39 10.05 -27.69 -11.78
CA GLY B 39 8.70 -28.17 -12.03
C GLY B 39 8.32 -29.42 -11.26
N LYS B 40 8.66 -29.48 -9.99
CA LYS B 40 8.34 -30.63 -9.15
C LYS B 40 7.99 -30.15 -7.75
N LEU B 41 7.27 -31.01 -7.03
CA LEU B 41 6.95 -30.78 -5.63
C LEU B 41 7.64 -31.84 -4.80
N CYS B 42 8.41 -31.43 -3.80
CA CYS B 42 9.15 -32.39 -3.01
C CYS B 42 9.29 -31.88 -1.58
N LYS B 43 10.18 -32.52 -0.82
CA LYS B 43 10.27 -32.31 0.61
C LYS B 43 10.76 -30.90 0.92
N LEU B 44 10.86 -30.61 2.22
CA LEU B 44 11.34 -29.32 2.70
C LEU B 44 12.19 -29.61 3.94
N ASN B 45 13.51 -29.60 3.77
CA ASN B 45 14.43 -29.98 4.83
C ASN B 45 14.15 -31.38 5.34
N GLY B 46 13.74 -32.28 4.47
CA GLY B 46 13.51 -33.66 4.86
C GLY B 46 12.23 -33.92 5.61
N ILE B 47 11.25 -33.04 5.50
CA ILE B 47 9.94 -33.24 6.11
C ILE B 47 8.89 -33.23 5.00
N PRO B 48 8.39 -34.40 4.61
CA PRO B 48 7.47 -34.46 3.48
C PRO B 48 6.20 -33.71 3.81
N PRO B 49 5.55 -33.14 2.80
CA PRO B 49 4.32 -32.38 3.03
C PRO B 49 3.15 -33.32 3.24
N LEU B 50 2.01 -32.73 3.56
CA LEU B 50 0.76 -33.48 3.74
C LEU B 50 -0.02 -33.42 2.43
N GLU B 51 -0.28 -34.57 1.84
CA GLU B 51 -0.93 -34.66 0.55
C GLU B 51 -2.37 -35.10 0.75
N LEU B 52 -3.29 -34.15 0.74
CA LEU B 52 -4.70 -34.47 0.94
C LEU B 52 -5.27 -35.27 -0.21
N GLY B 53 -4.62 -35.25 -1.37
CA GLY B 53 -5.10 -36.02 -2.50
C GLY B 53 -6.41 -35.49 -3.04
N ASP B 54 -7.49 -36.25 -2.85
CA ASP B 54 -8.80 -35.90 -3.40
C ASP B 54 -9.80 -35.52 -2.32
N CYS B 55 -9.33 -35.11 -1.14
CA CYS B 55 -10.20 -34.75 -0.04
C CYS B 55 -9.97 -33.30 0.35
N SER B 56 -11.02 -32.66 0.84
CA SER B 56 -10.89 -31.32 1.37
C SER B 56 -10.55 -31.38 2.85
N ILE B 57 -10.29 -30.20 3.43
CA ILE B 57 -9.90 -30.15 4.83
C ILE B 57 -11.03 -30.65 5.71
N ALA B 58 -12.27 -30.26 5.42
CA ALA B 58 -13.40 -30.69 6.22
C ALA B 58 -13.56 -32.20 6.17
N GLY B 59 -13.39 -32.80 4.99
CA GLY B 59 -13.49 -34.24 4.89
C GLY B 59 -12.46 -34.95 5.73
N TRP B 60 -11.23 -34.44 5.73
CA TRP B 60 -10.19 -35.05 6.55
C TRP B 60 -10.51 -34.91 8.03
N LEU B 61 -10.98 -33.73 8.44
CA LEU B 61 -11.21 -33.51 9.86
C LEU B 61 -12.38 -34.35 10.37
N LEU B 62 -13.49 -34.36 9.65
CA LEU B 62 -14.65 -35.11 10.10
C LEU B 62 -14.43 -36.61 9.96
N GLY B 63 -13.60 -37.03 9.03
CA GLY B 63 -13.37 -38.45 8.83
C GLY B 63 -14.27 -39.07 7.77
N ASN B 64 -14.28 -38.48 6.59
CA ASN B 64 -15.03 -39.05 5.48
C ASN B 64 -14.49 -40.45 5.18
N PRO B 65 -15.37 -41.41 4.89
CA PRO B 65 -14.88 -42.78 4.66
C PRO B 65 -13.93 -42.91 3.49
N GLU B 66 -14.03 -42.03 2.49
CA GLU B 66 -13.12 -42.11 1.35
C GLU B 66 -11.68 -41.84 1.78
N CYS B 67 -11.48 -40.84 2.62
CA CYS B 67 -10.14 -40.47 3.07
C CYS B 67 -9.72 -41.34 4.26
N ASP B 68 -9.66 -42.64 4.01
CA ASP B 68 -9.31 -43.57 5.07
C ASP B 68 -7.82 -43.66 5.32
N ARG B 69 -7.00 -43.14 4.40
CA ARG B 69 -5.55 -43.18 4.59
C ARG B 69 -5.04 -42.05 5.48
N LEU B 70 -5.89 -41.09 5.83
CA LEU B 70 -5.48 -39.94 6.61
C LEU B 70 -5.90 -40.04 8.07
N LEU B 71 -6.21 -41.25 8.54
CA LEU B 71 -6.64 -41.39 9.93
C LEU B 71 -5.54 -41.00 10.89
N THR B 72 -4.31 -41.42 10.63
CA THR B 72 -3.15 -41.03 11.42
C THR B 72 -2.12 -40.39 10.49
N VAL B 73 -1.64 -39.21 10.86
CA VAL B 73 -0.77 -38.43 9.99
C VAL B 73 0.48 -38.00 10.75
N PRO B 74 1.66 -38.22 10.20
CA PRO B 74 2.90 -37.74 10.84
C PRO B 74 3.06 -36.25 10.62
N GLU B 75 4.13 -35.71 11.21
CA GLU B 75 4.40 -34.28 11.11
C GLU B 75 4.63 -33.88 9.66
N TRP B 76 4.16 -32.69 9.30
CA TRP B 76 4.30 -32.22 7.92
C TRP B 76 4.97 -30.85 7.85
N SER B 77 5.02 -30.28 6.66
CA SER B 77 5.61 -28.97 6.44
C SER B 77 4.67 -28.02 5.71
N TYR B 78 3.88 -28.52 4.77
CA TYR B 78 2.84 -27.73 4.12
C TYR B 78 1.79 -28.69 3.58
N ILE B 79 0.63 -28.13 3.25
CA ILE B 79 -0.54 -28.92 2.89
C ILE B 79 -0.89 -28.63 1.43
N MET B 80 -1.01 -29.68 0.64
CA MET B 80 -1.40 -29.59 -0.76
C MET B 80 -2.87 -29.94 -0.89
N GLU B 81 -3.63 -29.10 -1.58
CA GLU B 81 -5.06 -29.29 -1.73
C GLU B 81 -5.48 -28.90 -3.13
N LYS B 82 -6.35 -29.70 -3.73
CA LYS B 82 -6.85 -29.39 -5.06
C LYS B 82 -7.79 -28.18 -5.01
N GLU B 83 -8.15 -27.69 -6.18
CA GLU B 83 -9.02 -26.52 -6.25
C GLU B 83 -10.44 -26.86 -5.81
N ASN B 84 -11.01 -27.93 -6.33
CA ASN B 84 -12.38 -28.35 -6.01
C ASN B 84 -12.36 -29.83 -5.69
N PRO B 85 -12.05 -30.18 -4.44
CA PRO B 85 -11.98 -31.60 -4.08
C PRO B 85 -13.34 -32.27 -4.27
N ARG B 86 -13.29 -33.55 -4.62
CA ARG B 86 -14.52 -34.29 -4.86
C ARG B 86 -15.16 -34.75 -3.55
N ASN B 87 -14.38 -35.39 -2.69
CA ASN B 87 -14.91 -35.93 -1.42
C ASN B 87 -14.78 -34.85 -0.36
N GLY B 88 -15.86 -34.13 -0.12
CA GLY B 88 -15.90 -33.17 0.96
C GLY B 88 -16.84 -33.64 2.06
N LEU B 89 -18.06 -33.08 2.07
CA LEU B 89 -19.09 -33.50 3.01
C LEU B 89 -19.98 -34.52 2.30
N CYS B 90 -19.88 -35.78 2.72
CA CYS B 90 -20.71 -36.82 2.10
C CYS B 90 -22.19 -36.52 2.30
N TYR B 91 -22.59 -36.27 3.53
CA TYR B 91 -23.93 -35.81 3.80
C TYR B 91 -24.01 -34.31 3.54
N PRO B 92 -24.95 -33.84 2.73
CA PRO B 92 -24.98 -32.43 2.38
C PRO B 92 -25.18 -31.56 3.61
N GLY B 93 -24.58 -30.37 3.57
CA GLY B 93 -24.69 -29.47 4.70
C GLY B 93 -23.86 -28.21 4.57
N SER B 94 -23.27 -27.76 5.67
CA SER B 94 -22.50 -26.53 5.68
C SER B 94 -21.56 -26.55 6.87
N PHE B 95 -20.59 -25.65 6.83
CA PHE B 95 -19.59 -25.51 7.89
C PHE B 95 -19.53 -24.05 8.28
N ASN B 96 -19.52 -23.78 9.59
CA ASN B 96 -19.55 -22.41 10.08
C ASN B 96 -18.13 -21.89 10.28
N ASP B 97 -17.87 -20.69 9.77
CA ASP B 97 -16.57 -20.04 9.91
C ASP B 97 -15.46 -20.93 9.37
N TYR B 98 -15.67 -21.44 8.16
CA TYR B 98 -14.68 -22.32 7.54
C TYR B 98 -13.36 -21.59 7.33
N GLU B 99 -13.41 -20.36 6.84
CA GLU B 99 -12.20 -19.64 6.47
C GLU B 99 -11.34 -19.34 7.70
N GLU B 100 -11.97 -18.98 8.82
CA GLU B 100 -11.20 -18.74 10.02
C GLU B 100 -10.49 -20.00 10.48
N LEU B 101 -11.17 -21.15 10.37
CA LEU B 101 -10.52 -22.41 10.71
C LEU B 101 -9.33 -22.68 9.81
N LYS B 102 -9.48 -22.43 8.51
CA LYS B 102 -8.36 -22.64 7.60
C LYS B 102 -7.19 -21.73 7.93
N HIS B 103 -7.48 -20.46 8.23
CA HIS B 103 -6.41 -19.53 8.58
C HIS B 103 -5.71 -19.94 9.85
N LEU B 104 -6.45 -20.44 10.84
CA LEU B 104 -5.83 -20.96 12.04
C LEU B 104 -4.97 -22.17 11.73
N LEU B 105 -5.46 -23.05 10.85
CA LEU B 105 -4.71 -24.25 10.50
C LEU B 105 -3.46 -23.94 9.71
N SER B 106 -3.39 -22.77 9.08
CA SER B 106 -2.24 -22.44 8.25
C SER B 106 -0.94 -22.36 9.04
N SER B 107 -1.00 -22.27 10.36
CA SER B 107 0.20 -22.11 11.18
C SER B 107 0.31 -23.21 12.23
N VAL B 108 -0.10 -24.42 11.88
CA VAL B 108 0.01 -25.58 12.76
C VAL B 108 0.69 -26.70 11.99
N THR B 109 1.68 -27.33 12.62
CA THR B 109 2.50 -28.31 11.93
C THR B 109 2.14 -29.75 12.26
N HIS B 110 1.74 -30.03 13.49
CA HIS B 110 1.44 -31.40 13.89
C HIS B 110 0.12 -31.45 14.64
N PHE B 111 -0.55 -32.60 14.59
CA PHE B 111 -1.77 -32.84 15.33
C PHE B 111 -1.61 -34.10 16.16
N GLU B 112 -2.63 -34.39 16.97
CA GLU B 112 -2.60 -35.56 17.84
C GLU B 112 -4.04 -35.87 18.23
N LYS B 113 -4.56 -37.01 17.78
CA LYS B 113 -5.95 -37.35 18.05
C LYS B 113 -6.08 -37.91 19.45
N VAL B 114 -7.05 -37.39 20.21
CA VAL B 114 -7.29 -37.81 21.58
C VAL B 114 -8.76 -38.19 21.71
N LYS B 115 -9.02 -39.35 22.31
CA LYS B 115 -10.38 -39.79 22.53
C LYS B 115 -10.91 -39.15 23.81
N ILE B 116 -11.95 -38.34 23.67
CA ILE B 116 -12.53 -37.62 24.80
C ILE B 116 -13.82 -38.26 25.27
N LEU B 117 -14.75 -38.54 24.36
CA LEU B 117 -16.04 -39.11 24.71
C LEU B 117 -16.17 -40.49 24.09
N PRO B 118 -15.91 -41.56 24.83
CA PRO B 118 -16.02 -42.91 24.25
C PRO B 118 -17.44 -43.17 23.75
N LYS B 119 -17.52 -43.90 22.65
CA LYS B 119 -18.82 -44.14 22.01
C LYS B 119 -19.74 -44.94 22.92
N ASP B 120 -19.20 -45.91 23.64
CA ASP B 120 -20.01 -46.79 24.47
C ASP B 120 -20.60 -46.09 25.69
N ARG B 121 -20.18 -44.87 25.99
CA ARG B 121 -20.68 -44.19 27.18
C ARG B 121 -22.16 -43.85 27.08
N TRP B 122 -22.72 -43.78 25.87
CA TRP B 122 -24.13 -43.47 25.69
C TRP B 122 -24.91 -44.78 25.77
N THR B 123 -25.31 -45.14 26.98
CA THR B 123 -26.00 -46.40 27.21
C THR B 123 -27.51 -46.28 27.13
N GLN B 124 -28.03 -45.10 26.81
CA GLN B 124 -29.48 -44.90 26.73
C GLN B 124 -29.93 -44.43 25.36
N HIS B 125 -29.10 -44.59 24.34
CA HIS B 125 -29.43 -44.16 22.99
C HIS B 125 -28.92 -45.20 22.00
N THR B 126 -29.21 -44.98 20.73
CA THR B 126 -28.73 -45.82 19.65
C THR B 126 -27.66 -45.06 18.87
N THR B 127 -26.51 -45.68 18.67
CA THR B 127 -25.35 -45.04 18.07
C THR B 127 -24.87 -45.79 16.84
N THR B 128 -25.81 -46.32 16.05
CA THR B 128 -25.46 -47.05 14.84
C THR B 128 -26.14 -46.45 13.62
N GLY B 129 -26.37 -45.13 13.63
CA GLY B 129 -26.98 -44.48 12.50
C GLY B 129 -26.06 -44.44 11.30
N GLY B 130 -26.67 -44.23 10.14
CA GLY B 130 -25.90 -44.15 8.90
C GLY B 130 -26.82 -43.80 7.75
N SER B 131 -26.20 -43.52 6.61
CA SER B 131 -26.96 -43.10 5.44
C SER B 131 -26.27 -43.61 4.19
N ARG B 132 -27.02 -43.62 3.08
CA ARG B 132 -26.44 -44.00 1.80
C ARG B 132 -25.54 -42.93 1.22
N ALA B 133 -25.63 -41.70 1.72
CA ALA B 133 -24.77 -40.64 1.20
C ALA B 133 -23.30 -40.95 1.46
N CYS B 134 -22.99 -41.44 2.66
CA CYS B 134 -21.65 -41.91 2.99
C CYS B 134 -21.73 -43.42 3.11
N ALA B 135 -21.62 -44.09 1.97
CA ALA B 135 -21.81 -45.53 1.88
C ALA B 135 -20.54 -46.21 1.41
N VAL B 136 -20.18 -47.30 2.07
CA VAL B 136 -19.05 -48.14 1.66
C VAL B 136 -19.57 -49.55 1.44
N SER B 137 -19.18 -50.15 0.32
CA SER B 137 -19.56 -51.52 -0.01
C SER B 137 -21.07 -51.71 0.06
N GLY B 138 -21.81 -50.69 -0.37
CA GLY B 138 -23.27 -50.76 -0.36
C GLY B 138 -23.95 -50.43 0.96
N SER B 139 -23.45 -50.96 2.07
CA SER B 139 -24.08 -50.73 3.35
C SER B 139 -23.93 -49.27 3.77
N PRO B 140 -24.94 -48.68 4.40
CA PRO B 140 -24.82 -47.30 4.85
C PRO B 140 -23.80 -47.17 5.97
N SER B 141 -23.21 -45.97 6.06
CA SER B 141 -22.21 -45.69 7.07
C SER B 141 -22.30 -44.21 7.44
N PHE B 142 -21.28 -43.73 8.13
CA PHE B 142 -21.25 -42.35 8.60
C PHE B 142 -19.79 -41.92 8.72
N PHE B 143 -19.60 -40.70 9.23
CA PHE B 143 -18.24 -40.22 9.46
C PHE B 143 -17.56 -41.07 10.53
N ARG B 144 -16.24 -41.09 10.49
CA ARG B 144 -15.47 -41.92 11.41
C ARG B 144 -15.11 -41.23 12.71
N ASN B 145 -15.52 -39.98 12.89
CA ASN B 145 -15.23 -39.24 14.11
C ASN B 145 -16.46 -38.81 14.88
N MET B 146 -17.57 -38.52 14.21
CA MET B 146 -18.78 -38.11 14.87
C MET B 146 -19.64 -39.32 15.22
N VAL B 147 -20.65 -39.09 16.05
CA VAL B 147 -21.61 -40.10 16.45
C VAL B 147 -23.01 -39.56 16.24
N TRP B 148 -23.87 -40.35 15.61
CA TRP B 148 -25.25 -39.97 15.36
C TRP B 148 -26.12 -40.59 16.44
N LEU B 149 -26.65 -39.76 17.34
CA LEU B 149 -27.48 -40.24 18.43
C LEU B 149 -28.93 -40.27 17.98
N THR B 150 -29.54 -41.44 18.06
CA THR B 150 -30.95 -41.61 17.74
C THR B 150 -31.67 -42.25 18.91
N LYS B 151 -32.99 -42.21 18.87
CA LYS B 151 -33.79 -42.74 19.95
C LYS B 151 -33.61 -44.25 20.08
N LYS B 152 -33.71 -44.73 21.31
CA LYS B 152 -33.66 -46.16 21.60
C LYS B 152 -35.02 -46.60 22.12
N GLY B 153 -35.57 -47.65 21.52
CA GLY B 153 -36.92 -48.04 21.86
C GLY B 153 -37.91 -47.02 21.34
N SER B 154 -38.51 -46.25 22.23
CA SER B 154 -39.43 -45.20 21.80
C SER B 154 -39.28 -43.92 22.61
N ASN B 155 -38.17 -43.73 23.29
CA ASN B 155 -37.97 -42.56 24.14
C ASN B 155 -36.58 -41.98 23.89
N TYR B 156 -36.45 -40.69 24.18
CA TYR B 156 -35.20 -39.96 24.00
C TYR B 156 -34.89 -39.21 25.29
N PRO B 157 -34.26 -39.87 26.25
CA PRO B 157 -33.84 -39.18 27.46
C PRO B 157 -32.84 -38.09 27.14
N VAL B 158 -32.83 -37.04 27.96
CA VAL B 158 -31.92 -35.93 27.73
C VAL B 158 -30.48 -36.42 27.80
N ALA B 159 -29.63 -35.90 26.93
CA ALA B 159 -28.26 -36.34 26.79
C ALA B 159 -27.32 -35.32 27.41
N LYS B 160 -26.40 -35.80 28.25
CA LYS B 160 -25.44 -34.95 28.92
C LYS B 160 -24.04 -35.53 28.78
N GLY B 161 -23.08 -34.67 28.49
CA GLY B 161 -21.69 -35.09 28.38
C GLY B 161 -20.78 -33.92 28.64
N SER B 162 -19.58 -34.23 29.16
CA SER B 162 -18.63 -33.19 29.50
C SER B 162 -17.22 -33.76 29.42
N TYR B 163 -16.25 -32.86 29.28
CA TYR B 163 -14.86 -33.23 29.23
C TYR B 163 -14.02 -32.12 29.85
N ASN B 164 -12.97 -32.51 30.57
CA ASN B 164 -12.06 -31.57 31.21
C ASN B 164 -10.70 -31.69 30.54
N ASN B 165 -10.19 -30.58 30.02
CA ASN B 165 -8.99 -30.59 29.18
C ASN B 165 -7.75 -30.64 30.06
N THR B 166 -7.23 -31.85 30.29
CA THR B 166 -6.01 -32.04 31.04
C THR B 166 -4.89 -32.60 30.17
N SER B 167 -5.04 -32.52 28.85
CA SER B 167 -4.05 -33.12 27.96
C SER B 167 -2.70 -32.44 28.09
N GLY B 168 -2.69 -31.13 28.24
CA GLY B 168 -1.46 -30.37 28.32
C GLY B 168 -1.29 -29.34 27.21
N GLU B 169 -2.26 -29.16 26.33
CA GLU B 169 -2.18 -28.15 25.29
C GLU B 169 -3.59 -27.83 24.81
N GLN B 170 -3.68 -26.82 23.96
CA GLN B 170 -4.97 -26.41 23.44
C GLN B 170 -5.57 -27.52 22.59
N MET B 171 -6.89 -27.58 22.57
CA MET B 171 -7.61 -28.63 21.87
C MET B 171 -8.61 -28.00 20.90
N LEU B 172 -8.97 -28.75 19.87
CA LEU B 172 -9.94 -28.34 18.89
C LEU B 172 -11.09 -29.34 18.89
N VAL B 173 -12.32 -28.85 19.05
CA VAL B 173 -13.50 -29.69 19.18
C VAL B 173 -14.52 -29.28 18.14
N ILE B 174 -15.20 -30.26 17.55
CA ILE B 174 -16.17 -30.03 16.49
C ILE B 174 -17.45 -30.79 16.82
N TRP B 175 -18.60 -30.14 16.67
CA TRP B 175 -19.90 -30.77 16.85
C TRP B 175 -20.82 -30.30 15.74
N GLY B 176 -22.02 -30.87 15.70
CA GLY B 176 -22.94 -30.53 14.62
C GLY B 176 -24.39 -30.76 14.99
N VAL B 177 -25.27 -30.11 14.22
CA VAL B 177 -26.72 -30.19 14.41
C VAL B 177 -27.33 -30.67 13.09
N HIS B 178 -28.45 -31.37 13.20
CA HIS B 178 -29.11 -31.95 12.04
C HIS B 178 -30.48 -31.32 11.84
N HIS B 179 -30.76 -30.89 10.61
CA HIS B 179 -32.06 -30.34 10.25
C HIS B 179 -32.81 -31.35 9.40
N PRO B 180 -33.89 -31.95 9.90
CA PRO B 180 -34.66 -32.87 9.05
C PRO B 180 -35.38 -32.13 7.94
N ASN B 181 -36.18 -32.83 7.14
CA ASN B 181 -36.86 -32.21 6.03
C ASN B 181 -38.38 -32.29 6.13
N ASP B 182 -38.93 -32.94 7.14
CA ASP B 182 -40.36 -32.98 7.35
C ASP B 182 -40.64 -33.39 8.80
N GLU B 183 -41.87 -33.15 9.24
CA GLU B 183 -42.24 -33.48 10.61
C GLU B 183 -42.18 -34.98 10.86
N ALA B 184 -42.62 -35.78 9.89
CA ALA B 184 -42.62 -37.22 10.08
C ALA B 184 -41.20 -37.76 10.28
N GLU B 185 -40.23 -37.22 9.53
CA GLU B 185 -38.85 -37.62 9.70
C GLU B 185 -38.36 -37.33 11.11
N GLN B 186 -38.67 -36.13 11.62
CA GLN B 186 -38.24 -35.77 12.96
C GLN B 186 -38.87 -36.68 14.01
N ARG B 187 -40.16 -36.96 13.85
CA ARG B 187 -40.83 -37.84 14.79
C ARG B 187 -40.23 -39.24 14.75
N THR B 188 -39.94 -39.74 13.56
CA THR B 188 -39.36 -41.07 13.44
C THR B 188 -37.95 -41.13 14.05
N LEU B 189 -37.21 -40.03 13.95
CA LEU B 189 -35.82 -40.07 14.40
C LEU B 189 -35.68 -39.82 15.90
N TYR B 190 -36.40 -38.85 16.45
CA TYR B 190 -36.15 -38.43 17.82
C TYR B 190 -37.38 -38.46 18.74
N GLN B 191 -38.56 -38.76 18.22
CA GLN B 191 -39.79 -38.95 19.00
C GLN B 191 -40.31 -37.66 19.64
N ASN B 192 -39.59 -36.55 19.53
CA ASN B 192 -40.02 -35.30 20.14
C ASN B 192 -39.83 -34.16 19.15
N VAL B 193 -40.61 -33.11 19.34
CA VAL B 193 -40.51 -31.91 18.53
C VAL B 193 -40.11 -30.74 19.42
N GLY B 194 -39.69 -29.66 18.79
CA GLY B 194 -39.23 -28.50 19.55
C GLY B 194 -38.03 -28.77 20.41
N THR B 195 -37.05 -29.48 19.88
CA THR B 195 -35.85 -29.83 20.63
C THR B 195 -34.84 -28.71 20.55
N TYR B 196 -33.67 -28.92 21.15
CA TYR B 196 -32.63 -27.91 21.18
C TYR B 196 -31.29 -28.57 21.42
N VAL B 197 -30.23 -27.86 21.08
CA VAL B 197 -28.86 -28.30 21.30
C VAL B 197 -28.12 -27.17 22.00
N SER B 198 -27.52 -27.47 23.15
CA SER B 198 -26.87 -26.47 23.99
C SER B 198 -25.41 -26.84 24.17
N VAL B 199 -24.52 -25.89 23.89
CA VAL B 199 -23.09 -26.07 24.10
C VAL B 199 -22.58 -24.91 24.94
N GLY B 200 -21.89 -25.22 26.02
CA GLY B 200 -21.40 -24.19 26.90
C GLY B 200 -20.01 -24.44 27.43
N THR B 201 -19.13 -23.46 27.28
CA THR B 201 -17.80 -23.54 27.87
C THR B 201 -17.53 -22.31 28.72
N SER B 202 -16.30 -22.15 29.19
CA SER B 202 -15.97 -21.00 30.02
C SER B 202 -16.05 -19.69 29.27
N THR B 203 -16.09 -19.73 27.95
CA THR B 203 -16.14 -18.49 27.18
C THR B 203 -17.25 -18.48 26.15
N VAL B 204 -17.53 -19.61 25.51
CA VAL B 204 -18.51 -19.69 24.44
C VAL B 204 -19.80 -20.27 25.01
N ASN B 205 -20.92 -19.60 24.75
CA ASN B 205 -22.23 -20.03 25.18
C ASN B 205 -23.17 -19.97 23.99
N LYS B 206 -23.72 -21.12 23.59
CA LYS B 206 -24.48 -21.20 22.37
C LYS B 206 -25.69 -22.11 22.56
N ARG B 207 -26.69 -21.93 21.70
CA ARG B 207 -27.89 -22.75 21.74
C ARG B 207 -28.55 -22.66 20.38
N SER B 208 -28.81 -23.82 19.77
CA SER B 208 -29.39 -23.89 18.43
C SER B 208 -30.70 -24.66 18.47
N ILE B 209 -31.60 -24.29 17.56
CA ILE B 209 -32.91 -24.90 17.45
C ILE B 209 -32.99 -25.56 16.08
N PRO B 210 -33.29 -26.85 16.00
CA PRO B 210 -33.41 -27.49 14.69
C PRO B 210 -34.52 -26.86 13.87
N GLU B 211 -34.31 -26.82 12.57
CA GLU B 211 -35.22 -26.19 11.63
C GLU B 211 -35.72 -27.22 10.63
N ILE B 212 -37.00 -27.12 10.27
CA ILE B 212 -37.63 -28.07 9.37
C ILE B 212 -38.22 -27.31 8.18
N ALA B 213 -37.90 -27.78 6.97
CA ALA B 213 -38.43 -27.21 5.74
C ALA B 213 -38.22 -28.22 4.62
N THR B 214 -38.69 -27.87 3.43
CA THR B 214 -38.52 -28.71 2.24
C THR B 214 -37.48 -28.08 1.33
N ARG B 215 -36.54 -28.88 0.87
CA ARG B 215 -35.41 -28.42 0.09
C ARG B 215 -35.20 -29.35 -1.09
N PRO B 216 -34.53 -28.88 -2.14
CA PRO B 216 -34.21 -29.77 -3.26
C PRO B 216 -33.25 -30.87 -2.84
N LYS B 217 -33.35 -32.00 -3.51
CA LYS B 217 -32.52 -33.15 -3.17
C LYS B 217 -31.09 -32.93 -3.66
N VAL B 218 -30.13 -33.13 -2.77
CA VAL B 218 -28.72 -33.10 -3.12
C VAL B 218 -28.09 -34.39 -2.63
N ASN B 219 -27.37 -35.08 -3.51
CA ASN B 219 -26.77 -36.37 -3.21
C ASN B 219 -27.83 -37.38 -2.77
N GLY B 220 -29.06 -37.19 -3.22
CA GLY B 220 -30.13 -38.07 -2.82
C GLY B 220 -30.63 -37.87 -1.41
N GLN B 221 -30.40 -36.70 -0.81
CA GLN B 221 -30.84 -36.41 0.54
C GLN B 221 -31.56 -35.07 0.58
N GLY B 222 -32.49 -34.95 1.51
CA GLY B 222 -33.23 -33.72 1.68
C GLY B 222 -32.84 -32.95 2.92
N GLY B 223 -32.20 -33.65 3.87
CA GLY B 223 -31.77 -33.02 5.10
C GLY B 223 -30.50 -32.23 4.93
N ARG B 224 -30.07 -31.61 6.03
CA ARG B 224 -28.83 -30.86 6.06
C ARG B 224 -28.19 -31.03 7.42
N MET B 225 -26.88 -30.79 7.49
CA MET B 225 -26.14 -30.83 8.75
C MET B 225 -25.30 -29.58 8.85
N GLU B 226 -25.35 -28.93 10.01
CA GLU B 226 -24.58 -27.72 10.27
C GLU B 226 -23.56 -28.00 11.34
N PHE B 227 -22.30 -27.66 11.07
CA PHE B 227 -21.19 -27.96 11.96
C PHE B 227 -20.58 -26.68 12.50
N SER B 228 -20.06 -26.77 13.72
CA SER B 228 -19.40 -25.65 14.37
C SER B 228 -18.21 -26.16 15.15
N TRP B 229 -17.30 -25.24 15.47
CA TRP B 229 -16.04 -25.61 16.11
C TRP B 229 -15.67 -24.57 17.14
N THR B 230 -14.76 -24.95 18.03
CA THR B 230 -14.26 -24.05 19.06
C THR B 230 -12.90 -24.54 19.51
N ILE B 231 -12.20 -23.70 20.25
CA ILE B 231 -10.87 -24.01 20.76
C ILE B 231 -10.95 -24.09 22.27
N LEU B 232 -10.62 -25.25 22.82
CA LEU B 232 -10.57 -25.42 24.26
C LEU B 232 -9.24 -24.88 24.78
N ASP B 233 -9.27 -24.38 26.01
CA ASP B 233 -8.08 -23.86 26.64
C ASP B 233 -7.51 -24.89 27.62
N MET B 234 -6.38 -24.54 28.22
CA MET B 234 -5.78 -25.42 29.21
C MET B 234 -6.60 -25.43 30.48
N LEU B 235 -6.79 -26.63 31.03
CA LEU B 235 -7.52 -26.82 32.29
C LEU B 235 -8.94 -26.26 32.22
N ASP B 236 -9.55 -26.31 31.05
CA ASP B 236 -10.92 -25.88 30.86
C ASP B 236 -11.83 -27.08 30.63
N THR B 237 -13.13 -26.83 30.66
CA THR B 237 -14.12 -27.88 30.46
C THR B 237 -15.20 -27.41 29.51
N ILE B 238 -15.84 -28.37 28.85
CA ILE B 238 -16.91 -28.09 27.89
C ILE B 238 -18.06 -29.03 28.19
N ASN B 239 -19.28 -28.51 28.17
CA ASN B 239 -20.47 -29.27 28.54
C ASN B 239 -21.42 -29.37 27.36
N PHE B 240 -21.90 -30.58 27.11
CA PHE B 240 -22.84 -30.85 26.04
C PHE B 240 -24.19 -31.25 26.64
N GLU B 241 -25.26 -30.70 26.09
CA GLU B 241 -26.60 -31.05 26.55
C GLU B 241 -27.59 -30.75 25.44
N SER B 242 -28.45 -31.72 25.14
CA SER B 242 -29.44 -31.54 24.09
C SER B 242 -30.55 -32.57 24.24
N THR B 243 -31.65 -32.33 23.53
CA THR B 243 -32.80 -33.21 23.52
C THR B 243 -33.02 -33.88 22.17
N GLY B 244 -32.09 -33.73 21.26
CA GLY B 244 -32.21 -34.36 19.95
C GLY B 244 -31.45 -33.57 18.90
N ASN B 245 -31.34 -34.17 17.71
CA ASN B 245 -30.66 -33.55 16.57
C ASN B 245 -29.23 -33.18 16.91
N LEU B 246 -28.57 -34.00 17.73
CA LEU B 246 -27.20 -33.72 18.16
C LEU B 246 -26.24 -34.70 17.49
N ILE B 247 -25.16 -34.16 16.93
CA ILE B 247 -24.10 -34.98 16.37
C ILE B 247 -22.86 -34.84 17.23
N ALA B 248 -22.71 -35.71 18.20
CA ALA B 248 -21.65 -35.56 19.18
C ALA B 248 -20.31 -35.97 18.61
N PRO B 249 -19.22 -35.36 19.06
CA PRO B 249 -17.90 -35.79 18.64
C PRO B 249 -17.40 -36.96 19.46
N GLU B 250 -16.37 -37.61 18.94
CA GLU B 250 -15.70 -38.68 19.64
C GLU B 250 -14.20 -38.50 19.77
N TYR B 251 -13.58 -37.66 18.94
CA TYR B 251 -12.15 -37.40 19.01
C TYR B 251 -11.92 -35.91 19.03
N GLY B 252 -10.95 -35.48 19.82
CA GLY B 252 -10.51 -34.10 19.85
C GLY B 252 -9.07 -34.01 19.41
N PHE B 253 -8.75 -32.98 18.66
CA PHE B 253 -7.40 -32.80 18.12
C PHE B 253 -6.61 -31.90 19.04
N LYS B 254 -5.48 -32.40 19.52
CA LYS B 254 -4.59 -31.64 20.39
C LYS B 254 -3.49 -31.00 19.56
N ILE B 255 -3.31 -29.70 19.72
CA ILE B 255 -2.33 -28.97 18.93
C ILE B 255 -0.96 -29.13 19.56
N SER B 256 -0.05 -29.75 18.82
CA SER B 256 1.33 -29.89 19.25
C SER B 256 2.24 -29.49 18.10
N LYS B 257 3.42 -28.97 18.45
CA LYS B 257 4.41 -28.53 17.47
C LYS B 257 3.83 -27.46 16.56
N ARG B 258 3.51 -26.32 17.15
CA ARG B 258 3.12 -25.16 16.37
C ARG B 258 4.34 -24.56 15.68
N GLY B 259 4.16 -24.11 14.45
CA GLY B 259 5.26 -23.55 13.69
C GLY B 259 4.80 -22.68 12.55
N SER B 260 5.52 -22.73 11.42
CA SER B 260 5.19 -21.96 10.23
C SER B 260 4.93 -22.90 9.07
N SER B 261 3.81 -22.72 8.40
CA SER B 261 3.41 -23.61 7.32
C SER B 261 2.55 -22.82 6.33
N GLY B 262 1.81 -23.53 5.50
CA GLY B 262 0.94 -22.88 4.54
C GLY B 262 0.04 -23.90 3.88
N ILE B 263 -0.87 -23.38 3.06
CA ILE B 263 -1.80 -24.20 2.30
C ILE B 263 -1.52 -23.98 0.82
N MET B 264 -1.45 -25.06 0.07
CA MET B 264 -0.91 -25.05 -1.28
C MET B 264 -2.03 -25.46 -2.23
N LYS B 265 -2.24 -24.69 -3.29
CA LYS B 265 -3.31 -24.97 -4.24
C LYS B 265 -2.70 -25.45 -5.55
N THR B 266 -2.74 -26.76 -5.78
CA THR B 266 -2.14 -27.33 -6.98
C THR B 266 -2.79 -28.66 -7.30
N GLU B 267 -2.56 -29.12 -8.53
CA GLU B 267 -3.04 -30.41 -8.99
C GLU B 267 -1.92 -31.43 -9.10
N GLY B 268 -0.73 -31.10 -8.61
CA GLY B 268 0.42 -31.98 -8.75
C GLY B 268 0.41 -33.08 -7.71
N THR B 269 1.49 -33.85 -7.71
CA THR B 269 1.66 -34.95 -6.78
C THR B 269 3.08 -34.93 -6.21
N LEU B 270 3.22 -35.46 -5.01
CA LEU B 270 4.51 -35.49 -4.34
C LEU B 270 5.48 -36.39 -5.09
N GLU B 271 6.74 -35.97 -5.15
CA GLU B 271 7.80 -36.72 -5.82
C GLU B 271 8.96 -36.89 -4.85
N ASN B 272 9.99 -37.59 -5.30
CA ASN B 272 11.18 -37.85 -4.49
C ASN B 272 12.22 -36.81 -4.85
N CYS B 273 12.39 -35.81 -4.00
CA CYS B 273 13.33 -34.72 -4.24
C CYS B 273 13.56 -33.99 -2.93
N GLU B 274 14.49 -33.03 -2.95
CA GLU B 274 14.75 -32.19 -1.81
C GLU B 274 15.02 -30.77 -2.31
N THR B 275 14.47 -29.79 -1.62
CA THR B 275 14.66 -28.40 -2.01
C THR B 275 14.82 -27.56 -0.75
N LYS B 276 14.73 -26.24 -0.92
CA LYS B 276 14.93 -25.33 0.20
C LYS B 276 13.83 -24.28 0.23
N CYS B 277 13.18 -24.02 -0.91
CA CYS B 277 11.96 -23.25 -0.95
C CYS B 277 11.10 -23.75 -2.10
N GLN B 278 9.79 -23.66 -1.95
CA GLN B 278 8.84 -24.30 -2.83
C GLN B 278 7.85 -23.29 -3.38
N THR B 279 7.42 -23.51 -4.62
CA THR B 279 6.46 -22.68 -5.34
C THR B 279 5.41 -23.58 -5.95
N PRO B 280 4.24 -23.03 -6.30
CA PRO B 280 3.20 -23.86 -6.92
C PRO B 280 3.60 -24.46 -8.24
N LEU B 281 4.61 -23.91 -8.90
CA LEU B 281 5.04 -24.41 -10.20
C LEU B 281 6.30 -25.26 -10.13
N GLY B 282 6.97 -25.30 -8.98
CA GLY B 282 8.17 -26.10 -8.87
C GLY B 282 9.03 -25.58 -7.73
N ALA B 283 10.23 -26.15 -7.65
CA ALA B 283 11.21 -25.77 -6.64
C ALA B 283 12.23 -24.81 -7.23
N ILE B 284 12.96 -24.14 -6.35
CA ILE B 284 13.94 -23.13 -6.72
C ILE B 284 15.24 -23.43 -6.03
N ASN B 285 16.33 -23.48 -6.79
CA ASN B 285 17.67 -23.72 -6.26
C ASN B 285 18.61 -22.69 -6.89
N THR B 286 18.79 -21.56 -6.23
CA THR B 286 19.61 -20.49 -6.77
C THR B 286 20.13 -19.63 -5.65
N THR B 287 21.12 -18.80 -5.97
CA THR B 287 21.70 -17.86 -5.03
C THR B 287 21.44 -16.40 -5.39
N LEU B 288 20.83 -16.14 -6.54
CA LEU B 288 20.51 -14.78 -6.91
C LEU B 288 19.38 -14.25 -6.03
N PRO B 289 19.33 -12.93 -5.81
CA PRO B 289 18.35 -12.37 -4.88
C PRO B 289 16.97 -12.06 -5.46
N PHE B 290 16.71 -12.38 -6.72
CA PHE B 290 15.42 -12.07 -7.32
C PHE B 290 14.93 -13.23 -8.17
N HIS B 291 13.62 -13.32 -8.31
CA HIS B 291 13.00 -14.34 -9.16
C HIS B 291 11.63 -13.84 -9.58
N ASN B 292 11.10 -14.45 -10.64
CA ASN B 292 9.83 -14.03 -11.20
C ASN B 292 8.97 -15.23 -11.55
N ILE B 293 8.96 -16.24 -10.68
CA ILE B 293 8.22 -17.45 -10.97
C ILE B 293 6.80 -17.39 -10.45
N HIS B 294 6.62 -17.09 -9.16
CA HIS B 294 5.29 -17.04 -8.58
C HIS B 294 5.34 -16.26 -7.29
N PRO B 295 4.32 -15.43 -7.00
CA PRO B 295 4.38 -14.60 -5.79
C PRO B 295 4.31 -15.38 -4.49
N LEU B 296 3.73 -16.58 -4.47
CA LEU B 296 3.52 -17.32 -3.24
C LEU B 296 4.58 -18.41 -3.11
N THR B 297 5.43 -18.29 -2.10
CA THR B 297 6.48 -19.27 -1.84
C THR B 297 6.45 -19.66 -0.37
N ILE B 298 7.06 -20.80 -0.06
CA ILE B 298 7.13 -21.32 1.30
C ILE B 298 8.59 -21.56 1.64
N GLY B 299 9.00 -21.16 2.82
CA GLY B 299 10.40 -21.22 3.21
C GLY B 299 11.14 -20.00 2.74
N GLU B 300 12.40 -19.91 3.14
CA GLU B 300 13.24 -18.79 2.74
C GLU B 300 13.53 -18.90 1.24
N CYS B 301 13.24 -17.81 0.52
CA CYS B 301 13.26 -17.79 -0.93
C CYS B 301 13.41 -16.34 -1.37
N PRO B 302 14.12 -16.08 -2.46
CA PRO B 302 14.39 -14.69 -2.85
C PRO B 302 13.13 -13.90 -3.17
N LYS B 303 13.27 -12.58 -3.29
CA LYS B 303 12.12 -11.71 -3.47
C LYS B 303 11.54 -11.86 -4.87
N TYR B 304 10.27 -11.49 -5.00
CA TYR B 304 9.52 -11.66 -6.24
C TYR B 304 9.39 -10.32 -6.94
N VAL B 305 9.66 -10.32 -8.25
CA VAL B 305 9.63 -9.11 -9.05
C VAL B 305 8.87 -9.41 -10.33
N LYS B 306 7.91 -8.55 -10.67
CA LYS B 306 7.07 -8.79 -11.85
C LYS B 306 7.70 -8.23 -13.11
N SER B 307 8.96 -8.58 -13.37
CA SER B 307 9.65 -8.12 -14.56
C SER B 307 10.24 -9.31 -15.30
N GLU B 308 11.12 -9.06 -16.27
CA GLU B 308 11.71 -10.15 -17.02
C GLU B 308 13.22 -10.03 -17.25
N LYS B 309 13.82 -8.86 -17.10
CA LYS B 309 15.25 -8.70 -17.30
C LYS B 309 15.82 -7.78 -16.23
N LEU B 310 16.96 -8.17 -15.66
CA LEU B 310 17.60 -7.36 -14.62
C LEU B 310 19.09 -7.66 -14.67
N VAL B 311 19.85 -6.79 -15.33
CA VAL B 311 21.29 -6.99 -15.53
C VAL B 311 22.02 -5.75 -15.04
N LEU B 312 23.03 -5.96 -14.20
CA LEU B 312 23.80 -4.88 -13.61
C LEU B 312 25.15 -4.81 -14.30
N ALA B 313 25.39 -3.75 -15.06
CA ALA B 313 26.64 -3.59 -15.78
C ALA B 313 27.75 -3.22 -14.81
N THR B 314 28.87 -3.95 -14.89
CA THR B 314 30.02 -3.69 -14.03
C THR B 314 31.30 -3.53 -14.84
N GLY B 315 31.21 -3.25 -16.13
CA GLY B 315 32.39 -3.12 -16.95
C GLY B 315 32.49 -1.79 -17.66
N LEU B 316 33.04 -1.81 -18.87
CA LEU B 316 33.19 -0.61 -19.70
C LEU B 316 32.50 -0.83 -21.03
N ARG B 317 32.37 0.25 -21.79
CA ARG B 317 31.85 0.13 -23.15
C ARG B 317 32.84 -0.64 -24.01
N ASN B 318 32.31 -1.49 -24.90
CA ASN B 318 33.14 -2.34 -25.74
C ASN B 318 33.33 -1.70 -27.10
N VAL B 319 34.58 -1.39 -27.43
CA VAL B 319 34.93 -0.80 -28.72
C VAL B 319 36.18 -1.47 -29.26
N PRO B 320 36.36 -1.45 -30.58
CA PRO B 320 37.58 -2.00 -31.17
C PRO B 320 38.65 -0.94 -31.40
N GLY B 333 46.11 5.13 -28.67
CA GLY B 333 45.43 6.21 -27.99
C GLY B 333 44.04 5.86 -27.52
N PHE B 334 43.55 6.58 -26.52
CA PHE B 334 42.26 6.28 -25.92
C PHE B 334 41.08 6.89 -26.67
N ILE B 335 41.33 7.79 -27.62
CA ILE B 335 40.23 8.40 -28.37
C ILE B 335 39.77 7.55 -29.55
N GLU B 336 40.50 6.49 -29.88
CA GLU B 336 40.15 5.63 -30.99
C GLU B 336 39.59 4.28 -30.57
N GLY B 337 39.90 3.83 -29.37
CA GLY B 337 39.37 2.56 -28.90
C GLY B 337 40.24 1.97 -27.81
N GLY B 338 39.77 0.85 -27.28
CA GLY B 338 40.50 0.12 -26.26
C GLY B 338 41.54 -0.80 -26.85
N TRP B 339 42.23 -1.50 -25.96
CA TRP B 339 43.30 -2.42 -26.34
C TRP B 339 43.00 -3.81 -25.79
N GLN B 340 43.04 -4.81 -26.67
CA GLN B 340 42.86 -6.18 -26.25
C GLN B 340 44.13 -6.79 -25.66
N GLY B 341 45.27 -6.12 -25.80
CA GLY B 341 46.51 -6.65 -25.31
C GLY B 341 46.77 -6.46 -23.84
N MET B 342 45.84 -5.83 -23.13
CA MET B 342 45.98 -5.58 -21.70
C MET B 342 44.95 -6.40 -20.94
N VAL B 343 45.43 -7.23 -20.01
CA VAL B 343 44.54 -8.03 -19.18
C VAL B 343 44.87 -7.96 -17.71
N ASP B 344 46.05 -7.47 -17.31
CA ASP B 344 46.39 -7.42 -15.89
C ASP B 344 45.54 -6.41 -15.16
N GLY B 345 45.38 -5.21 -15.72
CA GLY B 345 44.60 -4.17 -15.07
C GLY B 345 43.42 -3.72 -15.90
N TRP B 346 43.05 -2.45 -15.76
CA TRP B 346 41.92 -1.89 -16.49
C TRP B 346 42.28 -0.70 -17.35
N TYR B 347 43.20 0.15 -16.90
CA TYR B 347 43.50 1.41 -17.57
C TYR B 347 44.86 1.35 -18.26
N GLY B 348 44.97 2.11 -19.35
CA GLY B 348 46.08 1.95 -20.28
C GLY B 348 47.32 2.72 -19.89
N TYR B 349 48.45 2.04 -19.95
CA TYR B 349 49.78 2.64 -19.77
C TYR B 349 50.72 2.08 -20.83
N HIS B 350 50.29 2.14 -22.09
CA HIS B 350 51.15 1.69 -23.19
C HIS B 350 52.46 2.48 -23.15
N HIS B 351 53.56 1.78 -22.89
CA HIS B 351 54.87 2.40 -22.81
C HIS B 351 55.74 1.88 -23.93
N SER B 352 56.59 2.76 -24.47
CA SER B 352 57.50 2.37 -25.54
C SER B 352 58.76 3.22 -25.39
N ASN B 353 59.77 2.67 -24.73
CA ASN B 353 61.04 3.36 -24.56
C ASN B 353 61.89 3.20 -25.82
N ASP B 354 63.10 3.76 -25.78
CA ASP B 354 64.04 3.59 -26.88
C ASP B 354 64.50 2.15 -26.99
N GLN B 355 64.74 1.49 -25.86
CA GLN B 355 65.26 0.14 -25.83
C GLN B 355 64.17 -0.92 -25.67
N GLY B 356 62.90 -0.52 -25.61
CA GLY B 356 61.85 -1.50 -25.45
C GLY B 356 60.50 -0.85 -25.33
N SER B 357 59.50 -1.67 -25.04
CA SER B 357 58.13 -1.21 -24.88
C SER B 357 57.44 -2.07 -23.83
N GLY B 358 56.18 -1.77 -23.57
CA GLY B 358 55.43 -2.52 -22.57
C GLY B 358 53.97 -2.17 -22.62
N TYR B 359 53.18 -2.97 -21.89
CA TYR B 359 51.74 -2.81 -21.78
C TYR B 359 51.32 -2.77 -20.32
N ALA B 360 52.03 -1.98 -19.53
CA ALA B 360 51.73 -1.88 -18.11
C ALA B 360 50.36 -1.24 -17.89
N ALA B 361 49.87 -1.33 -16.65
CA ALA B 361 48.58 -0.76 -16.28
C ALA B 361 48.68 -0.17 -14.89
N ASP B 362 47.80 0.79 -14.61
CA ASP B 362 47.74 1.45 -13.32
C ASP B 362 47.07 0.53 -12.31
N LYS B 363 47.84 -0.01 -11.37
CA LYS B 363 47.27 -0.90 -10.37
C LYS B 363 46.46 -0.14 -9.34
N GLU B 364 46.80 1.12 -9.08
CA GLU B 364 46.13 1.87 -8.03
C GLU B 364 44.67 2.10 -8.38
N SER B 365 44.40 2.60 -9.59
CA SER B 365 43.04 2.95 -9.97
C SER B 365 42.14 1.72 -9.97
N THR B 366 42.68 0.57 -10.38
CA THR B 366 41.91 -0.66 -10.38
C THR B 366 41.38 -0.98 -9.00
N GLN B 367 42.17 -0.70 -7.96
CA GLN B 367 41.75 -1.03 -6.60
C GLN B 367 40.49 -0.27 -6.20
N LYS B 368 40.52 1.06 -6.35
CA LYS B 368 39.34 1.83 -5.98
C LYS B 368 38.16 1.51 -6.91
N ALA B 369 38.44 1.25 -8.19
CA ALA B 369 37.35 0.86 -9.08
C ALA B 369 36.66 -0.41 -8.61
N ILE B 370 37.43 -1.45 -8.30
CA ILE B 370 36.84 -2.74 -7.95
C ILE B 370 36.13 -2.66 -6.60
N ASP B 371 36.73 -1.97 -5.62
CA ASP B 371 36.05 -1.87 -4.34
C ASP B 371 34.79 -1.04 -4.45
N GLY B 372 34.82 0.03 -5.27
CA GLY B 372 33.62 0.82 -5.47
C GLY B 372 32.49 0.01 -6.06
N ILE B 373 32.78 -0.74 -7.13
CA ILE B 373 31.71 -1.51 -7.76
C ILE B 373 31.24 -2.63 -6.84
N THR B 374 32.14 -3.24 -6.08
CA THR B 374 31.75 -4.33 -5.20
C THR B 374 30.82 -3.84 -4.10
N ASN B 375 31.19 -2.75 -3.42
CA ASN B 375 30.32 -2.22 -2.39
C ASN B 375 29.03 -1.67 -2.99
N LYS B 376 29.07 -1.18 -4.22
CA LYS B 376 27.85 -0.74 -4.88
C LYS B 376 26.89 -1.90 -5.05
N VAL B 377 27.39 -3.03 -5.55
CA VAL B 377 26.56 -4.21 -5.73
C VAL B 377 26.01 -4.68 -4.38
N ASN B 378 26.87 -4.71 -3.37
CA ASN B 378 26.43 -5.16 -2.05
C ASN B 378 25.33 -4.26 -1.51
N SER B 379 25.50 -2.94 -1.63
CA SER B 379 24.46 -2.02 -1.16
C SER B 379 23.17 -2.20 -1.94
N VAL B 380 23.27 -2.36 -3.26
CA VAL B 380 22.07 -2.52 -4.08
C VAL B 380 21.29 -3.76 -3.64
N ILE B 381 22.00 -4.85 -3.39
CA ILE B 381 21.36 -6.02 -2.81
C ILE B 381 20.75 -5.67 -1.45
N GLU B 382 21.47 -4.90 -0.65
CA GLU B 382 21.06 -4.66 0.72
C GLU B 382 19.76 -3.88 0.81
N LYS B 383 19.59 -2.87 -0.04
CA LYS B 383 18.48 -1.93 0.15
C LYS B 383 17.13 -2.60 0.03
N MET B 384 17.02 -3.69 -0.73
CA MET B 384 15.75 -4.31 -1.02
C MET B 384 15.50 -5.57 -0.22
N ASN B 385 16.19 -5.74 0.90
CA ASN B 385 15.95 -6.90 1.76
C ASN B 385 14.63 -6.79 2.52
N THR B 386 14.01 -5.62 2.55
CA THR B 386 12.76 -5.39 3.27
C THR B 386 11.56 -5.42 2.34
N GLN B 387 11.58 -6.29 1.34
CA GLN B 387 10.48 -6.38 0.40
C GLN B 387 9.20 -6.83 1.09
N PHE B 388 8.10 -6.75 0.35
CA PHE B 388 6.80 -7.15 0.84
C PHE B 388 6.50 -8.57 0.41
N GLU B 389 6.12 -9.42 1.36
CA GLU B 389 5.87 -10.82 1.12
C GLU B 389 4.39 -11.11 1.21
N ALA B 390 3.85 -11.78 0.19
CA ALA B 390 2.44 -12.11 0.17
C ALA B 390 2.16 -13.39 0.97
N VAL B 391 0.92 -13.51 1.43
CA VAL B 391 0.49 -14.67 2.21
C VAL B 391 -0.88 -15.09 1.70
N GLY B 392 -1.05 -16.40 1.50
CA GLY B 392 -2.32 -16.90 1.01
C GLY B 392 -3.44 -16.73 2.02
N LYS B 393 -4.63 -16.47 1.50
CA LYS B 393 -5.82 -16.27 2.34
C LYS B 393 -7.03 -16.75 1.56
N GLU B 394 -8.11 -17.03 2.30
CA GLU B 394 -9.32 -17.55 1.69
C GLU B 394 -10.53 -16.78 2.20
N PHE B 395 -11.48 -16.53 1.30
CA PHE B 395 -12.69 -15.79 1.64
C PHE B 395 -13.90 -16.52 1.12
N SER B 396 -15.00 -16.41 1.86
CA SER B 396 -16.24 -17.07 1.48
C SER B 396 -16.86 -16.31 0.31
N ASN B 397 -18.08 -16.71 -0.08
CA ASN B 397 -18.75 -16.11 -1.22
C ASN B 397 -19.60 -14.91 -0.83
N LEU B 398 -19.57 -14.50 0.44
CA LEU B 398 -20.30 -13.32 0.89
C LEU B 398 -19.37 -12.19 1.30
N GLU B 399 -18.09 -12.29 0.97
CA GLU B 399 -17.11 -11.26 1.31
C GLU B 399 -16.33 -10.85 0.08
N LYS B 400 -17.04 -10.61 -1.02
CA LYS B 400 -16.37 -10.21 -2.25
C LYS B 400 -15.59 -8.92 -2.05
N ARG B 401 -16.10 -8.03 -1.22
CA ARG B 401 -15.43 -6.77 -0.94
C ARG B 401 -14.07 -7.01 -0.28
N LEU B 402 -14.04 -7.88 0.72
CA LEU B 402 -12.78 -8.17 1.40
C LEU B 402 -11.77 -8.80 0.43
N GLU B 403 -12.24 -9.73 -0.39
CA GLU B 403 -11.35 -10.37 -1.35
C GLU B 403 -10.79 -9.36 -2.33
N ASN B 404 -11.64 -8.45 -2.82
CA ASN B 404 -11.18 -7.41 -3.73
C ASN B 404 -10.15 -6.52 -3.05
N LEU B 405 -10.39 -6.15 -1.80
CA LEU B 405 -9.45 -5.33 -1.07
C LEU B 405 -8.09 -6.00 -0.97
N ASN B 406 -8.08 -7.28 -0.62
CA ASN B 406 -6.83 -8.01 -0.49
C ASN B 406 -6.09 -8.08 -1.81
N LYS B 407 -6.81 -8.38 -2.90
CA LYS B 407 -6.16 -8.46 -4.21
C LYS B 407 -5.55 -7.14 -4.62
N LYS B 408 -6.29 -6.04 -4.41
CA LYS B 408 -5.75 -4.73 -4.76
C LYS B 408 -4.51 -4.41 -3.95
N MET B 409 -4.53 -4.75 -2.65
CA MET B 409 -3.34 -4.59 -1.84
C MET B 409 -2.13 -5.26 -2.46
N GLU B 410 -2.28 -6.54 -2.78
CA GLU B 410 -1.13 -7.30 -3.28
C GLU B 410 -0.61 -6.72 -4.58
N ASP B 411 -1.50 -6.42 -5.51
CA ASP B 411 -1.05 -5.90 -6.81
C ASP B 411 -0.37 -4.55 -6.64
N GLY B 412 -0.92 -3.67 -5.81
CA GLY B 412 -0.30 -2.37 -5.63
C GLY B 412 1.10 -2.49 -5.09
N PHE B 413 1.28 -3.29 -4.04
CA PHE B 413 2.61 -3.39 -3.46
C PHE B 413 3.61 -4.01 -4.42
N LEU B 414 3.18 -5.05 -5.15
CA LEU B 414 4.10 -5.68 -6.11
C LEU B 414 4.52 -4.69 -7.19
N ASP B 415 3.56 -3.91 -7.70
CA ASP B 415 3.90 -2.93 -8.73
C ASP B 415 4.89 -1.90 -8.20
N VAL B 416 4.67 -1.42 -6.97
CA VAL B 416 5.57 -0.42 -6.40
C VAL B 416 6.99 -0.97 -6.34
N TRP B 417 7.14 -2.18 -5.80
CA TRP B 417 8.49 -2.71 -5.64
C TRP B 417 9.15 -3.00 -6.98
N THR B 418 8.39 -3.48 -7.96
CA THR B 418 8.95 -3.71 -9.29
C THR B 418 9.48 -2.42 -9.89
N TYR B 419 8.68 -1.34 -9.79
CA TYR B 419 9.12 -0.07 -10.33
C TYR B 419 10.40 0.40 -9.65
N ASN B 420 10.45 0.27 -8.33
CA ASN B 420 11.64 0.68 -7.60
C ASN B 420 12.88 -0.06 -8.10
N ALA B 421 12.77 -1.38 -8.24
CA ALA B 421 13.93 -2.18 -8.65
C ALA B 421 14.41 -1.77 -10.03
N GLU B 422 13.50 -1.65 -10.98
CA GLU B 422 13.90 -1.29 -12.35
C GLU B 422 14.59 0.07 -12.37
N LEU B 423 14.01 1.06 -11.68
CA LEU B 423 14.60 2.39 -11.69
C LEU B 423 15.99 2.38 -11.09
N LEU B 424 16.16 1.67 -9.97
CA LEU B 424 17.47 1.64 -9.33
C LEU B 424 18.51 1.02 -10.25
N VAL B 425 18.16 -0.06 -10.93
CA VAL B 425 19.13 -0.72 -11.81
C VAL B 425 19.55 0.22 -12.94
N LEU B 426 18.58 0.89 -13.56
CA LEU B 426 18.94 1.82 -14.64
C LEU B 426 19.83 2.94 -14.14
N MET B 427 19.48 3.51 -12.97
CA MET B 427 20.32 4.54 -12.37
C MET B 427 21.75 4.08 -12.21
N GLU B 428 21.92 2.88 -11.65
CA GLU B 428 23.26 2.42 -11.36
C GLU B 428 24.06 2.16 -12.63
N ASN B 429 23.40 1.62 -13.65
CA ASN B 429 24.11 1.40 -14.92
C ASN B 429 24.66 2.71 -15.47
N GLU B 430 23.80 3.73 -15.55
CA GLU B 430 24.26 5.01 -16.08
C GLU B 430 25.38 5.58 -15.24
N ARG B 431 25.24 5.51 -13.91
CA ARG B 431 26.26 6.04 -13.03
C ARG B 431 27.60 5.35 -13.25
N THR B 432 27.58 4.03 -13.39
CA THR B 432 28.83 3.30 -13.58
C THR B 432 29.52 3.69 -14.88
N LEU B 433 28.76 3.79 -15.96
CA LEU B 433 29.37 4.15 -17.23
C LEU B 433 30.01 5.53 -17.17
N ASP B 434 29.26 6.51 -16.67
CA ASP B 434 29.81 7.86 -16.56
C ASP B 434 31.02 7.90 -15.63
N PHE B 435 30.96 7.14 -14.54
CA PHE B 435 32.06 7.10 -13.59
C PHE B 435 33.33 6.61 -14.26
N HIS B 436 33.23 5.51 -15.00
CA HIS B 436 34.43 4.95 -15.66
C HIS B 436 35.01 5.94 -16.66
N ASP B 437 34.15 6.58 -17.46
CA ASP B 437 34.65 7.62 -18.36
C ASP B 437 35.38 8.71 -17.58
N SER B 438 34.84 9.08 -16.41
CA SER B 438 35.45 10.12 -15.62
C SER B 438 36.84 9.72 -15.15
N ASN B 439 37.01 8.49 -14.65
CA ASN B 439 38.35 8.11 -14.21
C ASN B 439 39.32 8.10 -15.38
N VAL B 440 38.88 7.63 -16.54
CA VAL B 440 39.78 7.60 -17.69
C VAL B 440 40.27 9.00 -18.02
N LYS B 441 39.32 9.94 -18.14
CA LYS B 441 39.70 11.31 -18.50
C LYS B 441 40.57 11.95 -17.43
N ASN B 442 40.24 11.69 -16.15
CA ASN B 442 41.00 12.28 -15.05
C ASN B 442 42.43 11.77 -15.05
N LEU B 443 42.63 10.47 -15.26
CA LEU B 443 43.98 9.95 -15.36
C LEU B 443 44.73 10.59 -16.50
N TYR B 444 44.07 10.75 -17.65
CA TYR B 444 44.76 11.33 -18.80
C TYR B 444 45.25 12.74 -18.50
N ASP B 445 44.35 13.62 -18.04
CA ASP B 445 44.81 15.00 -17.90
C ASP B 445 45.70 15.16 -16.69
N LYS B 446 45.56 14.30 -15.67
CA LYS B 446 46.51 14.33 -14.56
C LYS B 446 47.91 13.98 -15.03
N VAL B 447 48.02 12.97 -15.89
CA VAL B 447 49.32 12.62 -16.44
C VAL B 447 49.88 13.76 -17.27
N ARG B 448 49.02 14.38 -18.09
CA ARG B 448 49.48 15.51 -18.90
C ARG B 448 49.97 16.66 -18.03
N MET B 449 49.23 16.98 -16.98
CA MET B 449 49.61 18.07 -16.09
C MET B 449 50.92 17.78 -15.38
N GLN B 450 51.09 16.55 -14.89
CA GLN B 450 52.35 16.17 -14.26
C GLN B 450 53.50 16.27 -15.25
N LEU B 451 53.27 15.87 -16.50
CA LEU B 451 54.29 15.91 -17.54
C LEU B 451 54.58 17.33 -18.01
N ARG B 452 53.76 18.31 -17.62
CA ARG B 452 53.79 19.69 -18.09
C ARG B 452 54.12 19.79 -19.58
N ASP B 453 55.00 20.71 -19.97
CA ASP B 453 55.20 21.07 -21.36
C ASP B 453 56.43 20.41 -21.98
N ASN B 454 57.04 19.44 -21.30
CA ASN B 454 58.22 18.80 -21.86
C ASN B 454 57.85 17.66 -22.81
N ALA B 455 56.94 17.93 -23.74
CA ALA B 455 56.52 16.95 -24.75
C ALA B 455 55.66 17.67 -25.78
N LYS B 456 55.23 16.91 -26.78
CA LYS B 456 54.37 17.41 -27.85
C LYS B 456 53.16 16.50 -27.96
N GLU B 457 51.97 17.10 -27.98
CA GLU B 457 50.73 16.32 -28.04
C GLU B 457 50.48 15.88 -29.47
N LEU B 458 50.50 14.57 -29.70
CA LEU B 458 50.27 14.03 -31.04
C LEU B 458 48.82 14.15 -31.47
N GLY B 459 47.90 14.46 -30.56
CA GLY B 459 46.51 14.65 -30.89
C GLY B 459 45.67 13.40 -30.90
N ASN B 460 46.27 12.24 -30.66
CA ASN B 460 45.54 10.96 -30.64
C ASN B 460 45.37 10.43 -29.23
N GLY B 461 45.14 11.30 -28.26
CA GLY B 461 45.14 10.85 -26.88
C GLY B 461 46.49 10.43 -26.37
N CYS B 462 47.54 10.75 -27.11
CA CYS B 462 48.91 10.38 -26.76
C CYS B 462 49.80 11.56 -27.11
N PHE B 463 50.72 11.89 -26.21
CA PHE B 463 51.73 12.90 -26.48
C PHE B 463 53.10 12.24 -26.53
N GLU B 464 53.89 12.60 -27.53
CA GLU B 464 55.22 12.04 -27.70
C GLU B 464 56.17 12.73 -26.73
N PHE B 465 56.80 11.94 -25.87
CA PHE B 465 57.78 12.49 -24.93
C PHE B 465 58.87 13.21 -25.70
N TYR B 466 59.20 14.41 -25.23
CA TYR B 466 60.22 15.18 -25.92
C TYR B 466 61.56 15.03 -25.24
N HIS B 467 61.57 14.71 -23.94
CA HIS B 467 62.79 14.52 -23.19
C HIS B 467 63.22 13.07 -23.30
N LYS B 468 64.48 12.85 -23.69
CA LYS B 468 65.05 11.52 -23.84
C LYS B 468 65.43 10.95 -22.49
N CYS B 469 65.08 9.68 -22.26
CA CYS B 469 65.27 9.07 -20.96
C CYS B 469 65.22 7.56 -21.08
N ASP B 470 65.67 6.89 -20.03
CA ASP B 470 65.59 5.44 -19.89
C ASP B 470 64.35 5.09 -19.08
N ASP B 471 64.27 3.82 -18.66
CA ASP B 471 63.09 3.36 -17.92
C ASP B 471 62.91 4.09 -16.60
N GLU B 472 63.97 4.65 -16.03
CA GLU B 472 63.84 5.36 -14.77
C GLU B 472 62.93 6.57 -14.91
N CYS B 473 62.99 7.26 -16.05
CA CYS B 473 62.24 8.49 -16.23
C CYS B 473 60.74 8.23 -16.11
N MET B 474 60.18 7.45 -17.03
CA MET B 474 58.74 7.24 -16.95
C MET B 474 58.37 6.29 -15.83
N ASN B 475 59.32 5.53 -15.27
CA ASN B 475 59.05 4.82 -14.03
C ASN B 475 58.74 5.79 -12.90
N SER B 476 59.54 6.85 -12.79
CA SER B 476 59.23 7.89 -11.81
C SER B 476 57.97 8.65 -12.20
N VAL B 477 57.71 8.80 -13.49
CA VAL B 477 56.52 9.51 -13.94
C VAL B 477 55.26 8.79 -13.48
N LYS B 478 55.18 7.49 -13.73
CA LYS B 478 54.05 6.72 -13.21
C LYS B 478 54.10 6.65 -11.70
N ASN B 479 55.28 6.71 -11.11
CA ASN B 479 55.39 6.87 -9.67
C ASN B 479 54.99 8.27 -9.21
N GLY B 480 54.79 9.20 -10.14
CA GLY B 480 54.42 10.55 -9.78
C GLY B 480 55.55 11.42 -9.27
N THR B 481 56.80 11.07 -9.58
CA THR B 481 57.97 11.79 -9.09
C THR B 481 58.80 12.34 -10.23
N TYR B 482 58.14 12.84 -11.27
CA TYR B 482 58.85 13.44 -12.39
C TYR B 482 59.37 14.82 -11.99
N ASP B 483 60.66 15.05 -12.22
CA ASP B 483 61.32 16.29 -11.81
C ASP B 483 61.52 17.20 -13.02
N TYR B 484 60.88 18.37 -12.98
CA TYR B 484 61.06 19.34 -14.06
C TYR B 484 62.49 19.85 -14.17
N PRO B 485 63.15 20.30 -13.09
CA PRO B 485 64.52 20.81 -13.24
C PRO B 485 65.53 19.77 -13.68
N LYS B 486 65.16 18.50 -13.77
CA LYS B 486 66.11 17.50 -14.24
C LYS B 486 66.42 17.69 -15.71
N TYR B 487 65.39 17.89 -16.54
CA TYR B 487 65.51 17.93 -17.99
C TYR B 487 64.66 19.06 -18.56
N GLU B 488 64.88 20.27 -18.04
CA GLU B 488 64.30 21.47 -18.60
C GLU B 488 65.26 22.17 -19.56
N GLU B 489 66.56 22.17 -19.26
CA GLU B 489 67.53 22.89 -20.09
C GLU B 489 67.70 22.22 -21.44
N GLU B 490 67.92 20.90 -21.44
CA GLU B 490 68.10 20.19 -22.71
C GLU B 490 66.84 20.24 -23.56
N SER B 491 65.67 20.09 -22.92
CA SER B 491 64.42 20.17 -23.66
C SER B 491 64.22 21.55 -24.26
N LYS B 492 64.53 22.61 -23.49
CA LYS B 492 64.42 23.96 -24.02
C LYS B 492 65.39 24.18 -25.18
N LEU B 493 66.62 23.68 -25.05
CA LEU B 493 67.59 23.81 -26.13
C LEU B 493 67.11 23.12 -27.38
N ASN B 494 66.53 21.92 -27.23
CA ASN B 494 66.05 21.17 -28.40
C ASN B 494 64.85 21.87 -29.04
N ARG B 495 63.90 22.34 -28.24
CA ARG B 495 62.73 22.97 -28.82
C ARG B 495 63.02 24.38 -29.32
N ASN B 496 64.19 24.94 -28.98
CA ASN B 496 64.59 26.21 -29.55
C ASN B 496 64.93 26.08 -31.03
N GLU B 497 65.23 24.88 -31.50
CA GLU B 497 65.52 24.67 -32.92
C GLU B 497 64.26 24.82 -33.76
N ASP C 1 53.18 38.50 -7.24
CA ASP C 1 52.53 38.59 -8.54
C ASP C 1 51.88 37.26 -8.91
N GLN C 2 51.59 36.44 -7.91
CA GLN C 2 51.06 35.10 -8.11
C GLN C 2 49.67 34.98 -7.50
N ILE C 3 48.81 34.23 -8.17
CA ILE C 3 47.52 33.83 -7.63
C ILE C 3 47.36 32.32 -7.72
N CYS C 4 46.53 31.78 -6.85
CA CYS C 4 46.20 30.36 -6.87
C CYS C 4 44.77 30.17 -6.43
N ILE C 5 44.23 28.99 -6.72
CA ILE C 5 42.85 28.66 -6.42
C ILE C 5 42.84 27.59 -5.33
N GLY C 6 41.91 27.74 -4.39
CA GLY C 6 41.79 26.79 -3.31
C GLY C 6 40.38 26.80 -2.75
N TYR C 7 40.20 26.06 -1.65
CA TYR C 7 38.91 25.98 -1.00
C TYR C 7 39.10 25.99 0.51
N HIS C 8 38.09 26.48 1.21
CA HIS C 8 38.16 26.63 2.66
C HIS C 8 38.12 25.27 3.34
N SER C 9 38.92 25.12 4.39
CA SER C 9 38.98 23.89 5.16
C SER C 9 38.91 24.22 6.65
N ASN C 10 38.41 23.27 7.43
CA ASN C 10 38.22 23.46 8.86
C ASN C 10 38.63 22.18 9.58
N ASN C 11 38.26 22.09 10.85
CA ASN C 11 38.64 20.96 11.70
C ASN C 11 37.47 20.06 12.06
N SER C 12 36.32 20.22 11.40
CA SER C 12 35.16 19.40 11.71
C SER C 12 35.44 17.94 11.37
N THR C 13 34.83 17.05 12.14
CA THR C 13 35.05 15.61 12.01
C THR C 13 33.72 14.86 12.02
N GLU C 14 32.77 15.33 11.24
CA GLU C 14 31.48 14.67 11.10
C GLU C 14 31.46 13.90 9.78
N LYS C 15 31.13 12.61 9.86
CA LYS C 15 31.18 11.73 8.70
C LYS C 15 29.79 11.52 8.12
N VAL C 16 29.70 11.48 6.79
CA VAL C 16 28.45 11.24 6.10
C VAL C 16 28.57 9.95 5.29
N ASP C 17 27.48 9.57 4.62
CA ASP C 17 27.44 8.35 3.85
C ASP C 17 26.91 8.64 2.45
N THR C 18 27.20 7.74 1.52
CA THR C 18 26.81 7.90 0.13
C THR C 18 26.76 6.54 -0.54
N ILE C 19 26.17 6.51 -1.74
CA ILE C 19 26.01 5.25 -2.44
C ILE C 19 27.30 4.71 -3.02
N LEU C 20 28.38 5.49 -2.98
CA LEU C 20 29.65 5.05 -3.54
C LEU C 20 30.66 4.61 -2.49
N GLU C 21 30.65 5.23 -1.32
CA GLU C 21 31.57 4.88 -0.25
C GLU C 21 30.88 5.11 1.09
N ARG C 22 31.61 4.85 2.17
CA ARG C 22 31.08 4.95 3.52
C ARG C 22 31.99 5.78 4.40
N ASN C 23 31.38 6.52 5.31
CA ASN C 23 32.08 7.23 6.38
C ASN C 23 33.13 8.19 5.81
N VAL C 24 32.62 9.21 5.11
CA VAL C 24 33.43 10.24 4.49
C VAL C 24 33.34 11.50 5.33
N THR C 25 34.49 12.07 5.68
CA THR C 25 34.53 13.30 6.46
C THR C 25 34.20 14.50 5.59
N VAL C 26 33.42 15.42 6.14
CA VAL C 26 32.99 16.62 5.43
C VAL C 26 33.29 17.83 6.31
N THR C 27 32.86 19.00 5.83
CA THR C 27 33.09 20.26 6.53
C THR C 27 31.90 20.63 7.42
N HIS C 28 30.72 20.76 6.82
CA HIS C 28 29.51 21.11 7.55
C HIS C 28 28.41 20.14 7.16
N ALA C 29 27.78 19.54 8.17
CA ALA C 29 26.72 18.57 7.95
C ALA C 29 25.55 18.87 8.86
N GLN C 30 24.36 18.47 8.41
CA GLN C 30 23.13 18.64 9.17
C GLN C 30 22.63 17.29 9.63
N ASP C 31 21.60 17.30 10.47
CA ASP C 31 20.95 16.10 10.93
C ASP C 31 19.45 16.24 10.78
N LEU C 32 18.79 15.11 10.52
CA LEU C 32 17.35 15.12 10.26
C LEU C 32 16.57 14.11 11.09
N LEU C 33 17.21 13.38 11.98
CA LEU C 33 16.54 12.31 12.73
C LEU C 33 16.64 12.58 14.22
N GLU C 34 15.55 12.34 14.93
CA GLU C 34 15.49 12.47 16.37
C GLU C 34 15.26 11.09 17.00
N LYS C 35 16.06 10.76 18.02
CA LYS C 35 16.00 9.44 18.61
C LYS C 35 16.09 9.49 20.13
N THR C 36 15.55 10.53 20.76
CA THR C 36 15.57 10.62 22.21
C THR C 36 14.21 11.10 22.71
N HIS C 37 13.93 10.80 23.97
CA HIS C 37 12.67 11.18 24.58
C HIS C 37 12.82 11.17 26.09
N ASN C 38 11.90 11.86 26.76
CA ASN C 38 11.97 11.98 28.22
C ASN C 38 11.40 10.76 28.94
N GLY C 39 10.70 9.88 28.24
CA GLY C 39 10.17 8.69 28.88
C GLY C 39 9.13 8.94 29.94
N LYS C 40 8.18 9.85 29.68
CA LYS C 40 7.14 10.16 30.64
C LYS C 40 5.85 10.47 29.89
N LEU C 41 4.74 10.38 30.61
CA LEU C 41 3.43 10.71 30.08
C LEU C 41 2.87 11.88 30.86
N CYS C 42 2.41 12.91 30.16
CA CYS C 42 1.81 14.05 30.85
C CYS C 42 0.85 14.76 29.89
N LYS C 43 0.44 15.96 30.31
CA LYS C 43 -0.67 16.65 29.68
C LYS C 43 -0.33 17.07 28.25
N LEU C 44 -1.36 17.07 27.41
CA LEU C 44 -1.26 17.51 26.02
C LEU C 44 -2.02 18.82 25.89
N ASN C 45 -1.31 19.90 25.57
CA ASN C 45 -1.90 21.23 25.40
C ASN C 45 -2.61 21.69 26.66
N GLY C 46 -2.15 21.23 27.82
CA GLY C 46 -2.73 21.65 29.08
C GLY C 46 -3.98 20.91 29.51
N ILE C 47 -4.41 19.90 28.78
CA ILE C 47 -5.59 19.13 29.11
C ILE C 47 -5.13 17.73 29.56
N PRO C 48 -5.29 17.38 30.83
CA PRO C 48 -4.80 16.08 31.29
C PRO C 48 -5.58 14.95 30.64
N PRO C 49 -4.97 13.79 30.47
CA PRO C 49 -5.65 12.67 29.85
C PRO C 49 -6.55 11.96 30.85
N LEU C 50 -7.26 10.94 30.37
CA LEU C 50 -8.11 10.12 31.21
C LEU C 50 -7.34 8.87 31.60
N GLU C 51 -7.16 8.65 32.90
CA GLU C 51 -6.36 7.55 33.41
C GLU C 51 -7.29 6.50 33.98
N LEU C 52 -7.55 5.45 33.19
CA LEU C 52 -8.48 4.42 33.63
C LEU C 52 -7.97 3.68 34.84
N GLY C 53 -6.69 3.36 34.86
CA GLY C 53 -6.12 2.61 35.97
C GLY C 53 -6.20 1.10 35.72
N ASP C 54 -7.01 0.40 36.51
CA ASP C 54 -7.16 -1.03 36.40
C ASP C 54 -8.51 -1.44 35.82
N CYS C 55 -9.26 -0.51 35.28
CA CYS C 55 -10.60 -0.78 34.78
C CYS C 55 -10.61 -0.72 33.25
N SER C 56 -11.32 -1.67 32.64
CA SER C 56 -11.50 -1.64 31.21
C SER C 56 -12.60 -0.65 30.84
N ILE C 57 -12.81 -0.45 29.54
CA ILE C 57 -13.83 0.48 29.09
C ILE C 57 -15.21 0.02 29.53
N ALA C 58 -15.48 -1.28 29.41
CA ALA C 58 -16.77 -1.81 29.84
C ALA C 58 -16.98 -1.56 31.32
N GLY C 59 -15.93 -1.75 32.13
CA GLY C 59 -16.07 -1.52 33.56
C GLY C 59 -16.40 -0.08 33.88
N TRP C 60 -15.86 0.86 33.10
CA TRP C 60 -16.17 2.27 33.33
C TRP C 60 -17.59 2.58 32.91
N LEU C 61 -17.99 2.13 31.73
CA LEU C 61 -19.31 2.48 31.22
C LEU C 61 -20.43 1.86 32.06
N LEU C 62 -20.28 0.58 32.43
CA LEU C 62 -21.33 -0.07 33.20
C LEU C 62 -21.36 0.43 34.64
N GLY C 63 -20.23 0.86 35.17
CA GLY C 63 -20.19 1.33 36.54
C GLY C 63 -19.84 0.24 37.52
N ASN C 64 -18.72 -0.42 37.29
CA ASN C 64 -18.25 -1.44 38.22
C ASN C 64 -17.97 -0.79 39.58
N PRO C 65 -18.30 -1.47 40.68
CA PRO C 65 -18.07 -0.86 41.99
C PRO C 65 -16.61 -0.54 42.27
N GLU C 66 -15.66 -1.25 41.66
CA GLU C 66 -14.26 -0.96 41.89
C GLU C 66 -13.88 0.41 41.35
N CYS C 67 -14.39 0.76 40.16
CA CYS C 67 -14.05 2.04 39.53
C CYS C 67 -15.04 3.12 39.96
N ASP C 68 -15.03 3.41 41.26
CA ASP C 68 -15.90 4.45 41.78
C ASP C 68 -15.36 5.85 41.55
N ARG C 69 -14.08 5.98 41.23
CA ARG C 69 -13.52 7.30 40.99
C ARG C 69 -13.96 7.88 39.66
N LEU C 70 -14.50 7.06 38.77
CA LEU C 70 -14.86 7.50 37.43
C LEU C 70 -16.36 7.76 37.30
N LEU C 71 -17.06 8.02 38.40
CA LEU C 71 -18.47 8.36 38.30
C LEU C 71 -18.68 9.66 37.56
N THR C 72 -17.81 10.64 37.78
CA THR C 72 -17.84 11.90 37.05
C THR C 72 -16.47 12.15 36.45
N VAL C 73 -16.45 12.58 35.19
CA VAL C 73 -15.19 12.70 34.46
C VAL C 73 -15.14 14.03 33.70
N PRO C 74 -14.10 14.83 33.88
CA PRO C 74 -13.98 16.07 33.10
C PRO C 74 -13.51 15.82 31.69
N GLU C 75 -13.23 16.89 30.95
CA GLU C 75 -12.72 16.74 29.59
C GLU C 75 -11.36 16.06 29.61
N TRP C 76 -11.04 15.36 28.52
CA TRP C 76 -9.79 14.62 28.42
C TRP C 76 -9.16 14.85 27.05
N SER C 77 -8.00 14.24 26.87
CA SER C 77 -7.23 14.32 25.62
C SER C 77 -6.97 12.97 24.99
N TYR C 78 -6.67 11.96 25.78
CA TYR C 78 -6.52 10.60 25.31
C TYR C 78 -6.75 9.68 26.50
N ILE C 79 -6.95 8.40 26.21
CA ILE C 79 -7.31 7.42 27.22
C ILE C 79 -6.16 6.45 27.43
N MET C 80 -5.75 6.30 28.68
CA MET C 80 -4.70 5.36 29.06
C MET C 80 -5.32 4.10 29.63
N GLU C 81 -4.97 2.96 29.07
CA GLU C 81 -5.58 1.70 29.48
C GLU C 81 -4.56 0.57 29.38
N LYS C 82 -4.53 -0.28 30.39
CA LYS C 82 -3.62 -1.41 30.38
C LYS C 82 -4.10 -2.47 29.40
N GLU C 83 -3.17 -3.31 28.94
CA GLU C 83 -3.48 -4.26 27.89
C GLU C 83 -4.47 -5.33 28.35
N ASN C 84 -4.41 -5.75 29.60
CA ASN C 84 -5.31 -6.74 30.16
C ASN C 84 -5.83 -6.25 31.50
N PRO C 85 -6.83 -5.37 31.48
CA PRO C 85 -7.33 -4.82 32.74
C PRO C 85 -7.93 -5.89 33.62
N ARG C 86 -7.84 -5.69 34.94
CA ARG C 86 -8.38 -6.66 35.87
C ARG C 86 -9.88 -6.49 36.07
N ASN C 87 -10.29 -5.31 36.55
CA ASN C 87 -11.69 -5.08 36.88
C ASN C 87 -12.47 -4.79 35.60
N GLY C 88 -12.84 -5.87 34.91
CA GLY C 88 -13.69 -5.76 33.75
C GLY C 88 -15.14 -5.93 34.11
N LEU C 89 -15.75 -7.01 33.62
CA LEU C 89 -17.11 -7.37 33.98
C LEU C 89 -17.05 -8.20 35.25
N CYS C 90 -17.53 -7.64 36.36
CA CYS C 90 -17.55 -8.41 37.60
C CYS C 90 -18.43 -9.64 37.47
N TYR C 91 -19.62 -9.47 36.93
CA TYR C 91 -20.46 -10.61 36.58
C TYR C 91 -20.06 -11.13 35.21
N PRO C 92 -19.78 -12.42 35.07
CA PRO C 92 -19.28 -12.92 33.78
C PRO C 92 -20.30 -12.71 32.68
N GLY C 93 -19.80 -12.45 31.48
CA GLY C 93 -20.68 -12.21 30.35
C GLY C 93 -19.93 -11.84 29.09
N SER C 94 -20.51 -10.95 28.29
CA SER C 94 -19.90 -10.55 27.03
C SER C 94 -20.48 -9.21 26.61
N PHE C 95 -19.96 -8.68 25.51
CA PHE C 95 -20.36 -7.39 24.97
C PHE C 95 -20.46 -7.52 23.47
N ASN C 96 -21.54 -7.02 22.89
CA ASN C 96 -21.74 -7.11 21.45
C ASN C 96 -21.09 -5.92 20.76
N ASP C 97 -20.26 -6.21 19.76
CA ASP C 97 -19.58 -5.17 18.97
C ASP C 97 -18.76 -4.26 19.87
N TYR C 98 -17.92 -4.88 20.71
CA TYR C 98 -17.06 -4.10 21.59
C TYR C 98 -16.09 -3.23 20.80
N GLU C 99 -15.50 -3.80 19.75
CA GLU C 99 -14.48 -3.07 19.00
C GLU C 99 -15.08 -1.88 18.26
N GLU C 100 -16.29 -2.04 17.73
CA GLU C 100 -16.94 -0.90 17.07
C GLU C 100 -17.19 0.22 18.05
N LEU C 101 -17.61 -0.12 19.27
CA LEU C 101 -17.80 0.91 20.29
C LEU C 101 -16.49 1.59 20.62
N LYS C 102 -15.40 0.84 20.73
CA LYS C 102 -14.11 1.46 21.01
C LYS C 102 -13.68 2.38 19.89
N HIS C 103 -13.87 1.96 18.64
CA HIS C 103 -13.50 2.80 17.51
C HIS C 103 -14.31 4.08 17.49
N LEU C 104 -15.60 3.99 17.77
CA LEU C 104 -16.43 5.19 17.84
C LEU C 104 -15.96 6.10 18.96
N LEU C 105 -15.66 5.53 20.13
CA LEU C 105 -15.20 6.32 21.26
C LEU C 105 -13.85 6.96 21.01
N SER C 106 -13.08 6.44 20.06
CA SER C 106 -11.75 6.98 19.84
C SER C 106 -11.75 8.44 19.40
N SER C 107 -12.89 8.95 18.94
CA SER C 107 -12.97 10.33 18.46
C SER C 107 -13.99 11.15 19.24
N VAL C 108 -14.00 11.00 20.56
CA VAL C 108 -14.89 11.75 21.44
C VAL C 108 -14.06 12.25 22.61
N THR C 109 -14.22 13.52 22.96
CA THR C 109 -13.41 14.13 24.00
C THR C 109 -14.13 14.34 25.32
N HIS C 110 -15.45 14.43 25.33
CA HIS C 110 -16.16 14.67 26.57
C HIS C 110 -17.51 13.99 26.53
N PHE C 111 -17.98 13.56 27.70
CA PHE C 111 -19.26 12.92 27.87
C PHE C 111 -20.14 13.75 28.78
N GLU C 112 -21.35 13.27 29.02
CA GLU C 112 -22.30 13.98 29.88
C GLU C 112 -23.38 12.98 30.28
N LYS C 113 -23.44 12.66 31.57
CA LYS C 113 -24.39 11.66 32.04
C LYS C 113 -25.74 12.28 32.30
N VAL C 114 -26.78 11.69 31.72
CA VAL C 114 -28.15 12.17 31.85
C VAL C 114 -29.01 11.03 32.36
N LYS C 115 -29.82 11.30 33.38
CA LYS C 115 -30.71 10.30 33.93
C LYS C 115 -31.99 10.26 33.10
N ILE C 116 -32.20 9.15 32.39
CA ILE C 116 -33.33 9.05 31.49
C ILE C 116 -34.46 8.19 32.03
N LEU C 117 -34.18 7.29 32.98
CA LEU C 117 -35.19 6.42 33.56
C LEU C 117 -34.93 6.29 35.05
N PRO C 118 -35.59 7.11 35.86
CA PRO C 118 -35.33 7.06 37.31
C PRO C 118 -35.66 5.69 37.87
N LYS C 119 -34.89 5.30 38.89
CA LYS C 119 -34.99 3.95 39.42
C LYS C 119 -36.38 3.69 40.01
N ASP C 120 -36.94 4.66 40.71
CA ASP C 120 -38.18 4.44 41.44
C ASP C 120 -39.40 4.33 40.54
N ARG C 121 -39.27 4.61 39.24
CA ARG C 121 -40.44 4.57 38.37
C ARG C 121 -41.01 3.16 38.24
N TRP C 122 -40.21 2.14 38.49
CA TRP C 122 -40.70 0.76 38.43
C TRP C 122 -41.31 0.43 39.78
N THR C 123 -42.61 0.65 39.91
CA THR C 123 -43.31 0.37 41.15
C THR C 123 -43.91 -1.03 41.20
N GLN C 124 -43.84 -1.78 40.10
CA GLN C 124 -44.45 -3.10 40.03
C GLN C 124 -43.42 -4.23 40.10
N HIS C 125 -42.16 -3.91 40.36
CA HIS C 125 -41.11 -4.93 40.39
C HIS C 125 -40.19 -4.62 41.56
N THR C 126 -39.12 -5.38 41.67
CA THR C 126 -38.12 -5.21 42.71
C THR C 126 -36.80 -4.80 42.07
N THR C 127 -36.17 -3.77 42.61
CA THR C 127 -34.97 -3.20 42.02
C THR C 127 -33.77 -3.23 42.97
N THR C 128 -33.79 -4.11 43.97
CA THR C 128 -32.71 -4.19 44.94
C THR C 128 -31.85 -5.44 44.73
N GLY C 129 -31.92 -6.05 43.55
CA GLY C 129 -31.16 -7.25 43.31
C GLY C 129 -29.67 -7.02 43.32
N GLY C 130 -28.94 -8.05 43.70
CA GLY C 130 -27.49 -7.97 43.72
C GLY C 130 -26.89 -9.34 43.94
N SER C 131 -25.64 -9.48 43.53
CA SER C 131 -24.94 -10.75 43.58
C SER C 131 -23.64 -10.60 44.35
N ARG C 132 -23.04 -11.74 44.68
CA ARG C 132 -21.74 -11.75 45.35
C ARG C 132 -20.59 -11.50 44.39
N ALA C 133 -20.83 -11.62 43.07
CA ALA C 133 -19.76 -11.42 42.11
C ALA C 133 -19.20 -10.00 42.19
N CYS C 134 -20.08 -9.01 42.29
CA CYS C 134 -19.68 -7.62 42.47
C CYS C 134 -20.10 -7.23 43.89
N ALA C 135 -19.24 -7.53 44.85
CA ALA C 135 -19.54 -7.36 46.26
C ALA C 135 -18.60 -6.34 46.86
N VAL C 136 -19.16 -5.39 47.61
CA VAL C 136 -18.39 -4.39 48.33
C VAL C 136 -18.62 -4.61 49.81
N SER C 137 -17.53 -4.79 50.56
CA SER C 137 -17.59 -4.98 52.00
C SER C 137 -18.50 -6.16 52.38
N GLY C 138 -18.40 -7.24 51.62
CA GLY C 138 -19.12 -8.46 51.93
C GLY C 138 -20.53 -8.51 51.40
N SER C 139 -21.28 -7.41 51.53
CA SER C 139 -22.65 -7.39 51.08
C SER C 139 -22.72 -7.45 49.55
N PRO C 140 -23.72 -8.13 49.00
CA PRO C 140 -23.88 -8.14 47.55
C PRO C 140 -24.25 -6.76 47.02
N SER C 141 -23.85 -6.51 45.78
CA SER C 141 -24.14 -5.25 45.12
C SER C 141 -24.29 -5.50 43.63
N PHE C 142 -24.26 -4.45 42.83
CA PHE C 142 -24.44 -4.57 41.39
C PHE C 142 -23.81 -3.35 40.72
N PHE C 143 -23.92 -3.30 39.40
CA PHE C 143 -23.40 -2.16 38.67
C PHE C 143 -24.13 -0.89 39.09
N ARG C 144 -23.43 0.24 39.01
CA ARG C 144 -24.00 1.51 39.45
C ARG C 144 -24.84 2.20 38.40
N ASN C 145 -24.86 1.71 37.17
CA ASN C 145 -25.59 2.36 36.10
C ASN C 145 -26.71 1.51 35.51
N MET C 146 -26.98 0.35 36.10
CA MET C 146 -28.02 -0.53 35.59
C MET C 146 -28.94 -0.93 36.72
N VAL C 147 -30.12 -1.42 36.35
CA VAL C 147 -31.12 -1.85 37.32
C VAL C 147 -31.53 -3.28 36.99
N TRP C 148 -31.58 -4.13 38.01
CA TRP C 148 -31.99 -5.51 37.86
C TRP C 148 -33.43 -5.65 38.31
N LEU C 149 -34.29 -6.17 37.44
CA LEU C 149 -35.71 -6.27 37.71
C LEU C 149 -36.08 -7.70 38.03
N THR C 150 -36.72 -7.90 39.19
CA THR C 150 -37.15 -9.23 39.59
C THR C 150 -38.64 -9.24 39.92
N LYS C 151 -39.14 -10.36 40.44
CA LYS C 151 -40.53 -10.46 40.82
C LYS C 151 -40.82 -9.54 41.99
N LYS C 152 -42.08 -9.12 42.09
CA LYS C 152 -42.58 -8.33 43.21
C LYS C 152 -43.65 -9.17 43.89
N GLY C 153 -43.30 -9.87 44.96
CA GLY C 153 -44.22 -10.78 45.58
C GLY C 153 -44.22 -12.11 44.85
N SER C 154 -45.20 -12.32 43.97
CA SER C 154 -45.24 -13.53 43.17
C SER C 154 -45.66 -13.27 41.74
N ASN C 155 -45.57 -12.02 41.27
CA ASN C 155 -46.01 -11.66 39.94
C ASN C 155 -44.94 -10.83 39.25
N TYR C 156 -44.91 -10.91 37.93
CA TYR C 156 -44.00 -10.13 37.10
C TYR C 156 -44.81 -9.46 36.00
N PRO C 157 -45.44 -8.33 36.29
CA PRO C 157 -46.22 -7.63 35.28
C PRO C 157 -45.32 -7.14 34.14
N VAL C 158 -45.92 -7.03 32.95
CA VAL C 158 -45.17 -6.60 31.78
C VAL C 158 -44.54 -5.25 32.04
N ALA C 159 -43.27 -5.12 31.70
CA ALA C 159 -42.50 -3.91 31.95
C ALA C 159 -42.39 -3.11 30.66
N LYS C 160 -42.76 -1.83 30.72
CA LYS C 160 -42.69 -0.95 29.57
C LYS C 160 -42.03 0.36 29.98
N GLY C 161 -41.23 0.90 29.08
CA GLY C 161 -40.56 2.17 29.32
C GLY C 161 -40.17 2.81 28.01
N SER C 162 -40.12 4.15 28.01
CA SER C 162 -39.80 4.88 26.80
C SER C 162 -39.14 6.19 27.17
N TYR C 163 -38.39 6.75 26.22
CA TYR C 163 -37.70 8.00 26.44
C TYR C 163 -37.59 8.74 25.11
N ASN C 164 -37.86 10.04 25.15
CA ASN C 164 -37.78 10.89 23.98
C ASN C 164 -36.56 11.80 24.12
N ASN C 165 -35.64 11.72 23.18
CA ASN C 165 -34.35 12.39 23.30
C ASN C 165 -34.50 13.86 22.95
N THR C 166 -34.68 14.68 23.97
CA THR C 166 -34.72 16.13 23.82
C THR C 166 -33.52 16.81 24.47
N SER C 167 -32.48 16.05 24.79
CA SER C 167 -31.33 16.63 25.48
C SER C 167 -30.64 17.66 24.60
N GLY C 168 -30.50 17.37 23.31
CA GLY C 168 -29.89 18.31 22.39
C GLY C 168 -28.71 17.76 21.61
N GLU C 169 -28.36 16.49 21.76
CA GLU C 169 -27.24 15.90 21.04
C GLU C 169 -27.48 14.40 20.96
N GLN C 170 -26.59 13.72 20.23
CA GLN C 170 -26.69 12.28 20.11
C GLN C 170 -26.39 11.61 21.45
N MET C 171 -27.18 10.59 21.78
CA MET C 171 -27.06 9.90 23.05
C MET C 171 -26.72 8.43 22.81
N LEU C 172 -25.99 7.85 23.75
CA LEU C 172 -25.60 6.45 23.71
C LEU C 172 -26.28 5.71 24.85
N VAL C 173 -26.95 4.59 24.53
CA VAL C 173 -27.74 3.84 25.49
C VAL C 173 -27.28 2.40 25.50
N ILE C 174 -27.27 1.77 26.69
CA ILE C 174 -26.80 0.42 26.88
C ILE C 174 -27.83 -0.36 27.68
N TRP C 175 -28.13 -1.58 27.23
CA TRP C 175 -29.03 -2.47 27.96
C TRP C 175 -28.49 -3.90 27.89
N GLY C 176 -29.12 -4.79 28.63
CA GLY C 176 -28.62 -6.15 28.70
C GLY C 176 -29.69 -7.16 29.07
N VAL C 177 -29.39 -8.43 28.77
CA VAL C 177 -30.29 -9.54 29.03
C VAL C 177 -29.54 -10.59 29.83
N HIS C 178 -30.27 -11.33 30.66
CA HIS C 178 -29.68 -12.26 31.62
C HIS C 178 -30.00 -13.69 31.24
N HIS C 179 -28.98 -14.53 31.18
CA HIS C 179 -29.15 -15.94 30.86
C HIS C 179 -28.95 -16.77 32.12
N PRO C 180 -29.99 -17.36 32.69
CA PRO C 180 -29.80 -18.18 33.89
C PRO C 180 -29.06 -19.46 33.56
N ASN C 181 -28.89 -20.35 34.54
CA ASN C 181 -28.19 -21.61 34.29
C ASN C 181 -29.05 -22.85 34.52
N ASP C 182 -30.26 -22.71 35.05
CA ASP C 182 -31.15 -23.86 35.20
C ASP C 182 -32.57 -23.33 35.34
N GLU C 183 -33.53 -24.23 35.10
CA GLU C 183 -34.94 -23.83 35.08
C GLU C 183 -35.40 -23.38 36.45
N ALA C 184 -34.92 -24.02 37.52
CA ALA C 184 -35.33 -23.63 38.85
C ALA C 184 -34.94 -22.19 39.16
N GLU C 185 -33.74 -21.78 38.76
CA GLU C 185 -33.31 -20.41 38.96
C GLU C 185 -34.19 -19.44 38.20
N GLN C 186 -34.52 -19.77 36.96
CA GLN C 186 -35.38 -18.89 36.17
C GLN C 186 -36.75 -18.75 36.82
N ARG C 187 -37.32 -19.85 37.30
CA ARG C 187 -38.62 -19.78 37.94
C ARG C 187 -38.56 -18.96 39.22
N THR C 188 -37.53 -19.16 40.02
CA THR C 188 -37.44 -18.44 41.29
C THR C 188 -37.05 -16.98 41.11
N LEU C 189 -36.55 -16.58 39.95
CA LEU C 189 -36.19 -15.20 39.72
C LEU C 189 -37.25 -14.40 38.96
N TYR C 190 -37.95 -15.02 38.02
CA TYR C 190 -38.89 -14.30 37.19
C TYR C 190 -40.28 -14.93 37.11
N GLN C 191 -40.49 -16.10 37.71
CA GLN C 191 -41.79 -16.75 37.86
C GLN C 191 -42.41 -17.18 36.53
N ASN C 192 -41.75 -16.93 35.41
CA ASN C 192 -42.31 -17.28 34.11
C ASN C 192 -41.24 -17.95 33.26
N VAL C 193 -41.69 -18.57 32.17
CA VAL C 193 -40.79 -19.20 31.22
C VAL C 193 -41.17 -18.75 29.82
N GLY C 194 -40.23 -18.89 28.89
CA GLY C 194 -40.46 -18.42 27.53
C GLY C 194 -40.65 -16.93 27.44
N THR C 195 -39.86 -16.16 28.18
CA THR C 195 -39.97 -14.72 28.17
C THR C 195 -39.19 -14.13 27.00
N TYR C 196 -39.19 -12.81 26.90
CA TYR C 196 -38.50 -12.13 25.80
C TYR C 196 -38.18 -10.71 26.21
N VAL C 197 -37.23 -10.11 25.51
CA VAL C 197 -36.86 -8.72 25.69
C VAL C 197 -36.86 -8.05 24.33
N SER C 198 -37.62 -6.96 24.21
CA SER C 198 -37.82 -6.28 22.95
C SER C 198 -37.38 -4.83 23.06
N VAL C 199 -36.57 -4.39 22.11
CA VAL C 199 -36.09 -3.02 22.04
C VAL C 199 -36.40 -2.48 20.66
N GLY C 200 -37.00 -1.29 20.59
CA GLY C 200 -37.37 -0.74 19.31
C GLY C 200 -37.17 0.76 19.20
N THR C 201 -36.46 1.18 18.15
CA THR C 201 -36.32 2.60 17.86
C THR C 201 -36.74 2.86 16.41
N SER C 202 -36.45 4.05 15.91
CA SER C 202 -36.81 4.38 14.55
C SER C 202 -35.93 3.69 13.51
N THR C 203 -34.85 3.05 13.94
CA THR C 203 -33.94 2.42 12.99
C THR C 203 -33.55 1.02 13.43
N VAL C 204 -33.60 0.75 14.72
CA VAL C 204 -33.15 -0.51 15.29
C VAL C 204 -34.36 -1.28 15.80
N ASN C 205 -34.46 -2.54 15.40
CA ASN C 205 -35.51 -3.43 15.87
C ASN C 205 -34.88 -4.73 16.30
N LYS C 206 -35.22 -5.21 17.50
CA LYS C 206 -34.57 -6.39 18.04
C LYS C 206 -35.48 -7.07 19.05
N ARG C 207 -35.31 -8.38 19.19
CA ARG C 207 -36.05 -9.14 20.18
C ARG C 207 -35.23 -10.38 20.52
N SER C 208 -34.77 -10.46 21.76
CA SER C 208 -33.93 -11.56 22.20
C SER C 208 -34.71 -12.50 23.12
N ILE C 209 -34.21 -13.72 23.23
CA ILE C 209 -34.84 -14.73 24.07
C ILE C 209 -33.80 -15.27 25.04
N PRO C 210 -34.10 -15.32 26.34
CA PRO C 210 -33.14 -15.89 27.28
C PRO C 210 -32.88 -17.35 26.99
N GLU C 211 -31.65 -17.77 27.21
CA GLU C 211 -31.21 -19.13 26.95
C GLU C 211 -30.77 -19.78 28.26
N ILE C 212 -31.13 -21.04 28.45
CA ILE C 212 -30.80 -21.77 29.67
C ILE C 212 -29.94 -22.97 29.29
N ALA C 213 -28.83 -23.13 29.99
CA ALA C 213 -27.92 -24.26 29.77
C ALA C 213 -26.99 -24.34 30.99
N THR C 214 -26.19 -25.39 31.02
CA THR C 214 -25.20 -25.58 32.07
C THR C 214 -23.84 -25.11 31.59
N ARG C 215 -23.13 -24.41 32.45
CA ARG C 215 -21.86 -23.79 32.09
C ARG C 215 -20.87 -23.94 33.24
N PRO C 216 -19.58 -23.88 32.95
CA PRO C 216 -18.59 -23.92 34.03
C PRO C 216 -18.69 -22.68 34.90
N LYS C 217 -18.29 -22.83 36.16
CA LYS C 217 -18.38 -21.73 37.11
C LYS C 217 -17.24 -20.75 36.86
N VAL C 218 -17.59 -19.49 36.60
CA VAL C 218 -16.63 -18.40 36.49
C VAL C 218 -16.96 -17.38 37.56
N ASN C 219 -15.96 -17.01 38.36
CA ASN C 219 -16.14 -16.10 39.49
C ASN C 219 -17.19 -16.62 40.46
N GLY C 220 -17.40 -17.93 40.49
CA GLY C 220 -18.40 -18.51 41.36
C GLY C 220 -19.82 -18.40 40.88
N GLN C 221 -20.03 -18.12 39.59
CA GLN C 221 -21.36 -17.97 39.04
C GLN C 221 -21.49 -18.79 37.77
N GLY C 222 -22.70 -19.28 37.51
CA GLY C 222 -22.96 -20.07 36.33
C GLY C 222 -23.76 -19.32 35.29
N GLY C 223 -24.32 -18.18 35.66
CA GLY C 223 -25.09 -17.38 34.74
C GLY C 223 -24.20 -16.55 33.85
N ARG C 224 -24.84 -15.87 32.90
CA ARG C 224 -24.14 -14.98 31.98
C ARG C 224 -25.03 -13.78 31.69
N MET C 225 -24.40 -12.68 31.26
CA MET C 225 -25.11 -11.48 30.86
C MET C 225 -24.61 -11.05 29.49
N GLU C 226 -25.54 -10.60 28.65
CA GLU C 226 -25.22 -10.15 27.30
C GLU C 226 -25.68 -8.72 27.14
N PHE C 227 -24.77 -7.84 26.73
CA PHE C 227 -25.04 -6.41 26.64
C PHE C 227 -25.00 -5.96 25.19
N SER C 228 -25.76 -4.91 24.90
CA SER C 228 -25.80 -4.32 23.56
C SER C 228 -25.92 -2.81 23.71
N TRP C 229 -25.70 -2.11 22.60
CA TRP C 229 -25.67 -0.66 22.64
C TRP C 229 -26.18 -0.10 21.32
N THR C 230 -26.59 1.17 21.36
CA THR C 230 -27.06 1.85 20.17
C THR C 230 -26.86 3.34 20.35
N ILE C 231 -26.97 4.07 19.24
CA ILE C 231 -26.78 5.51 19.24
C ILE C 231 -28.14 6.14 18.97
N LEU C 232 -28.67 6.85 19.96
CA LEU C 232 -29.95 7.52 19.81
C LEU C 232 -29.75 8.87 19.16
N ASP C 233 -30.65 9.22 18.26
CA ASP C 233 -30.49 10.41 17.44
C ASP C 233 -31.33 11.56 17.98
N MET C 234 -31.36 12.67 17.25
CA MET C 234 -32.08 13.86 17.68
C MET C 234 -33.58 13.64 17.61
N LEU C 235 -34.27 13.99 18.68
CA LEU C 235 -35.74 13.96 18.73
C LEU C 235 -36.30 12.58 18.38
N ASP C 236 -35.54 11.53 18.67
CA ASP C 236 -36.00 10.17 18.44
C ASP C 236 -36.54 9.58 19.73
N THR C 237 -37.03 8.36 19.64
CA THR C 237 -37.62 7.68 20.79
C THR C 237 -37.13 6.24 20.83
N ILE C 238 -36.96 5.71 22.04
CA ILE C 238 -36.55 4.34 22.24
C ILE C 238 -37.52 3.68 23.19
N ASN C 239 -38.00 2.49 22.83
CA ASN C 239 -39.05 1.81 23.58
C ASN C 239 -38.53 0.49 24.11
N PHE C 240 -38.70 0.28 25.42
CA PHE C 240 -38.35 -0.97 26.07
C PHE C 240 -39.62 -1.73 26.41
N GLU C 241 -39.59 -3.04 26.20
CA GLU C 241 -40.73 -3.88 26.54
C GLU C 241 -40.24 -5.30 26.73
N SER C 242 -40.54 -5.88 27.88
CA SER C 242 -40.08 -7.23 28.18
C SER C 242 -40.95 -7.84 29.25
N THR C 243 -40.87 -9.16 29.36
CA THR C 243 -41.58 -9.92 30.38
C THR C 243 -40.63 -10.67 31.30
N GLY C 244 -39.38 -10.21 31.42
CA GLY C 244 -38.42 -10.85 32.29
C GLY C 244 -37.01 -10.83 31.74
N ASN C 245 -36.03 -11.11 32.61
CA ASN C 245 -34.63 -11.18 32.20
C ASN C 245 -34.16 -9.90 31.51
N LEU C 246 -34.58 -8.76 32.04
CA LEU C 246 -34.22 -7.47 31.47
C LEU C 246 -33.32 -6.71 32.43
N ILE C 247 -32.22 -6.17 31.89
CA ILE C 247 -31.33 -5.31 32.67
C ILE C 247 -31.48 -3.89 32.14
N ALA C 248 -32.37 -3.12 32.76
CA ALA C 248 -32.68 -1.81 32.25
C ALA C 248 -31.59 -0.80 32.62
N PRO C 249 -31.34 0.18 31.75
CA PRO C 249 -30.39 1.23 32.09
C PRO C 249 -31.04 2.30 32.97
N GLU C 250 -30.19 3.14 33.52
CA GLU C 250 -30.63 4.27 34.33
C GLU C 250 -30.01 5.59 33.92
N TYR C 251 -28.84 5.59 33.29
CA TYR C 251 -28.19 6.80 32.83
C TYR C 251 -27.90 6.68 31.36
N GLY C 252 -28.04 7.80 30.64
CA GLY C 252 -27.71 7.88 29.23
C GLY C 252 -26.52 8.81 29.04
N PHE C 253 -25.63 8.44 28.13
CA PHE C 253 -24.44 9.22 27.86
C PHE C 253 -24.68 10.11 26.66
N LYS C 254 -24.46 11.41 26.83
CA LYS C 254 -24.67 12.39 25.79
C LYS C 254 -23.33 12.89 25.28
N ILE C 255 -23.14 12.86 23.97
CA ILE C 255 -21.88 13.26 23.36
C ILE C 255 -21.84 14.77 23.30
N SER C 256 -21.03 15.39 24.17
CA SER C 256 -21.00 16.84 24.29
C SER C 256 -19.94 17.46 23.40
N LYS C 257 -18.67 17.10 23.59
CA LYS C 257 -17.55 17.71 22.89
C LYS C 257 -16.91 16.67 22.00
N ARG C 258 -16.98 16.87 20.68
CA ARG C 258 -16.41 15.95 19.71
C ARG C 258 -15.13 16.54 19.15
N GLY C 259 -14.08 15.73 19.09
CA GLY C 259 -12.80 16.19 18.59
C GLY C 259 -11.93 15.08 18.05
N SER C 260 -10.63 15.15 18.32
CA SER C 260 -9.68 14.13 17.89
C SER C 260 -8.90 13.63 19.09
N SER C 261 -8.82 12.31 19.23
CA SER C 261 -8.16 11.69 20.37
C SER C 261 -7.77 10.27 20.00
N GLY C 262 -7.46 9.45 20.99
CA GLY C 262 -7.13 8.07 20.73
C GLY C 262 -6.99 7.30 22.03
N ILE C 263 -6.69 6.01 21.88
CA ILE C 263 -6.49 5.11 23.01
C ILE C 263 -5.07 4.59 22.95
N MET C 264 -4.35 4.69 24.06
CA MET C 264 -2.96 4.26 24.14
C MET C 264 -2.83 3.12 25.14
N LYS C 265 -2.23 2.02 24.70
CA LYS C 265 -2.04 0.85 25.55
C LYS C 265 -0.69 0.98 26.24
N THR C 266 -0.70 1.54 27.43
CA THR C 266 0.53 1.80 28.17
C THR C 266 0.51 1.04 29.48
N GLU C 267 1.50 1.33 30.33
CA GLU C 267 1.59 0.73 31.64
C GLU C 267 1.94 1.71 32.75
N GLY C 268 2.39 2.92 32.43
CA GLY C 268 2.82 3.86 33.43
C GLY C 268 1.66 4.65 34.01
N THR C 269 2.03 5.71 34.74
CA THR C 269 1.07 6.59 35.38
C THR C 269 1.27 8.01 34.90
N LEU C 270 0.22 8.80 35.00
CA LEU C 270 0.29 10.19 34.57
C LEU C 270 1.25 10.98 35.44
N GLU C 271 2.09 11.79 34.80
CA GLU C 271 3.04 12.64 35.47
C GLU C 271 2.66 14.09 35.27
N ASN C 272 3.54 15.00 35.69
CA ASN C 272 3.28 16.44 35.64
C ASN C 272 4.30 17.10 34.72
N CYS C 273 3.95 17.25 33.45
CA CYS C 273 4.75 18.00 32.50
C CYS C 273 3.85 18.40 31.33
N GLU C 274 4.45 19.03 30.33
CA GLU C 274 3.73 19.52 29.17
C GLU C 274 4.47 19.12 27.90
N THR C 275 3.71 18.88 26.84
CA THR C 275 4.29 18.49 25.56
C THR C 275 3.34 18.86 24.44
N LYS C 276 3.77 18.58 23.22
CA LYS C 276 2.94 18.75 22.03
C LYS C 276 2.67 17.46 21.30
N CYS C 277 3.50 16.43 21.48
CA CYS C 277 3.21 15.10 20.97
C CYS C 277 3.49 14.08 22.05
N GLN C 278 2.77 12.97 22.00
CA GLN C 278 2.89 11.92 23.00
C GLN C 278 2.96 10.57 22.32
N THR C 279 3.87 9.73 22.80
CA THR C 279 4.06 8.37 22.32
C THR C 279 3.99 7.41 23.50
N PRO C 280 3.60 6.15 23.25
CA PRO C 280 3.49 5.19 24.36
C PRO C 280 4.76 5.00 25.16
N LEU C 281 5.87 5.62 24.77
CA LEU C 281 7.10 5.53 25.52
C LEU C 281 7.52 6.83 26.18
N GLY C 282 7.12 7.96 25.62
CA GLY C 282 7.51 9.24 26.20
C GLY C 282 7.06 10.38 25.32
N ALA C 283 7.52 11.57 25.67
CA ALA C 283 7.18 12.79 24.94
C ALA C 283 8.35 13.23 24.08
N ILE C 284 8.03 13.94 23.00
CA ILE C 284 9.00 14.39 22.01
C ILE C 284 8.90 15.90 21.89
N ASN C 285 10.03 16.59 22.08
CA ASN C 285 10.09 18.05 21.96
C ASN C 285 11.31 18.40 21.12
N THR C 286 11.14 18.44 19.80
CA THR C 286 12.23 18.73 18.88
C THR C 286 11.67 19.51 17.69
N THR C 287 12.57 19.85 16.77
CA THR C 287 12.21 20.56 15.55
C THR C 287 12.62 19.85 14.28
N LEU C 288 13.39 18.78 14.38
CA LEU C 288 13.76 18.01 13.20
C LEU C 288 12.52 17.33 12.61
N PRO C 289 12.50 17.07 11.31
CA PRO C 289 11.31 16.51 10.67
C PRO C 289 11.21 15.00 10.66
N PHE C 290 11.99 14.27 11.45
CA PHE C 290 11.90 12.83 11.47
C PHE C 290 12.19 12.30 12.87
N HIS C 291 11.68 11.09 13.15
CA HIS C 291 11.93 10.43 14.41
C HIS C 291 11.74 8.93 14.20
N ASN C 292 12.26 8.15 15.13
CA ASN C 292 12.20 6.69 15.03
C ASN C 292 11.85 6.07 16.37
N ILE C 293 10.93 6.68 17.11
CA ILE C 293 10.63 6.23 18.45
C ILE C 293 9.57 5.13 18.43
N HIS C 294 8.39 5.45 17.90
CA HIS C 294 7.29 4.50 17.91
C HIS C 294 6.30 4.88 16.84
N PRO C 295 5.74 3.91 16.10
CA PRO C 295 4.85 4.26 14.99
C PRO C 295 3.60 5.01 15.39
N LEU C 296 3.06 4.77 16.57
CA LEU C 296 1.79 5.35 16.98
C LEU C 296 2.02 6.57 17.86
N THR C 297 1.54 7.72 17.41
CA THR C 297 1.70 8.96 18.15
C THR C 297 0.39 9.72 18.16
N ILE C 298 0.25 10.62 19.14
CA ILE C 298 -0.94 11.44 19.29
C ILE C 298 -0.51 12.89 19.38
N GLY C 299 -1.19 13.76 18.65
CA GLY C 299 -0.84 15.16 18.55
C GLY C 299 -0.24 15.49 17.20
N GLU C 300 0.63 16.50 17.20
CA GLU C 300 1.39 16.88 16.03
C GLU C 300 2.87 16.62 16.30
N CYS C 301 3.50 15.83 15.45
CA CYS C 301 4.89 15.44 15.65
C CYS C 301 5.47 14.99 14.32
N PRO C 302 6.80 14.90 14.22
CA PRO C 302 7.42 14.55 12.94
C PRO C 302 7.04 13.14 12.50
N LYS C 303 7.45 12.80 11.30
CA LYS C 303 7.10 11.52 10.71
C LYS C 303 8.00 10.42 11.25
N TYR C 304 7.58 9.18 11.04
CA TYR C 304 8.25 8.01 11.59
C TYR C 304 8.94 7.25 10.46
N VAL C 305 10.24 7.01 10.61
CA VAL C 305 11.01 6.23 9.65
C VAL C 305 11.80 5.17 10.41
N LYS C 306 11.90 3.99 9.84
CA LYS C 306 12.52 2.86 10.52
C LYS C 306 14.01 2.77 10.21
N SER C 307 14.73 3.85 10.43
CA SER C 307 16.16 3.90 10.13
C SER C 307 16.94 4.18 11.41
N GLU C 308 18.25 4.38 11.25
CA GLU C 308 19.12 4.66 12.37
C GLU C 308 20.04 5.85 12.17
N LYS C 309 20.11 6.43 10.97
CA LYS C 309 21.01 7.53 10.71
C LYS C 309 20.57 8.23 9.43
N LEU C 310 20.39 9.55 9.49
CA LEU C 310 20.02 10.35 8.34
C LEU C 310 20.82 11.65 8.43
N VAL C 311 22.01 11.66 7.83
CA VAL C 311 22.91 12.80 7.89
C VAL C 311 23.01 13.40 6.50
N LEU C 312 22.76 14.70 6.40
CA LEU C 312 22.82 15.42 5.14
C LEU C 312 24.04 16.34 5.15
N ALA C 313 24.85 16.26 4.11
CA ALA C 313 26.06 17.06 4.00
C ALA C 313 25.74 18.38 3.31
N THR C 314 26.31 19.46 3.83
CA THR C 314 26.11 20.79 3.27
C THR C 314 27.41 21.56 3.25
N GLY C 315 28.49 20.90 2.82
CA GLY C 315 29.78 21.57 2.78
C GLY C 315 30.76 20.78 1.95
N LEU C 316 31.97 21.32 1.87
CA LEU C 316 33.03 20.68 1.11
C LEU C 316 33.48 19.40 1.79
N ARG C 317 34.14 18.54 1.02
CA ARG C 317 34.75 17.33 1.56
C ARG C 317 36.03 17.73 2.29
N ASN C 318 36.07 17.49 3.60
CA ASN C 318 37.18 17.96 4.41
C ASN C 318 38.43 17.14 4.14
N VAL C 319 39.53 17.84 3.85
CA VAL C 319 40.82 17.21 3.59
C VAL C 319 41.92 18.25 3.75
N PRO C 320 42.97 17.98 4.53
CA PRO C 320 44.06 18.92 4.73
C PRO C 320 45.16 18.78 3.67
N GLY C 333 47.80 25.89 -3.49
CA GLY C 333 46.92 25.45 -4.57
C GLY C 333 45.85 24.48 -4.11
N PHE C 334 44.85 24.27 -4.96
CA PHE C 334 43.74 23.39 -4.60
C PHE C 334 44.05 21.92 -4.84
N ILE C 335 45.16 21.61 -5.49
CA ILE C 335 45.49 20.20 -5.73
C ILE C 335 46.08 19.55 -4.48
N GLU C 336 46.81 20.32 -3.66
CA GLU C 336 47.41 19.75 -2.46
C GLU C 336 46.37 19.48 -1.38
N GLY C 337 45.30 20.26 -1.34
CA GLY C 337 44.28 20.10 -0.33
C GLY C 337 43.63 21.44 -0.03
N GLY C 338 42.91 21.47 1.09
CA GLY C 338 42.22 22.67 1.49
C GLY C 338 43.13 23.67 2.18
N TRP C 339 42.56 24.85 2.43
CA TRP C 339 43.27 25.93 3.11
C TRP C 339 42.66 26.14 4.48
N GLN C 340 43.48 26.00 5.52
CA GLN C 340 42.99 26.21 6.88
C GLN C 340 42.75 27.68 7.15
N GLY C 341 43.47 28.57 6.48
CA GLY C 341 43.33 29.99 6.69
C GLY C 341 42.17 30.65 5.98
N MET C 342 41.39 29.89 5.21
CA MET C 342 40.25 30.43 4.50
C MET C 342 39.02 30.36 5.40
N VAL C 343 38.57 31.52 5.88
CA VAL C 343 37.42 31.61 6.76
C VAL C 343 36.37 32.57 6.22
N ASP C 344 36.52 33.01 4.97
CA ASP C 344 35.60 34.01 4.40
C ASP C 344 34.48 33.35 3.62
N GLY C 345 34.82 32.55 2.60
CA GLY C 345 33.84 31.92 1.75
C GLY C 345 34.14 30.44 1.60
N TRP C 346 33.91 29.94 0.39
CA TRP C 346 34.07 28.52 0.08
C TRP C 346 35.05 28.24 -1.05
N TYR C 347 35.50 29.26 -1.77
CA TYR C 347 36.41 29.07 -2.90
C TYR C 347 37.51 30.11 -2.82
N GLY C 348 38.71 29.67 -2.48
CA GLY C 348 39.80 30.60 -2.25
C GLY C 348 40.26 31.30 -3.51
N TYR C 349 40.78 32.51 -3.32
CA TYR C 349 41.28 33.33 -4.41
C TYR C 349 42.61 33.98 -3.99
N HIS C 350 43.52 33.15 -3.47
CA HIS C 350 44.77 33.62 -2.88
C HIS C 350 45.46 34.64 -3.76
N HIS C 351 45.72 35.81 -3.20
CA HIS C 351 46.38 36.92 -3.89
C HIS C 351 47.74 37.17 -3.25
N SER C 352 48.76 37.33 -4.08
CA SER C 352 50.11 37.56 -3.57
C SER C 352 50.87 38.41 -4.58
N ASN C 353 50.91 39.72 -4.33
CA ASN C 353 51.63 40.65 -5.19
C ASN C 353 53.05 40.85 -4.68
N ASP C 354 53.80 41.71 -5.37
CA ASP C 354 55.17 41.99 -4.94
C ASP C 354 55.18 42.73 -3.61
N GLN C 355 54.26 43.68 -3.41
CA GLN C 355 54.22 44.46 -2.19
C GLN C 355 53.63 43.68 -1.02
N GLY C 356 52.89 42.61 -1.28
CA GLY C 356 52.32 41.83 -0.19
C GLY C 356 51.44 40.73 -0.74
N SER C 357 50.89 39.94 0.18
CA SER C 357 50.02 38.83 -0.14
C SER C 357 48.60 39.15 0.30
N GLY C 358 47.72 38.16 0.12
CA GLY C 358 46.33 38.32 0.52
C GLY C 358 45.62 36.99 0.52
N TYR C 359 44.51 36.96 1.23
CA TYR C 359 43.69 35.75 1.36
C TYR C 359 42.25 36.03 0.98
N ALA C 360 42.05 36.86 -0.03
CA ALA C 360 40.70 37.15 -0.49
C ALA C 360 40.05 35.91 -1.08
N ALA C 361 38.75 35.79 -0.91
CA ALA C 361 37.98 34.68 -1.43
C ALA C 361 36.98 35.16 -2.46
N ASP C 362 36.46 34.22 -3.24
CA ASP C 362 35.47 34.54 -4.25
C ASP C 362 34.11 34.73 -3.58
N LYS C 363 33.53 35.90 -3.76
CA LYS C 363 32.22 36.22 -3.20
C LYS C 363 31.09 35.96 -4.18
N GLU C 364 31.39 35.42 -5.37
CA GLU C 364 30.35 35.14 -6.35
C GLU C 364 29.81 33.72 -6.19
N SER C 365 30.67 32.72 -6.36
CA SER C 365 30.20 31.33 -6.31
C SER C 365 29.66 30.98 -4.93
N THR C 366 30.09 31.70 -3.90
CA THR C 366 29.62 31.42 -2.56
C THR C 366 28.11 31.61 -2.45
N GLN C 367 27.58 32.70 -3.02
CA GLN C 367 26.16 32.97 -2.86
C GLN C 367 25.30 31.96 -3.61
N LYS C 368 25.70 31.59 -4.84
CA LYS C 368 24.92 30.58 -5.54
C LYS C 368 25.01 29.23 -4.85
N ALA C 369 26.20 28.88 -4.33
CA ALA C 369 26.30 27.64 -3.57
C ALA C 369 25.38 27.65 -2.36
N ILE C 370 25.35 28.77 -1.63
CA ILE C 370 24.53 28.86 -0.43
C ILE C 370 23.05 28.75 -0.77
N ASP C 371 22.61 29.46 -1.81
CA ASP C 371 21.19 29.43 -2.14
C ASP C 371 20.79 28.09 -2.73
N GLY C 372 21.66 27.44 -3.50
CA GLY C 372 21.37 26.10 -3.96
C GLY C 372 21.25 25.12 -2.82
N ILE C 373 22.14 25.24 -1.82
CA ILE C 373 22.07 24.36 -0.65
C ILE C 373 20.76 24.57 0.09
N THR C 374 20.37 25.84 0.28
CA THR C 374 19.11 26.13 0.95
C THR C 374 17.93 25.56 0.16
N ASN C 375 17.96 25.74 -1.16
CA ASN C 375 16.85 25.27 -2.00
C ASN C 375 16.72 23.76 -1.92
N LYS C 376 17.85 23.04 -2.00
CA LYS C 376 17.78 21.59 -1.96
C LYS C 376 17.36 21.09 -0.59
N VAL C 377 17.81 21.75 0.48
CA VAL C 377 17.39 21.36 1.82
C VAL C 377 15.89 21.52 1.96
N ASN C 378 15.36 22.67 1.52
CA ASN C 378 13.92 22.91 1.62
C ASN C 378 13.16 21.89 0.78
N SER C 379 13.65 21.59 -0.43
CA SER C 379 12.95 20.64 -1.28
C SER C 379 12.90 19.27 -0.65
N VAL C 380 14.02 18.81 -0.05
CA VAL C 380 14.03 17.47 0.51
C VAL C 380 13.15 17.40 1.75
N ILE C 381 13.15 18.45 2.58
CA ILE C 381 12.29 18.35 3.77
C ILE C 381 10.84 18.54 3.38
N GLU C 382 10.55 19.14 2.23
CA GLU C 382 9.18 19.41 1.84
C GLU C 382 8.55 18.27 1.06
N LYS C 383 9.35 17.49 0.33
CA LYS C 383 8.78 16.48 -0.55
C LYS C 383 8.01 15.41 0.22
N MET C 384 8.44 15.11 1.44
CA MET C 384 7.87 14.00 2.20
C MET C 384 6.76 14.44 3.15
N ASN C 385 6.31 15.69 3.06
CA ASN C 385 5.28 16.18 3.95
C ASN C 385 3.94 15.48 3.78
N THR C 386 3.76 14.74 2.68
CA THR C 386 2.51 14.03 2.41
C THR C 386 2.61 12.55 2.77
N GLN C 387 3.33 12.23 3.83
CA GLN C 387 3.61 10.85 4.20
C GLN C 387 2.34 10.18 4.73
N PHE C 388 2.49 8.96 5.21
CA PHE C 388 1.38 8.13 5.66
C PHE C 388 1.34 8.08 7.18
N GLU C 389 0.15 8.23 7.74
CA GLU C 389 -0.05 8.21 9.18
C GLU C 389 -0.72 6.91 9.61
N ALA C 390 -0.37 6.45 10.81
CA ALA C 390 -0.90 5.21 11.35
C ALA C 390 -1.91 5.51 12.47
N VAL C 391 -3.02 4.78 12.48
CA VAL C 391 -4.07 4.97 13.46
C VAL C 391 -4.35 3.63 14.12
N GLY C 392 -4.40 3.62 15.45
CA GLY C 392 -4.64 2.38 16.17
C GLY C 392 -6.05 1.85 15.94
N LYS C 393 -6.16 0.52 15.94
CA LYS C 393 -7.45 -0.14 15.80
C LYS C 393 -7.42 -1.42 16.61
N GLU C 394 -8.61 -1.95 16.89
CA GLU C 394 -8.71 -3.17 17.66
C GLU C 394 -9.66 -4.14 16.97
N PHE C 395 -9.35 -5.43 17.07
CA PHE C 395 -10.12 -6.47 16.40
C PHE C 395 -10.43 -7.59 17.38
N SER C 396 -11.53 -8.28 17.11
CA SER C 396 -12.03 -9.31 18.02
C SER C 396 -11.20 -10.58 17.88
N ASN C 397 -11.66 -11.66 18.50
CA ASN C 397 -10.98 -12.94 18.45
C ASN C 397 -11.37 -13.79 17.25
N LEU C 398 -12.39 -13.39 16.50
CA LEU C 398 -12.84 -14.12 15.32
C LEU C 398 -12.57 -13.35 14.03
N GLU C 399 -11.68 -12.37 14.07
CA GLU C 399 -11.36 -11.55 12.91
C GLU C 399 -9.85 -11.51 12.70
N LYS C 400 -9.22 -12.68 12.77
CA LYS C 400 -7.77 -12.74 12.63
C LYS C 400 -7.33 -12.26 11.25
N ARG C 401 -8.11 -12.57 10.21
CA ARG C 401 -7.75 -12.13 8.87
C ARG C 401 -7.69 -10.61 8.77
N LEU C 402 -8.66 -9.92 9.37
CA LEU C 402 -8.64 -8.47 9.36
C LEU C 402 -7.39 -7.93 10.05
N GLU C 403 -7.05 -8.49 11.21
CA GLU C 403 -5.88 -8.00 11.93
C GLU C 403 -4.61 -8.22 11.12
N ASN C 404 -4.48 -9.39 10.49
CA ASN C 404 -3.31 -9.64 9.66
C ASN C 404 -3.23 -8.65 8.52
N LEU C 405 -4.36 -8.37 7.88
CA LEU C 405 -4.34 -7.45 6.74
C LEU C 405 -3.94 -6.04 7.19
N ASN C 406 -4.43 -5.62 8.36
CA ASN C 406 -4.05 -4.31 8.89
C ASN C 406 -2.55 -4.24 9.18
N LYS C 407 -2.00 -5.31 9.77
CA LYS C 407 -0.57 -5.31 10.04
C LYS C 407 0.23 -5.21 8.77
N LYS C 408 -0.17 -5.95 7.72
CA LYS C 408 0.54 -5.89 6.46
C LYS C 408 0.49 -4.49 5.86
N MET C 409 -0.70 -3.87 5.89
CA MET C 409 -0.82 -2.45 5.59
C MET C 409 0.29 -1.62 6.21
N GLU C 410 0.34 -1.61 7.53
CA GLU C 410 1.22 -0.68 8.22
C GLU C 410 2.67 -0.97 7.89
N ASP C 411 3.06 -2.24 7.93
CA ASP C 411 4.46 -2.58 7.69
C ASP C 411 4.88 -2.21 6.27
N GLY C 412 4.04 -2.52 5.28
CA GLY C 412 4.41 -2.20 3.92
C GLY C 412 4.58 -0.72 3.69
N PHE C 413 3.65 0.08 4.19
CA PHE C 413 3.76 1.52 3.93
C PHE C 413 4.97 2.11 4.65
N LEU C 414 5.24 1.68 5.87
CA LEU C 414 6.41 2.19 6.58
C LEU C 414 7.69 1.83 5.84
N ASP C 415 7.79 0.60 5.35
CA ASP C 415 8.99 0.21 4.62
C ASP C 415 9.18 1.05 3.36
N VAL C 416 8.09 1.27 2.62
CA VAL C 416 8.20 2.05 1.39
C VAL C 416 8.73 3.43 1.70
N TRP C 417 8.17 4.08 2.72
CA TRP C 417 8.55 5.47 2.96
C TRP C 417 9.98 5.58 3.48
N THR C 418 10.40 4.66 4.35
CA THR C 418 11.77 4.75 4.83
C THR C 418 12.77 4.50 3.70
N TYR C 419 12.45 3.56 2.81
CA TYR C 419 13.33 3.33 1.66
C TYR C 419 13.45 4.58 0.81
N ASN C 420 12.31 5.24 0.55
CA ASN C 420 12.36 6.45 -0.26
C ASN C 420 13.22 7.52 0.38
N ALA C 421 13.08 7.70 1.70
CA ALA C 421 13.87 8.73 2.37
C ALA C 421 15.37 8.44 2.25
N GLU C 422 15.77 7.20 2.52
CA GLU C 422 17.19 6.88 2.46
C GLU C 422 17.75 7.08 1.06
N LEU C 423 17.00 6.64 0.04
CA LEU C 423 17.46 6.80 -1.33
C LEU C 423 17.64 8.27 -1.66
N LEU C 424 16.68 9.10 -1.27
CA LEU C 424 16.75 10.53 -1.55
C LEU C 424 17.99 11.15 -0.92
N VAL C 425 18.25 10.82 0.34
CA VAL C 425 19.38 11.48 1.01
C VAL C 425 20.70 11.04 0.40
N LEU C 426 20.82 9.76 0.02
CA LEU C 426 22.06 9.30 -0.59
C LEU C 426 22.31 10.01 -1.91
N MET C 427 21.29 10.09 -2.76
CA MET C 427 21.45 10.78 -4.03
C MET C 427 21.81 12.24 -3.81
N GLU C 428 21.20 12.87 -2.81
CA GLU C 428 21.47 14.27 -2.54
C GLU C 428 22.94 14.46 -2.17
N ASN C 429 23.47 13.59 -1.31
CA ASN C 429 24.87 13.70 -0.91
C ASN C 429 25.79 13.58 -2.13
N GLU C 430 25.53 12.59 -2.99
CA GLU C 430 26.37 12.43 -4.18
C GLU C 430 26.35 13.69 -5.03
N ARG C 431 25.14 14.20 -5.30
CA ARG C 431 25.03 15.36 -6.17
C ARG C 431 25.75 16.56 -5.58
N THR C 432 25.65 16.74 -4.26
CA THR C 432 26.29 17.90 -3.63
C THR C 432 27.81 17.82 -3.75
N LEU C 433 28.39 16.66 -3.46
CA LEU C 433 29.84 16.56 -3.57
C LEU C 433 30.31 16.79 -5.01
N ASP C 434 29.61 16.18 -5.97
CA ASP C 434 29.99 16.36 -7.36
C ASP C 434 29.84 17.82 -7.79
N PHE C 435 28.79 18.49 -7.32
CA PHE C 435 28.57 19.88 -7.67
C PHE C 435 29.69 20.77 -7.15
N HIS C 436 30.13 20.54 -5.92
CA HIS C 436 31.22 21.35 -5.38
C HIS C 436 32.51 21.13 -6.17
N ASP C 437 32.81 19.88 -6.50
CA ASP C 437 34.00 19.61 -7.30
C ASP C 437 33.91 20.30 -8.66
N SER C 438 32.74 20.24 -9.29
CA SER C 438 32.56 20.91 -10.57
C SER C 438 32.76 22.40 -10.44
N ASN C 439 32.26 23.00 -9.36
CA ASN C 439 32.40 24.44 -9.17
C ASN C 439 33.87 24.83 -9.09
N VAL C 440 34.65 24.12 -8.26
CA VAL C 440 36.05 24.53 -8.10
C VAL C 440 36.82 24.33 -9.41
N LYS C 441 36.60 23.20 -10.09
CA LYS C 441 37.30 22.97 -11.35
C LYS C 441 36.91 24.03 -12.38
N ASN C 442 35.63 24.38 -12.45
CA ASN C 442 35.17 25.38 -13.39
C ASN C 442 35.82 26.73 -13.10
N LEU C 443 35.91 27.10 -11.83
CA LEU C 443 36.55 28.35 -11.48
C LEU C 443 38.01 28.36 -11.95
N TYR C 444 38.72 27.26 -11.71
CA TYR C 444 40.13 27.22 -12.11
C TYR C 444 40.28 27.35 -13.63
N ASP C 445 39.49 26.59 -14.38
CA ASP C 445 39.67 26.60 -15.83
C ASP C 445 39.20 27.93 -16.43
N LYS C 446 38.19 28.55 -15.84
CA LYS C 446 37.75 29.87 -16.29
C LYS C 446 38.84 30.90 -16.05
N VAL C 447 39.50 30.84 -14.90
CA VAL C 447 40.61 31.76 -14.63
C VAL C 447 41.73 31.54 -15.64
N ARG C 448 42.07 30.28 -15.90
CA ARG C 448 43.11 30.00 -16.89
C ARG C 448 42.72 30.51 -18.27
N MET C 449 41.45 30.33 -18.64
CA MET C 449 40.97 30.79 -19.93
C MET C 449 41.16 32.30 -20.07
N GLN C 450 40.73 33.07 -19.07
CA GLN C 450 40.91 34.51 -19.15
C GLN C 450 42.39 34.90 -19.12
N LEU C 451 43.22 34.11 -18.42
CA LEU C 451 44.63 34.45 -18.29
C LEU C 451 45.34 34.47 -19.64
N ARG C 452 44.82 33.76 -20.64
CA ARG C 452 45.44 33.64 -21.96
C ARG C 452 46.76 32.89 -21.74
N ASP C 453 47.91 33.39 -22.21
CA ASP C 453 49.15 32.65 -22.15
C ASP C 453 50.25 33.41 -21.41
N ASN C 454 49.89 34.44 -20.64
CA ASN C 454 50.89 35.26 -19.97
C ASN C 454 51.18 34.76 -18.56
N ALA C 455 51.47 33.47 -18.44
CA ALA C 455 51.85 32.81 -17.19
C ALA C 455 52.22 31.37 -17.51
N LYS C 456 52.89 30.73 -16.57
CA LYS C 456 53.29 29.34 -16.69
C LYS C 456 52.78 28.55 -15.49
N GLU C 457 52.04 27.49 -15.75
CA GLU C 457 51.48 26.66 -14.69
C GLU C 457 52.61 25.96 -13.95
N LEU C 458 52.81 26.37 -12.69
CA LEU C 458 53.90 25.79 -11.90
C LEU C 458 53.70 24.31 -11.66
N GLY C 459 52.48 23.91 -11.33
CA GLY C 459 52.20 22.51 -11.02
C GLY C 459 51.44 22.35 -9.72
N ASN C 460 51.31 23.44 -8.97
CA ASN C 460 50.53 23.47 -7.75
C ASN C 460 49.06 23.81 -8.00
N GLY C 461 48.60 23.69 -9.24
CA GLY C 461 47.26 24.10 -9.58
C GLY C 461 47.13 25.58 -9.89
N CYS C 462 48.24 26.31 -9.95
CA CYS C 462 48.21 27.73 -10.26
C CYS C 462 49.46 28.12 -11.02
N PHE C 463 49.36 29.20 -11.77
CA PHE C 463 50.40 29.59 -12.72
C PHE C 463 51.13 30.84 -12.25
N GLU C 464 52.46 30.79 -12.28
CA GLU C 464 53.28 31.95 -11.99
C GLU C 464 53.18 32.95 -13.14
N PHE C 465 52.97 34.22 -12.80
CA PHE C 465 52.69 35.23 -13.81
C PHE C 465 53.92 35.53 -14.64
N TYR C 466 53.70 35.96 -15.88
CA TYR C 466 54.80 36.18 -16.82
C TYR C 466 55.28 37.64 -16.80
N HIS C 467 54.39 38.57 -17.09
CA HIS C 467 54.74 39.99 -17.09
C HIS C 467 54.30 40.63 -15.78
N LYS C 468 55.15 41.49 -15.24
CA LYS C 468 54.97 42.00 -13.88
C LYS C 468 53.72 42.86 -13.83
N CYS C 469 52.66 42.32 -13.24
CA CYS C 469 51.43 43.06 -13.03
C CYS C 469 51.49 43.73 -11.66
N ASP C 470 50.36 44.26 -11.20
CA ASP C 470 50.30 44.92 -9.89
C ASP C 470 48.94 44.61 -9.26
N ASP C 471 48.62 45.34 -8.19
CA ASP C 471 47.35 45.15 -7.52
C ASP C 471 46.17 45.49 -8.43
N GLU C 472 46.33 46.49 -9.30
CA GLU C 472 45.27 46.79 -10.26
C GLU C 472 45.04 45.63 -11.21
N CYS C 473 46.14 45.07 -11.76
CA CYS C 473 46.03 43.85 -12.55
C CYS C 473 45.35 42.75 -11.75
N MET C 474 45.68 42.64 -10.47
CA MET C 474 45.20 41.55 -9.65
C MET C 474 43.69 41.64 -9.45
N ASN C 475 43.21 42.81 -9.06
CA ASN C 475 41.78 42.98 -8.85
C ASN C 475 41.01 42.94 -10.17
N SER C 476 41.62 43.41 -11.26
CA SER C 476 40.94 43.34 -12.54
C SER C 476 40.75 41.90 -13.00
N VAL C 477 41.78 41.07 -12.87
CA VAL C 477 41.61 39.67 -13.25
C VAL C 477 40.69 38.96 -12.26
N LYS C 478 40.66 39.41 -11.00
CA LYS C 478 39.69 38.85 -10.07
C LYS C 478 38.26 39.19 -10.50
N ASN C 479 38.04 40.41 -11.00
CA ASN C 479 36.73 40.84 -11.44
C ASN C 479 36.35 40.33 -12.81
N GLY C 480 37.22 39.53 -13.45
CA GLY C 480 36.95 39.07 -14.80
C GLY C 480 36.96 40.17 -15.82
N THR C 481 37.85 41.15 -15.66
CA THR C 481 37.95 42.28 -16.58
C THR C 481 39.34 42.37 -17.20
N TYR C 482 40.07 41.26 -17.25
CA TYR C 482 41.42 41.28 -17.80
C TYR C 482 41.38 41.59 -19.30
N ASP C 483 42.35 42.38 -19.75
CA ASP C 483 42.47 42.76 -21.15
C ASP C 483 43.85 42.33 -21.64
N TYR C 484 43.89 41.20 -22.35
CA TYR C 484 45.16 40.68 -22.85
C TYR C 484 45.85 41.64 -23.83
N PRO C 485 45.19 42.19 -24.85
CA PRO C 485 45.89 43.12 -25.74
C PRO C 485 46.33 44.40 -25.05
N LYS C 486 45.78 44.73 -23.88
CA LYS C 486 46.13 45.97 -23.22
C LYS C 486 47.59 45.98 -22.79
N TYR C 487 48.04 44.94 -22.10
CA TYR C 487 49.40 44.89 -21.55
C TYR C 487 49.92 43.48 -21.77
N GLU C 488 50.56 43.26 -22.91
CA GLU C 488 51.22 42.00 -23.22
C GLU C 488 52.58 42.19 -23.89
N GLU C 489 52.93 43.40 -24.31
CA GLU C 489 54.21 43.62 -24.99
C GLU C 489 55.37 43.32 -24.06
N GLU C 490 55.24 43.65 -22.77
CA GLU C 490 56.28 43.29 -21.81
C GLU C 490 56.42 41.78 -21.72
N SER C 491 55.30 41.05 -21.74
CA SER C 491 55.36 39.59 -21.72
C SER C 491 56.09 39.07 -22.95
N LYS C 492 55.78 39.61 -24.13
CA LYS C 492 56.46 39.18 -25.34
C LYS C 492 57.96 39.48 -25.26
N LEU C 493 58.31 40.65 -24.73
CA LEU C 493 59.72 41.03 -24.62
C LEU C 493 60.47 40.11 -23.68
N ASN C 494 59.88 39.78 -22.53
CA ASN C 494 60.55 38.91 -21.58
C ASN C 494 60.43 37.43 -21.94
N ARG C 495 59.62 37.08 -22.94
CA ARG C 495 59.53 35.69 -23.36
C ARG C 495 60.87 35.17 -23.90
N ASN C 496 61.75 36.05 -24.35
CA ASN C 496 63.05 35.64 -24.87
C ASN C 496 64.03 35.36 -23.73
#